data_1WJE
# 
_entry.id   1WJE 
# 
_audit_conform.dict_name       mmcif_pdbx.dic 
_audit_conform.dict_version    5.391 
_audit_conform.dict_location   http://mmcif.pdb.org/dictionaries/ascii/mmcif_pdbx.dic 
# 
loop_
_database_2.database_id 
_database_2.database_code 
_database_2.pdbx_database_accession 
_database_2.pdbx_DOI 
PDB   1WJE         pdb_00001wje 10.2210/pdb1wje/pdb 
WWPDB D_1000177210 ?            ?                   
# 
loop_
_pdbx_audit_revision_history.ordinal 
_pdbx_audit_revision_history.data_content_type 
_pdbx_audit_revision_history.major_revision 
_pdbx_audit_revision_history.minor_revision 
_pdbx_audit_revision_history.revision_date 
1 'Structure model' 1 0 1998-12-16 
2 'Structure model' 1 1 2008-03-24 
3 'Structure model' 1 2 2011-07-13 
4 'Structure model' 1 3 2018-03-14 
5 'Structure model' 1 4 2024-05-01 
# 
_pdbx_audit_revision_details.ordinal             1 
_pdbx_audit_revision_details.revision_ordinal    1 
_pdbx_audit_revision_details.data_content_type   'Structure model' 
_pdbx_audit_revision_details.provider            repository 
_pdbx_audit_revision_details.type                'Initial release' 
_pdbx_audit_revision_details.description         ? 
_pdbx_audit_revision_details.details             ? 
# 
loop_
_pdbx_audit_revision_group.ordinal 
_pdbx_audit_revision_group.revision_ordinal 
_pdbx_audit_revision_group.data_content_type 
_pdbx_audit_revision_group.group 
1 2 'Structure model' 'Version format compliance' 
2 3 'Structure model' 'Version format compliance' 
3 4 'Structure model' 'Database references'       
4 4 'Structure model' 'Derived calculations'      
5 5 'Structure model' 'Data collection'           
6 5 'Structure model' 'Database references'       
7 5 'Structure model' 'Derived calculations'      
# 
loop_
_pdbx_audit_revision_category.ordinal 
_pdbx_audit_revision_category.revision_ordinal 
_pdbx_audit_revision_category.data_content_type 
_pdbx_audit_revision_category.category 
1 4 'Structure model' pdbx_struct_assembly  
2 4 'Structure model' pdbx_struct_oper_list 
3 4 'Structure model' struct_ref_seq_dif    
4 5 'Structure model' chem_comp_atom        
5 5 'Structure model' chem_comp_bond        
6 5 'Structure model' database_2            
7 5 'Structure model' struct_conn           
8 5 'Structure model' struct_ref_seq_dif    
9 5 'Structure model' struct_site           
# 
loop_
_pdbx_audit_revision_item.ordinal 
_pdbx_audit_revision_item.revision_ordinal 
_pdbx_audit_revision_item.data_content_type 
_pdbx_audit_revision_item.item 
1  4 'Structure model' '_struct_ref_seq_dif.details'         
2  5 'Structure model' '_database_2.pdbx_DOI'                
3  5 'Structure model' '_database_2.pdbx_database_accession' 
4  5 'Structure model' '_struct_conn.ptnr1_auth_comp_id'     
5  5 'Structure model' '_struct_conn.ptnr1_auth_seq_id'      
6  5 'Structure model' '_struct_conn.ptnr1_label_asym_id'    
7  5 'Structure model' '_struct_conn.ptnr1_label_atom_id'    
8  5 'Structure model' '_struct_conn.ptnr1_label_comp_id'    
9  5 'Structure model' '_struct_conn.ptnr1_label_seq_id'     
10 5 'Structure model' '_struct_conn.ptnr2_auth_comp_id'     
11 5 'Structure model' '_struct_conn.ptnr2_auth_seq_id'      
12 5 'Structure model' '_struct_conn.ptnr2_label_asym_id'    
13 5 'Structure model' '_struct_conn.ptnr2_label_atom_id'    
14 5 'Structure model' '_struct_conn.ptnr2_label_comp_id'    
15 5 'Structure model' '_struct_conn.ptnr2_label_seq_id'     
16 5 'Structure model' '_struct_ref_seq_dif.details'         
17 5 'Structure model' '_struct_site.pdbx_auth_asym_id'      
18 5 'Structure model' '_struct_site.pdbx_auth_comp_id'      
19 5 'Structure model' '_struct_site.pdbx_auth_seq_id'       
# 
_pdbx_database_status.status_code                     REL 
_pdbx_database_status.entry_id                        1WJE 
_pdbx_database_status.recvd_initial_deposition_date   1998-06-11 
_pdbx_database_status.deposit_site                    ? 
_pdbx_database_status.process_site                    BNL 
_pdbx_database_status.status_code_sf                  ? 
_pdbx_database_status.status_code_mr                  REL 
_pdbx_database_status.SG_entry                        ? 
_pdbx_database_status.pdb_format_compatible           Y 
_pdbx_database_status.status_code_cs                  ? 
_pdbx_database_status.methods_development_category    ? 
_pdbx_database_status.status_code_nmr_data            ? 
# 
_pdbx_database_related.db_name        PDB 
_pdbx_database_related.db_id          1WJF 
_pdbx_database_related.details        'ENSEMBLE OF 40 SIMULATED ANNEALING STRUCTURES' 
_pdbx_database_related.content_type   ensemble 
# 
loop_
_audit_author.name 
_audit_author.pdbx_ordinal 
'Cai, M.'          1 
'Gronenborn, A.M.' 2 
'Clore, G.M.'      3 
# 
_citation.id                        primary 
_citation.title                     
'Solution structure of the His12 --> Cys mutant of the N-terminal zinc binding domain of HIV-1 integrase complexed to cadmium.' 
_citation.journal_abbrev            'Protein Sci.' 
_citation.journal_volume            7 
_citation.page_first                2669 
_citation.page_last                 2674 
_citation.year                      1998 
_citation.journal_id_ASTM           PRCIEI 
_citation.country                   US 
_citation.journal_id_ISSN           0961-8368 
_citation.journal_id_CSD            0795 
_citation.book_publisher            ? 
_citation.pdbx_database_id_PubMed   9865962 
_citation.pdbx_database_id_DOI      ? 
# 
loop_
_citation_author.citation_id 
_citation_author.name 
_citation_author.ordinal 
_citation_author.identifier_ORCID 
primary 'Cai, M.'          1 ? 
primary 'Huang, Y.'        2 ? 
primary 'Caffrey, M.'      3 ? 
primary 'Zheng, R.'        4 ? 
primary 'Craigie, R.'      5 ? 
primary 'Clore, G.M.'      6 ? 
primary 'Gronenborn, A.M.' 7 ? 
# 
loop_
_entity.id 
_entity.type 
_entity.src_method 
_entity.pdbx_description 
_entity.formula_weight 
_entity.pdbx_number_of_molecules 
_entity.pdbx_ec 
_entity.pdbx_mutation 
_entity.pdbx_fragment 
_entity.details 
1 polymer     man 'HIV-1 INTEGRASE' 5235.964 2 ? H12C ? ? 
2 non-polymer syn 'CADMIUM ION'     112.411  2 ? ?    ? ? 
# 
_entity_poly.entity_id                      1 
_entity_poly.type                           'polypeptide(L)' 
_entity_poly.nstd_linkage                   no 
_entity_poly.nstd_monomer                   no 
_entity_poly.pdbx_seq_one_letter_code       FLDGIDKAQEECEKYHSNWRAMASDFNLPPVVAKEIVASCDKCQLK 
_entity_poly.pdbx_seq_one_letter_code_can   FLDGIDKAQEECEKYHSNWRAMASDFNLPPVVAKEIVASCDKCQLK 
_entity_poly.pdbx_strand_id                 A,B 
_entity_poly.pdbx_target_identifier         ? 
# 
_pdbx_entity_nonpoly.entity_id   2 
_pdbx_entity_nonpoly.name        'CADMIUM ION' 
_pdbx_entity_nonpoly.comp_id     CD 
# 
loop_
_entity_poly_seq.entity_id 
_entity_poly_seq.num 
_entity_poly_seq.mon_id 
_entity_poly_seq.hetero 
1 1  PHE n 
1 2  LEU n 
1 3  ASP n 
1 4  GLY n 
1 5  ILE n 
1 6  ASP n 
1 7  LYS n 
1 8  ALA n 
1 9  GLN n 
1 10 GLU n 
1 11 GLU n 
1 12 CYS n 
1 13 GLU n 
1 14 LYS n 
1 15 TYR n 
1 16 HIS n 
1 17 SER n 
1 18 ASN n 
1 19 TRP n 
1 20 ARG n 
1 21 ALA n 
1 22 MET n 
1 23 ALA n 
1 24 SER n 
1 25 ASP n 
1 26 PHE n 
1 27 ASN n 
1 28 LEU n 
1 29 PRO n 
1 30 PRO n 
1 31 VAL n 
1 32 VAL n 
1 33 ALA n 
1 34 LYS n 
1 35 GLU n 
1 36 ILE n 
1 37 VAL n 
1 38 ALA n 
1 39 SER n 
1 40 CYS n 
1 41 ASP n 
1 42 LYS n 
1 43 CYS n 
1 44 GLN n 
1 45 LEU n 
1 46 LYS n 
# 
_entity_src_gen.entity_id                          1 
_entity_src_gen.pdbx_src_id                        1 
_entity_src_gen.pdbx_alt_source_flag               sample 
_entity_src_gen.pdbx_seq_type                      ? 
_entity_src_gen.pdbx_beg_seq_num                   ? 
_entity_src_gen.pdbx_end_seq_num                   ? 
_entity_src_gen.gene_src_common_name               ? 
_entity_src_gen.gene_src_genus                     Lentivirus 
_entity_src_gen.pdbx_gene_src_gene                 POTENTIAL 
_entity_src_gen.gene_src_species                   ? 
_entity_src_gen.gene_src_strain                    ? 
_entity_src_gen.gene_src_tissue                    ? 
_entity_src_gen.gene_src_tissue_fraction           ? 
_entity_src_gen.gene_src_details                   ? 
_entity_src_gen.pdbx_gene_src_fragment             ? 
_entity_src_gen.pdbx_gene_src_scientific_name      'Human immunodeficiency virus 1' 
_entity_src_gen.pdbx_gene_src_ncbi_taxonomy_id     11676 
_entity_src_gen.pdbx_gene_src_variant              ? 
_entity_src_gen.pdbx_gene_src_cell_line            BL21 
_entity_src_gen.pdbx_gene_src_atcc                 ? 
_entity_src_gen.pdbx_gene_src_organ                ? 
_entity_src_gen.pdbx_gene_src_organelle            ? 
_entity_src_gen.pdbx_gene_src_cell                 ? 
_entity_src_gen.pdbx_gene_src_cellular_location    ? 
_entity_src_gen.host_org_common_name               ? 
_entity_src_gen.pdbx_host_org_scientific_name      'Escherichia coli BL21(DE3)' 
_entity_src_gen.pdbx_host_org_ncbi_taxonomy_id     469008 
_entity_src_gen.host_org_genus                     Escherichia 
_entity_src_gen.pdbx_host_org_gene                 T7 
_entity_src_gen.pdbx_host_org_organ                ? 
_entity_src_gen.host_org_species                   'Escherichia coli' 
_entity_src_gen.pdbx_host_org_tissue               ? 
_entity_src_gen.pdbx_host_org_tissue_fraction      ? 
_entity_src_gen.pdbx_host_org_strain               'BL21 (DE3)' 
_entity_src_gen.pdbx_host_org_variant              ? 
_entity_src_gen.pdbx_host_org_cell_line            ? 
_entity_src_gen.pdbx_host_org_atcc                 ? 
_entity_src_gen.pdbx_host_org_culture_collection   ? 
_entity_src_gen.pdbx_host_org_cell                 ? 
_entity_src_gen.pdbx_host_org_organelle            ? 
_entity_src_gen.pdbx_host_org_cellular_location    ? 
_entity_src_gen.pdbx_host_org_vector_type          T7 
_entity_src_gen.pdbx_host_org_vector               'T7 RNA POLYMERASE' 
_entity_src_gen.host_org_details                   ? 
_entity_src_gen.expression_system_id               ? 
_entity_src_gen.plasmid_name                       PET-15B 
_entity_src_gen.plasmid_details                    ? 
_entity_src_gen.pdbx_description                   ? 
# 
loop_
_chem_comp.id 
_chem_comp.type 
_chem_comp.mon_nstd_flag 
_chem_comp.name 
_chem_comp.pdbx_synonyms 
_chem_comp.formula 
_chem_comp.formula_weight 
ALA 'L-peptide linking' y ALANINE         ? 'C3 H7 N O2'     89.093  
ARG 'L-peptide linking' y ARGININE        ? 'C6 H15 N4 O2 1' 175.209 
ASN 'L-peptide linking' y ASPARAGINE      ? 'C4 H8 N2 O3'    132.118 
ASP 'L-peptide linking' y 'ASPARTIC ACID' ? 'C4 H7 N O4'     133.103 
CD  non-polymer         . 'CADMIUM ION'   ? 'Cd 2'           112.411 
CYS 'L-peptide linking' y CYSTEINE        ? 'C3 H7 N O2 S'   121.158 
GLN 'L-peptide linking' y GLUTAMINE       ? 'C5 H10 N2 O3'   146.144 
GLU 'L-peptide linking' y 'GLUTAMIC ACID' ? 'C5 H9 N O4'     147.129 
GLY 'peptide linking'   y GLYCINE         ? 'C2 H5 N O2'     75.067  
HIS 'L-peptide linking' y HISTIDINE       ? 'C6 H10 N3 O2 1' 156.162 
ILE 'L-peptide linking' y ISOLEUCINE      ? 'C6 H13 N O2'    131.173 
LEU 'L-peptide linking' y LEUCINE         ? 'C6 H13 N O2'    131.173 
LYS 'L-peptide linking' y LYSINE          ? 'C6 H15 N2 O2 1' 147.195 
MET 'L-peptide linking' y METHIONINE      ? 'C5 H11 N O2 S'  149.211 
PHE 'L-peptide linking' y PHENYLALANINE   ? 'C9 H11 N O2'    165.189 
PRO 'L-peptide linking' y PROLINE         ? 'C5 H9 N O2'     115.130 
SER 'L-peptide linking' y SERINE          ? 'C3 H7 N O3'     105.093 
TRP 'L-peptide linking' y TRYPTOPHAN      ? 'C11 H12 N2 O2'  204.225 
TYR 'L-peptide linking' y TYROSINE        ? 'C9 H11 N O3'    181.189 
VAL 'L-peptide linking' y VALINE          ? 'C5 H11 N O2'    117.146 
# 
loop_
_pdbx_poly_seq_scheme.asym_id 
_pdbx_poly_seq_scheme.entity_id 
_pdbx_poly_seq_scheme.seq_id 
_pdbx_poly_seq_scheme.mon_id 
_pdbx_poly_seq_scheme.ndb_seq_num 
_pdbx_poly_seq_scheme.pdb_seq_num 
_pdbx_poly_seq_scheme.auth_seq_num 
_pdbx_poly_seq_scheme.pdb_mon_id 
_pdbx_poly_seq_scheme.auth_mon_id 
_pdbx_poly_seq_scheme.pdb_strand_id 
_pdbx_poly_seq_scheme.pdb_ins_code 
_pdbx_poly_seq_scheme.hetero 
A 1 1  PHE 1  1  1  PHE PHE A . n 
A 1 2  LEU 2  2  2  LEU LEU A . n 
A 1 3  ASP 3  3  3  ASP ASP A . n 
A 1 4  GLY 4  4  4  GLY GLY A . n 
A 1 5  ILE 5  5  5  ILE ILE A . n 
A 1 6  ASP 6  6  6  ASP ASP A . n 
A 1 7  LYS 7  7  7  LYS LYS A . n 
A 1 8  ALA 8  8  8  ALA ALA A . n 
A 1 9  GLN 9  9  9  GLN GLN A . n 
A 1 10 GLU 10 10 10 GLU GLU A . n 
A 1 11 GLU 11 11 11 GLU GLU A . n 
A 1 12 CYS 12 12 12 CYS CYS A . n 
A 1 13 GLU 13 13 13 GLU GLU A . n 
A 1 14 LYS 14 14 14 LYS LYS A . n 
A 1 15 TYR 15 15 15 TYR TYR A . n 
A 1 16 HIS 16 16 16 HIS HIS A . n 
A 1 17 SER 17 17 17 SER SER A . n 
A 1 18 ASN 18 18 18 ASN ASN A . n 
A 1 19 TRP 19 19 19 TRP TRP A . n 
A 1 20 ARG 20 20 20 ARG ARG A . n 
A 1 21 ALA 21 21 21 ALA ALA A . n 
A 1 22 MET 22 22 22 MET MET A . n 
A 1 23 ALA 23 23 23 ALA ALA A . n 
A 1 24 SER 24 24 24 SER SER A . n 
A 1 25 ASP 25 25 25 ASP ASP A . n 
A 1 26 PHE 26 26 26 PHE PHE A . n 
A 1 27 ASN 27 27 27 ASN ASN A . n 
A 1 28 LEU 28 28 28 LEU LEU A . n 
A 1 29 PRO 29 29 29 PRO PRO A . n 
A 1 30 PRO 30 30 30 PRO PRO A . n 
A 1 31 VAL 31 31 31 VAL VAL A . n 
A 1 32 VAL 32 32 32 VAL VAL A . n 
A 1 33 ALA 33 33 33 ALA ALA A . n 
A 1 34 LYS 34 34 34 LYS LYS A . n 
A 1 35 GLU 35 35 35 GLU GLU A . n 
A 1 36 ILE 36 36 36 ILE ILE A . n 
A 1 37 VAL 37 37 37 VAL VAL A . n 
A 1 38 ALA 38 38 38 ALA ALA A . n 
A 1 39 SER 39 39 39 SER SER A . n 
A 1 40 CYS 40 40 40 CYS CYS A . n 
A 1 41 ASP 41 41 41 ASP ASP A . n 
A 1 42 LYS 42 42 42 LYS LYS A . n 
A 1 43 CYS 43 43 43 CYS CYS A . n 
A 1 44 GLN 44 44 44 GLN GLN A . n 
A 1 45 LEU 45 45 45 LEU LEU A . n 
A 1 46 LYS 46 46 46 LYS LYS A . n 
B 1 1  PHE 1  1  1  PHE PHE B . n 
B 1 2  LEU 2  2  2  LEU LEU B . n 
B 1 3  ASP 3  3  3  ASP ASP B . n 
B 1 4  GLY 4  4  4  GLY GLY B . n 
B 1 5  ILE 5  5  5  ILE ILE B . n 
B 1 6  ASP 6  6  6  ASP ASP B . n 
B 1 7  LYS 7  7  7  LYS LYS B . n 
B 1 8  ALA 8  8  8  ALA ALA B . n 
B 1 9  GLN 9  9  9  GLN GLN B . n 
B 1 10 GLU 10 10 10 GLU GLU B . n 
B 1 11 GLU 11 11 11 GLU GLU B . n 
B 1 12 CYS 12 12 12 CYS CYS B . n 
B 1 13 GLU 13 13 13 GLU GLU B . n 
B 1 14 LYS 14 14 14 LYS LYS B . n 
B 1 15 TYR 15 15 15 TYR TYR B . n 
B 1 16 HIS 16 16 16 HIS HIS B . n 
B 1 17 SER 17 17 17 SER SER B . n 
B 1 18 ASN 18 18 18 ASN ASN B . n 
B 1 19 TRP 19 19 19 TRP TRP B . n 
B 1 20 ARG 20 20 20 ARG ARG B . n 
B 1 21 ALA 21 21 21 ALA ALA B . n 
B 1 22 MET 22 22 22 MET MET B . n 
B 1 23 ALA 23 23 23 ALA ALA B . n 
B 1 24 SER 24 24 24 SER SER B . n 
B 1 25 ASP 25 25 25 ASP ASP B . n 
B 1 26 PHE 26 26 26 PHE PHE B . n 
B 1 27 ASN 27 27 27 ASN ASN B . n 
B 1 28 LEU 28 28 28 LEU LEU B . n 
B 1 29 PRO 29 29 29 PRO PRO B . n 
B 1 30 PRO 30 30 30 PRO PRO B . n 
B 1 31 VAL 31 31 31 VAL VAL B . n 
B 1 32 VAL 32 32 32 VAL VAL B . n 
B 1 33 ALA 33 33 33 ALA ALA B . n 
B 1 34 LYS 34 34 34 LYS LYS B . n 
B 1 35 GLU 35 35 35 GLU GLU B . n 
B 1 36 ILE 36 36 36 ILE ILE B . n 
B 1 37 VAL 37 37 37 VAL VAL B . n 
B 1 38 ALA 38 38 38 ALA ALA B . n 
B 1 39 SER 39 39 39 SER SER B . n 
B 1 40 CYS 40 40 40 CYS CYS B . n 
B 1 41 ASP 41 41 41 ASP ASP B . n 
B 1 42 LYS 42 42 42 LYS LYS B . n 
B 1 43 CYS 43 43 43 CYS CYS B . n 
B 1 44 GLN 44 44 44 GLN GLN B . n 
B 1 45 LEU 45 45 45 LEU LEU B . n 
B 1 46 LYS 46 46 46 LYS LYS B . n 
# 
loop_
_pdbx_nonpoly_scheme.asym_id 
_pdbx_nonpoly_scheme.entity_id 
_pdbx_nonpoly_scheme.mon_id 
_pdbx_nonpoly_scheme.ndb_seq_num 
_pdbx_nonpoly_scheme.pdb_seq_num 
_pdbx_nonpoly_scheme.auth_seq_num 
_pdbx_nonpoly_scheme.pdb_mon_id 
_pdbx_nonpoly_scheme.auth_mon_id 
_pdbx_nonpoly_scheme.pdb_strand_id 
_pdbx_nonpoly_scheme.pdb_ins_code 
C 2 CD 1 56 56 CD CD A . 
D 2 CD 1 56 56 CD CD B . 
# 
loop_
_software.name 
_software.classification 
_software.version 
_software.citation_id 
_software.pdbx_ordinal 
CNS refinement . ? 1 
CNS phasing    . ? 2 
# 
_cell.entry_id           1WJE 
_cell.length_a           1.000 
_cell.length_b           1.000 
_cell.length_c           1.000 
_cell.angle_alpha        90.00 
_cell.angle_beta         90.00 
_cell.angle_gamma        90.00 
_cell.Z_PDB              1 
_cell.pdbx_unique_axis   ? 
# 
_symmetry.entry_id                         1WJE 
_symmetry.space_group_name_H-M             'P 1' 
_symmetry.pdbx_full_space_group_name_H-M   ? 
_symmetry.cell_setting                     ? 
_symmetry.Int_Tables_number                1 
# 
_exptl.entry_id          1WJE 
_exptl.method            'SOLUTION NMR' 
_exptl.crystals_number   ? 
# 
_struct.entry_id                  1WJE 
_struct.title                     
;SOLUTION STRUCTURE OF H12C MUTANT OF THE N-TERMINAL ZN BINDING DOMAIN OF HIV-1 INTEGRASE COMPLEXED TO CADMIUM, NMR, MINIMIZED AVERAGE STRUCTURE
;
_struct.pdbx_model_details        ? 
_struct.pdbx_CASP_flag            ? 
_struct.pdbx_model_type_details   ? 
# 
_struct_keywords.entry_id        1WJE 
_struct_keywords.pdbx_keywords   'ZN-BINDING PROTEIN' 
_struct_keywords.text            'ZN-BINDING PROTEIN, AIDS, POLYPROTEIN, HYDROLASE, ASPARTYL PROTEASE' 
# 
loop_
_struct_asym.id 
_struct_asym.pdbx_blank_PDB_chainid_flag 
_struct_asym.pdbx_modified 
_struct_asym.entity_id 
_struct_asym.details 
A N N 1 ? 
B N N 1 ? 
C N N 2 ? 
D N N 2 ? 
# 
_struct_ref.id                         1 
_struct_ref.db_name                    UNP 
_struct_ref.db_code                    POL_HV1B5 
_struct_ref.entity_id                  1 
_struct_ref.pdbx_db_accession          P04587 
_struct_ref.pdbx_align_begin           1 
_struct_ref.pdbx_seq_one_letter_code   
;FFREDLAFLQGKAREFSSEQTRANSPTISSEQTRANSPTRRELQVWGRDNNSPSEAGADRQGTVSFNFPQITLWQRPLVT
IKIGGQLKEALLDTGADDTVLEEMSLPGRWKPKMIGGIGGFIKVRQYDQILIEICGHKAIGTVLVGPTPVNIIGRNLLTQ
IGCTLNFPISPIETVPVKLKPGMDGPKVKQWPLTEEKIKALVEICTEMEKEGKISKIGPENPYNTPVFAIKKKDSTKWRK
LVDFRELNRRTQDFWEVQLGIPHPAGLKKKKSVTVLDVGDAYFSVPLDEDFRKYTAFTIPSINNETPGSGYQYNVLPQGW
KGSPAIFQSSMTKILEPFRKQNPDIVIYQYMDDLYVGSDLEIGQHRTKIEELRQHLLRWGFTTPDKKHQKEPPFLWMGYE
LHPDKWTIQPIVLPEKDSWTVNDIQKLVGKLNWASQIYPGIKVRQLCKLLRGTKALTEVIPLTEEAELELAENREILKEP
VHGVYYDPSKDLIAEIQKQGQGQWTYQIYQEPFKNLKTGKYARMRGAHTNDVKQLTEAVQKITTESIVIWGKTPKFKLPI
QKETWETWWTEYWQATWIPEWEFVNTPPLVKLWYQLEKEPIVGAETFYVDGAASRETKLGKAGYVTNRGRQKVVTLTHTT
NQKTELQAIHLALQDSGLEVNIVTDSQYALGIIQAQPDKSESELVNQIIEQLIKKEKVYLAWVPAHKGIGGNEQVDKLVS
AGIRKILFLDGIDKAQEEHEKYHSNWRAMASDFNLPPVVAKEIVASCDKCQLKGEAMHGQVDCSPGIWQLDCTHLEGKVI
LVAVHVASGYIEAEVIPAETGQETAYFLLKLAGRWPVKTIHTDNGSNFTSATVKAACWWAGIKQEFGIPYNPQSQGVVES
MNKELKKIIGQVRDQAEHLKTAVQMAVFIHNFKRKGGIGGYSAGERIVDIIATDIQTKELQKQITKIQNFRVYYRDSRNP
LWKGPAKLLWKGEGAVVIQDNSDIKVVPRRKAKIIRDYGKQMAGDDCVASRQDED
;
_struct_ref.pdbx_db_isoform            ? 
# 
loop_
_struct_ref_seq.align_id 
_struct_ref_seq.ref_id 
_struct_ref_seq.pdbx_PDB_id_code 
_struct_ref_seq.pdbx_strand_id 
_struct_ref_seq.seq_align_beg 
_struct_ref_seq.pdbx_seq_align_beg_ins_code 
_struct_ref_seq.seq_align_end 
_struct_ref_seq.pdbx_seq_align_end_ins_code 
_struct_ref_seq.pdbx_db_accession 
_struct_ref_seq.db_align_beg 
_struct_ref_seq.pdbx_db_align_beg_ins_code 
_struct_ref_seq.db_align_end 
_struct_ref_seq.pdbx_db_align_end_ins_code 
_struct_ref_seq.pdbx_auth_seq_align_beg 
_struct_ref_seq.pdbx_auth_seq_align_end 
1 1 1WJE A 1 ? 46 ? P04587 728 ? 773 ? 1 46 
2 1 1WJE B 1 ? 46 ? P04587 728 ? 773 ? 1 46 
# 
loop_
_struct_ref_seq_dif.align_id 
_struct_ref_seq_dif.pdbx_pdb_id_code 
_struct_ref_seq_dif.mon_id 
_struct_ref_seq_dif.pdbx_pdb_strand_id 
_struct_ref_seq_dif.seq_num 
_struct_ref_seq_dif.pdbx_pdb_ins_code 
_struct_ref_seq_dif.pdbx_seq_db_name 
_struct_ref_seq_dif.pdbx_seq_db_accession_code 
_struct_ref_seq_dif.db_mon_id 
_struct_ref_seq_dif.pdbx_seq_db_seq_num 
_struct_ref_seq_dif.details 
_struct_ref_seq_dif.pdbx_auth_seq_num 
_struct_ref_seq_dif.pdbx_ordinal 
1 1WJE CYS A 12 ? UNP P04587 HIS 739 'engineered mutation' 12 1 
2 1WJE CYS B 12 ? UNP P04587 HIS 739 'engineered mutation' 12 2 
# 
_pdbx_struct_assembly.id                   1 
_pdbx_struct_assembly.details              author_defined_assembly 
_pdbx_struct_assembly.method_details       ? 
_pdbx_struct_assembly.oligomeric_details   monomeric 
_pdbx_struct_assembly.oligomeric_count     1 
# 
_pdbx_struct_assembly_gen.assembly_id       1 
_pdbx_struct_assembly_gen.oper_expression   1 
_pdbx_struct_assembly_gen.asym_id_list      A,C 
# 
_pdbx_struct_oper_list.id                   1 
_pdbx_struct_oper_list.type                 'identity operation' 
_pdbx_struct_oper_list.name                 1_555 
_pdbx_struct_oper_list.symmetry_operation   ? 
_pdbx_struct_oper_list.matrix[1][1]         1.0000000000 
_pdbx_struct_oper_list.matrix[1][2]         0.0000000000 
_pdbx_struct_oper_list.matrix[1][3]         0.0000000000 
_pdbx_struct_oper_list.vector[1]            0.0000000000 
_pdbx_struct_oper_list.matrix[2][1]         0.0000000000 
_pdbx_struct_oper_list.matrix[2][2]         1.0000000000 
_pdbx_struct_oper_list.matrix[2][3]         0.0000000000 
_pdbx_struct_oper_list.vector[2]            0.0000000000 
_pdbx_struct_oper_list.matrix[3][1]         0.0000000000 
_pdbx_struct_oper_list.matrix[3][2]         0.0000000000 
_pdbx_struct_oper_list.matrix[3][3]         1.0000000000 
_pdbx_struct_oper_list.vector[3]            0.0000000000 
# 
_struct_biol.id   1 
# 
loop_
_struct_conf.conf_type_id 
_struct_conf.id 
_struct_conf.pdbx_PDB_helix_id 
_struct_conf.beg_label_comp_id 
_struct_conf.beg_label_asym_id 
_struct_conf.beg_label_seq_id 
_struct_conf.pdbx_beg_PDB_ins_code 
_struct_conf.end_label_comp_id 
_struct_conf.end_label_asym_id 
_struct_conf.end_label_seq_id 
_struct_conf.pdbx_end_PDB_ins_code 
_struct_conf.beg_auth_comp_id 
_struct_conf.beg_auth_asym_id 
_struct_conf.beg_auth_seq_id 
_struct_conf.end_auth_comp_id 
_struct_conf.end_auth_asym_id 
_struct_conf.end_auth_seq_id 
_struct_conf.pdbx_PDB_helix_class 
_struct_conf.details 
_struct_conf.pdbx_PDB_helix_length 
HELX_P HELX_P1 1 ASP A 3  ? TYR A 15 ? ASP A 3  TYR A 15 5 ? 13 
HELX_P HELX_P2 2 TRP A 19 ? PHE A 26 ? TRP A 19 PHE A 26 1 ? 8  
HELX_P HELX_P3 3 PRO A 30 ? SER A 39 ? PRO A 30 SER A 39 1 ? 10 
HELX_P HELX_P4 4 ASP A 41 ? GLN A 44 ? ASP A 41 GLN A 44 1 ? 4  
HELX_P HELX_P5 5 ASP B 3  ? TYR B 15 ? ASP B 3  TYR B 15 5 ? 13 
HELX_P HELX_P6 6 TRP B 19 ? PHE B 26 ? TRP B 19 PHE B 26 1 ? 8  
HELX_P HELX_P7 7 PRO B 30 ? SER B 39 ? PRO B 30 SER B 39 1 ? 10 
HELX_P HELX_P8 8 ASP B 41 ? GLN B 44 ? ASP B 41 GLN B 44 1 ? 4  
# 
_struct_conf_type.id          HELX_P 
_struct_conf_type.criteria    ? 
_struct_conf_type.reference   ? 
# 
loop_
_struct_conn.id 
_struct_conn.conn_type_id 
_struct_conn.pdbx_leaving_atom_flag 
_struct_conn.pdbx_PDB_id 
_struct_conn.ptnr1_label_asym_id 
_struct_conn.ptnr1_label_comp_id 
_struct_conn.ptnr1_label_seq_id 
_struct_conn.ptnr1_label_atom_id 
_struct_conn.pdbx_ptnr1_label_alt_id 
_struct_conn.pdbx_ptnr1_PDB_ins_code 
_struct_conn.pdbx_ptnr1_standard_comp_id 
_struct_conn.ptnr1_symmetry 
_struct_conn.ptnr2_label_asym_id 
_struct_conn.ptnr2_label_comp_id 
_struct_conn.ptnr2_label_seq_id 
_struct_conn.ptnr2_label_atom_id 
_struct_conn.pdbx_ptnr2_label_alt_id 
_struct_conn.pdbx_ptnr2_PDB_ins_code 
_struct_conn.ptnr1_auth_asym_id 
_struct_conn.ptnr1_auth_comp_id 
_struct_conn.ptnr1_auth_seq_id 
_struct_conn.ptnr2_auth_asym_id 
_struct_conn.ptnr2_auth_comp_id 
_struct_conn.ptnr2_auth_seq_id 
_struct_conn.ptnr2_symmetry 
_struct_conn.pdbx_ptnr3_label_atom_id 
_struct_conn.pdbx_ptnr3_label_seq_id 
_struct_conn.pdbx_ptnr3_label_comp_id 
_struct_conn.pdbx_ptnr3_label_asym_id 
_struct_conn.pdbx_ptnr3_label_alt_id 
_struct_conn.pdbx_ptnr3_PDB_ins_code 
_struct_conn.details 
_struct_conn.pdbx_dist_value 
_struct_conn.pdbx_value_order 
_struct_conn.pdbx_role 
metalc1 metalc ? ? A CYS 12 SG ? ? ? 1_555 C CD . CD ? ? A CYS 12 A CD 56 1_555 ? ? ? ? ? ? ? 2.608 ? ? 
metalc2 metalc ? ? A CYS 40 SG ? ? ? 1_555 C CD . CD ? ? A CYS 40 A CD 56 1_555 ? ? ? ? ? ? ? 2.585 ? ? 
metalc3 metalc ? ? A CYS 43 SG ? ? ? 1_555 C CD . CD ? ? A CYS 43 A CD 56 1_555 ? ? ? ? ? ? ? 2.610 ? ? 
metalc4 metalc ? ? B CYS 12 SG ? ? ? 1_555 D CD . CD ? ? B CYS 12 B CD 56 1_555 ? ? ? ? ? ? ? 2.608 ? ? 
metalc5 metalc ? ? B CYS 40 SG ? ? ? 1_555 D CD . CD ? ? B CYS 40 B CD 56 1_555 ? ? ? ? ? ? ? 2.584 ? ? 
metalc6 metalc ? ? B CYS 43 SG ? ? ? 1_555 D CD . CD ? ? B CYS 43 B CD 56 1_555 ? ? ? ? ? ? ? 2.611 ? ? 
# 
_struct_conn_type.id          metalc 
_struct_conn_type.criteria    ? 
_struct_conn_type.reference   ? 
# 
loop_
_pdbx_struct_conn_angle.id 
_pdbx_struct_conn_angle.ptnr1_label_atom_id 
_pdbx_struct_conn_angle.ptnr1_label_alt_id 
_pdbx_struct_conn_angle.ptnr1_label_asym_id 
_pdbx_struct_conn_angle.ptnr1_label_comp_id 
_pdbx_struct_conn_angle.ptnr1_label_seq_id 
_pdbx_struct_conn_angle.ptnr1_auth_atom_id 
_pdbx_struct_conn_angle.ptnr1_auth_asym_id 
_pdbx_struct_conn_angle.ptnr1_auth_comp_id 
_pdbx_struct_conn_angle.ptnr1_auth_seq_id 
_pdbx_struct_conn_angle.ptnr1_PDB_ins_code 
_pdbx_struct_conn_angle.ptnr1_symmetry 
_pdbx_struct_conn_angle.ptnr2_label_atom_id 
_pdbx_struct_conn_angle.ptnr2_label_alt_id 
_pdbx_struct_conn_angle.ptnr2_label_asym_id 
_pdbx_struct_conn_angle.ptnr2_label_comp_id 
_pdbx_struct_conn_angle.ptnr2_label_seq_id 
_pdbx_struct_conn_angle.ptnr2_auth_atom_id 
_pdbx_struct_conn_angle.ptnr2_auth_asym_id 
_pdbx_struct_conn_angle.ptnr2_auth_comp_id 
_pdbx_struct_conn_angle.ptnr2_auth_seq_id 
_pdbx_struct_conn_angle.ptnr2_PDB_ins_code 
_pdbx_struct_conn_angle.ptnr2_symmetry 
_pdbx_struct_conn_angle.ptnr3_label_atom_id 
_pdbx_struct_conn_angle.ptnr3_label_alt_id 
_pdbx_struct_conn_angle.ptnr3_label_asym_id 
_pdbx_struct_conn_angle.ptnr3_label_comp_id 
_pdbx_struct_conn_angle.ptnr3_label_seq_id 
_pdbx_struct_conn_angle.ptnr3_auth_atom_id 
_pdbx_struct_conn_angle.ptnr3_auth_asym_id 
_pdbx_struct_conn_angle.ptnr3_auth_comp_id 
_pdbx_struct_conn_angle.ptnr3_auth_seq_id 
_pdbx_struct_conn_angle.ptnr3_PDB_ins_code 
_pdbx_struct_conn_angle.ptnr3_symmetry 
_pdbx_struct_conn_angle.value 
_pdbx_struct_conn_angle.value_esd 
1 SG ? A CYS 12 ? A CYS 12 ? 1_555 CD ? C CD . ? A CD 56 ? 1_555 SG ? A CYS 40 ? A CYS 40 ? 1_555 107.6 ? 
2 SG ? A CYS 12 ? A CYS 12 ? 1_555 CD ? C CD . ? A CD 56 ? 1_555 SG ? A CYS 43 ? A CYS 43 ? 1_555 110.5 ? 
3 SG ? A CYS 40 ? A CYS 40 ? 1_555 CD ? C CD . ? A CD 56 ? 1_555 SG ? A CYS 43 ? A CYS 43 ? 1_555 107.4 ? 
4 SG ? B CYS 12 ? B CYS 12 ? 1_555 CD ? D CD . ? B CD 56 ? 1_555 SG ? B CYS 40 ? B CYS 40 ? 1_555 107.6 ? 
5 SG ? B CYS 12 ? B CYS 12 ? 1_555 CD ? D CD . ? B CD 56 ? 1_555 SG ? B CYS 43 ? B CYS 43 ? 1_555 110.5 ? 
6 SG ? B CYS 40 ? B CYS 40 ? 1_555 CD ? D CD . ? B CD 56 ? 1_555 SG ? B CYS 43 ? B CYS 43 ? 1_555 107.4 ? 
# 
loop_
_struct_site.id 
_struct_site.pdbx_evidence_code 
_struct_site.pdbx_auth_asym_id 
_struct_site.pdbx_auth_comp_id 
_struct_site.pdbx_auth_seq_id 
_struct_site.pdbx_auth_ins_code 
_struct_site.pdbx_num_residues 
_struct_site.details 
AC1 Software A CD 56 ? 3 'BINDING SITE FOR RESIDUE CD A 56' 
AC2 Software B CD 56 ? 3 'BINDING SITE FOR RESIDUE CD B 56' 
# 
loop_
_struct_site_gen.id 
_struct_site_gen.site_id 
_struct_site_gen.pdbx_num_res 
_struct_site_gen.label_comp_id 
_struct_site_gen.label_asym_id 
_struct_site_gen.label_seq_id 
_struct_site_gen.pdbx_auth_ins_code 
_struct_site_gen.auth_comp_id 
_struct_site_gen.auth_asym_id 
_struct_site_gen.auth_seq_id 
_struct_site_gen.label_atom_id 
_struct_site_gen.label_alt_id 
_struct_site_gen.symmetry 
_struct_site_gen.details 
1 AC1 3 CYS A 12 ? CYS A 12 . ? 1_555 ? 
2 AC1 3 CYS A 40 ? CYS A 40 . ? 1_555 ? 
3 AC1 3 CYS A 43 ? CYS A 43 . ? 1_555 ? 
4 AC2 3 CYS B 12 ? CYS B 12 . ? 1_555 ? 
5 AC2 3 CYS B 40 ? CYS B 40 . ? 1_555 ? 
6 AC2 3 CYS B 43 ? CYS B 43 . ? 1_555 ? 
# 
loop_
_pdbx_validate_torsion.id 
_pdbx_validate_torsion.PDB_model_num 
_pdbx_validate_torsion.auth_comp_id 
_pdbx_validate_torsion.auth_asym_id 
_pdbx_validate_torsion.auth_seq_id 
_pdbx_validate_torsion.PDB_ins_code 
_pdbx_validate_torsion.label_alt_id 
_pdbx_validate_torsion.phi 
_pdbx_validate_torsion.psi 
1 1 HIS A 16 ? ? 57.74 -134.69 
2 1 HIS B 16 ? ? 57.81 -134.73 
# 
_pdbx_nmr_ensemble.entry_id                             1WJE 
_pdbx_nmr_ensemble.conformers_calculated_total_number   40 
_pdbx_nmr_ensemble.conformers_submitted_total_number    1 
_pdbx_nmr_ensemble.conformer_selection_criteria         'REGULARIZED MEAN STRUCTURE' 
# 
_pdbx_nmr_exptl_sample_conditions.conditions_id       1 
_pdbx_nmr_exptl_sample_conditions.temperature         308 
_pdbx_nmr_exptl_sample_conditions.pressure            ? 
_pdbx_nmr_exptl_sample_conditions.pH                  4.5 
_pdbx_nmr_exptl_sample_conditions.ionic_strength      ? 
_pdbx_nmr_exptl_sample_conditions.pressure_units      . 
_pdbx_nmr_exptl_sample_conditions.temperature_units   K 
# 
_pdbx_nmr_refine.entry_id           1WJE 
_pdbx_nmr_refine.method             'simulated annealing' 
_pdbx_nmr_refine.details            
;THE STRUCTURES WERE CALCULATED USING THE SIMULATED
 ANNEALING PROTOCOL OF NILGES ET AL. (1988) FEBS LETT.
 229, 129-136, USING THE PROGRAM XPLOR 3.1 (BRUNGER)
 MODIFIED TO INCORPORATE COUPLING CONSTANT (GARRETT ET AL.
 (1984) J. MAGN RESON. SERIES B 104, 99-103), CARBON
 CHEMICAL SHIFT (KUSZEWSKI ET AL. (1995) J. MAGN. RESON.
 SERIES B 106, 92-96) RESTRAINTS AND A CONFORMATIONAL
 DATABASE POTENTIAL (KUSZEWSKI ET AL. (1996) PROTEIN SCI 5,
 1067-1080 AND (1997) J. MAGN. RESON. 125, 171-177).

 THE 3D STRUCTURE OF THE N-TERMINAL DOMAIN OF THE H12C
 MUTANT OF HIV-1 INTEGRASE COMPLEXED TO CADMIUM WAS SOLVED
 BY MULTI-DIMENSIONAL HETERONUCLEAR-EDITED AND -FILTERED
 NMR IS BASED ON 757 EXPERIMENTAL RESTRAINTS (PER
 MONOMER): (A) INTRASUBUNIT: 203 SEQUENTIAL (|I-J|=1),
 161 MEDIUM RANGE (1 < |I-J| >=5) AND 82 LONG RANGE
 (|I-J| >5) INTERRESIDUE, AND 5 INTRARESIDUE APPROXIMATE
 INTERPROTON DISTANCE RESTRAINTS; 16 DISTANCE RESTRAINTS
 FOR 8 HYDROGEN BONDS; 117 TORSION ANGLE (45 PHI, 35 PSI,
 26 CHI1, 10 CHI2 AND 1 CHI3) RESTRAINTS; 47 THREE-BOND
 HN-HA COUPLING CONSTANT RESTRAINTS; 99 (50 CALPHA AND
 49 CBETA) 13C SHIFT RESTRAINTS.  (B) 20 INTERSUBUNIT
 INTERPROTON DISTANCE RESTRAINTS.  (C) 7 AMBIGUOUS
 INTERPROTON DISTANCE RESTRAINTS THAT CAN ARISE FROM INTRA
 AND/OR INTERSUBUNIT INTERACTIONS.

 THE STRUCTURES WERE CALCULATED USING THE SIMULATED
 ANNEALING PROTOCOL OF NILGES ET AL. (1988) FEBS LETT.
 229, 129-136, USING THE PROGRAM XPLOR 3.1 (BRUNGER)
 MODIFIED TO INCORPORATE COUPLING CONSTANT (GARRETT ET AL.
 (1984) J. MAGN RESON. SERIES B 104, 99-103), CARBON
 CHEMICAL SHIFT (KUSZEWSKI ET AL. (1995) J. MAGN. RESON.
 SERIES B 106, 92-96) RESTRAINTS AND A CONFORMATIONAL
 DATABASE POTENTIAL (KUSZEWSKI ET AL. (1996) PROTEIN SCI 5,
 1067-1080 AND (1997) J. MAGN. RESON. 125, 171-177).

 THE 3D STRUCTURE OF THE N-TERMINAL DOMAIN OF THE H12C
 MUTANT OF HIV-1 INTEGRASE COMPLEXED TO CADMIUM WAS SOLVED
 BY MULTI-DIMENSIONAL HETERONUCLEAR-EDITED AND -FILTERED
 NMR IS BASED ON 757 EXPERIMENTAL RESTRAINTS (PER
 MONOMER): (A) INTRASUBUNIT: 203 SEQUENTIAL (|I-J|=1),
 161 MEDIUM RANGE (1 < |I-J| >=5) AND 82 LONG RANGE
 (|I-J| >5) INTERRESIDUE, AND 5 INTRARESIDUE APPROXIMATE
 INTERPROTON DISTANCE RESTRAINTS; 16 DISTANCE RESTRAINTS
 FOR 8 HYDROGEN BONDS; 117 TORSION ANGLE (45 PHI, 35 PSI,
 26 CHI1, 10 CHI2 AND 1 CHI3) RESTRAINTS; 47 THREE-BOND
 HN-HA COUPLING CONSTANT RESTRAINTS; 99 (50 CALPHA AND
 49 CBETA) 13C SHIFT RESTRAINTS.  (B) 20 INTERSUBUNIT
 INTERPROTON DISTANCE RESTRAINTS.  (C) 7 AMBIGUOUS
 INTERPROTON DISTANCE RESTRAINTS THAT CAN ARISE FROM INTRA
 AND/OR INTERSUBUNIT INTERACTIONS.
;
_pdbx_nmr_refine.software_ordinal   1 
# 
loop_
_pdbx_nmr_software.classification 
_pdbx_nmr_software.name 
_pdbx_nmr_software.version 
_pdbx_nmr_software.authors 
_pdbx_nmr_software.ordinal 
refinement           CNS            ?        
'BRUNGER,ADAMS,CLORE,DELANO,GROS, GROSSE-KUNSTLEVE,JIANG,KUSZEWSKI,NILGES, PANNU,READ,RICE,SIMONSON,WARREN' 1 
'structure solution' 'CNS MODIFIED' MODIFIED ? 2 
# 
loop_
_chem_comp_atom.comp_id 
_chem_comp_atom.atom_id 
_chem_comp_atom.type_symbol 
_chem_comp_atom.pdbx_aromatic_flag 
_chem_comp_atom.pdbx_stereo_config 
_chem_comp_atom.pdbx_ordinal 
ALA N    N  N N 1   
ALA CA   C  N S 2   
ALA C    C  N N 3   
ALA O    O  N N 4   
ALA CB   C  N N 5   
ALA OXT  O  N N 6   
ALA H    H  N N 7   
ALA H2   H  N N 8   
ALA HA   H  N N 9   
ALA HB1  H  N N 10  
ALA HB2  H  N N 11  
ALA HB3  H  N N 12  
ALA HXT  H  N N 13  
ARG N    N  N N 14  
ARG CA   C  N S 15  
ARG C    C  N N 16  
ARG O    O  N N 17  
ARG CB   C  N N 18  
ARG CG   C  N N 19  
ARG CD   C  N N 20  
ARG NE   N  N N 21  
ARG CZ   C  N N 22  
ARG NH1  N  N N 23  
ARG NH2  N  N N 24  
ARG OXT  O  N N 25  
ARG H    H  N N 26  
ARG H2   H  N N 27  
ARG HA   H  N N 28  
ARG HB2  H  N N 29  
ARG HB3  H  N N 30  
ARG HG2  H  N N 31  
ARG HG3  H  N N 32  
ARG HD2  H  N N 33  
ARG HD3  H  N N 34  
ARG HE   H  N N 35  
ARG HH11 H  N N 36  
ARG HH12 H  N N 37  
ARG HH21 H  N N 38  
ARG HH22 H  N N 39  
ARG HXT  H  N N 40  
ASN N    N  N N 41  
ASN CA   C  N S 42  
ASN C    C  N N 43  
ASN O    O  N N 44  
ASN CB   C  N N 45  
ASN CG   C  N N 46  
ASN OD1  O  N N 47  
ASN ND2  N  N N 48  
ASN OXT  O  N N 49  
ASN H    H  N N 50  
ASN H2   H  N N 51  
ASN HA   H  N N 52  
ASN HB2  H  N N 53  
ASN HB3  H  N N 54  
ASN HD21 H  N N 55  
ASN HD22 H  N N 56  
ASN HXT  H  N N 57  
ASP N    N  N N 58  
ASP CA   C  N S 59  
ASP C    C  N N 60  
ASP O    O  N N 61  
ASP CB   C  N N 62  
ASP CG   C  N N 63  
ASP OD1  O  N N 64  
ASP OD2  O  N N 65  
ASP OXT  O  N N 66  
ASP H    H  N N 67  
ASP H2   H  N N 68  
ASP HA   H  N N 69  
ASP HB2  H  N N 70  
ASP HB3  H  N N 71  
ASP HD2  H  N N 72  
ASP HXT  H  N N 73  
CD  CD   CD N N 74  
CYS N    N  N N 75  
CYS CA   C  N R 76  
CYS C    C  N N 77  
CYS O    O  N N 78  
CYS CB   C  N N 79  
CYS SG   S  N N 80  
CYS OXT  O  N N 81  
CYS H    H  N N 82  
CYS H2   H  N N 83  
CYS HA   H  N N 84  
CYS HB2  H  N N 85  
CYS HB3  H  N N 86  
CYS HG   H  N N 87  
CYS HXT  H  N N 88  
GLN N    N  N N 89  
GLN CA   C  N S 90  
GLN C    C  N N 91  
GLN O    O  N N 92  
GLN CB   C  N N 93  
GLN CG   C  N N 94  
GLN CD   C  N N 95  
GLN OE1  O  N N 96  
GLN NE2  N  N N 97  
GLN OXT  O  N N 98  
GLN H    H  N N 99  
GLN H2   H  N N 100 
GLN HA   H  N N 101 
GLN HB2  H  N N 102 
GLN HB3  H  N N 103 
GLN HG2  H  N N 104 
GLN HG3  H  N N 105 
GLN HE21 H  N N 106 
GLN HE22 H  N N 107 
GLN HXT  H  N N 108 
GLU N    N  N N 109 
GLU CA   C  N S 110 
GLU C    C  N N 111 
GLU O    O  N N 112 
GLU CB   C  N N 113 
GLU CG   C  N N 114 
GLU CD   C  N N 115 
GLU OE1  O  N N 116 
GLU OE2  O  N N 117 
GLU OXT  O  N N 118 
GLU H    H  N N 119 
GLU H2   H  N N 120 
GLU HA   H  N N 121 
GLU HB2  H  N N 122 
GLU HB3  H  N N 123 
GLU HG2  H  N N 124 
GLU HG3  H  N N 125 
GLU HE2  H  N N 126 
GLU HXT  H  N N 127 
GLY N    N  N N 128 
GLY CA   C  N N 129 
GLY C    C  N N 130 
GLY O    O  N N 131 
GLY OXT  O  N N 132 
GLY H    H  N N 133 
GLY H2   H  N N 134 
GLY HA2  H  N N 135 
GLY HA3  H  N N 136 
GLY HXT  H  N N 137 
HIS N    N  N N 138 
HIS CA   C  N S 139 
HIS C    C  N N 140 
HIS O    O  N N 141 
HIS CB   C  N N 142 
HIS CG   C  Y N 143 
HIS ND1  N  Y N 144 
HIS CD2  C  Y N 145 
HIS CE1  C  Y N 146 
HIS NE2  N  Y N 147 
HIS OXT  O  N N 148 
HIS H    H  N N 149 
HIS H2   H  N N 150 
HIS HA   H  N N 151 
HIS HB2  H  N N 152 
HIS HB3  H  N N 153 
HIS HD1  H  N N 154 
HIS HD2  H  N N 155 
HIS HE1  H  N N 156 
HIS HE2  H  N N 157 
HIS HXT  H  N N 158 
ILE N    N  N N 159 
ILE CA   C  N S 160 
ILE C    C  N N 161 
ILE O    O  N N 162 
ILE CB   C  N S 163 
ILE CG1  C  N N 164 
ILE CG2  C  N N 165 
ILE CD1  C  N N 166 
ILE OXT  O  N N 167 
ILE H    H  N N 168 
ILE H2   H  N N 169 
ILE HA   H  N N 170 
ILE HB   H  N N 171 
ILE HG12 H  N N 172 
ILE HG13 H  N N 173 
ILE HG21 H  N N 174 
ILE HG22 H  N N 175 
ILE HG23 H  N N 176 
ILE HD11 H  N N 177 
ILE HD12 H  N N 178 
ILE HD13 H  N N 179 
ILE HXT  H  N N 180 
LEU N    N  N N 181 
LEU CA   C  N S 182 
LEU C    C  N N 183 
LEU O    O  N N 184 
LEU CB   C  N N 185 
LEU CG   C  N N 186 
LEU CD1  C  N N 187 
LEU CD2  C  N N 188 
LEU OXT  O  N N 189 
LEU H    H  N N 190 
LEU H2   H  N N 191 
LEU HA   H  N N 192 
LEU HB2  H  N N 193 
LEU HB3  H  N N 194 
LEU HG   H  N N 195 
LEU HD11 H  N N 196 
LEU HD12 H  N N 197 
LEU HD13 H  N N 198 
LEU HD21 H  N N 199 
LEU HD22 H  N N 200 
LEU HD23 H  N N 201 
LEU HXT  H  N N 202 
LYS N    N  N N 203 
LYS CA   C  N S 204 
LYS C    C  N N 205 
LYS O    O  N N 206 
LYS CB   C  N N 207 
LYS CG   C  N N 208 
LYS CD   C  N N 209 
LYS CE   C  N N 210 
LYS NZ   N  N N 211 
LYS OXT  O  N N 212 
LYS H    H  N N 213 
LYS H2   H  N N 214 
LYS HA   H  N N 215 
LYS HB2  H  N N 216 
LYS HB3  H  N N 217 
LYS HG2  H  N N 218 
LYS HG3  H  N N 219 
LYS HD2  H  N N 220 
LYS HD3  H  N N 221 
LYS HE2  H  N N 222 
LYS HE3  H  N N 223 
LYS HZ1  H  N N 224 
LYS HZ2  H  N N 225 
LYS HZ3  H  N N 226 
LYS HXT  H  N N 227 
MET N    N  N N 228 
MET CA   C  N S 229 
MET C    C  N N 230 
MET O    O  N N 231 
MET CB   C  N N 232 
MET CG   C  N N 233 
MET SD   S  N N 234 
MET CE   C  N N 235 
MET OXT  O  N N 236 
MET H    H  N N 237 
MET H2   H  N N 238 
MET HA   H  N N 239 
MET HB2  H  N N 240 
MET HB3  H  N N 241 
MET HG2  H  N N 242 
MET HG3  H  N N 243 
MET HE1  H  N N 244 
MET HE2  H  N N 245 
MET HE3  H  N N 246 
MET HXT  H  N N 247 
PHE N    N  N N 248 
PHE CA   C  N S 249 
PHE C    C  N N 250 
PHE O    O  N N 251 
PHE CB   C  N N 252 
PHE CG   C  Y N 253 
PHE CD1  C  Y N 254 
PHE CD2  C  Y N 255 
PHE CE1  C  Y N 256 
PHE CE2  C  Y N 257 
PHE CZ   C  Y N 258 
PHE OXT  O  N N 259 
PHE H    H  N N 260 
PHE H2   H  N N 261 
PHE HA   H  N N 262 
PHE HB2  H  N N 263 
PHE HB3  H  N N 264 
PHE HD1  H  N N 265 
PHE HD2  H  N N 266 
PHE HE1  H  N N 267 
PHE HE2  H  N N 268 
PHE HZ   H  N N 269 
PHE HXT  H  N N 270 
PRO N    N  N N 271 
PRO CA   C  N S 272 
PRO C    C  N N 273 
PRO O    O  N N 274 
PRO CB   C  N N 275 
PRO CG   C  N N 276 
PRO CD   C  N N 277 
PRO OXT  O  N N 278 
PRO H    H  N N 279 
PRO HA   H  N N 280 
PRO HB2  H  N N 281 
PRO HB3  H  N N 282 
PRO HG2  H  N N 283 
PRO HG3  H  N N 284 
PRO HD2  H  N N 285 
PRO HD3  H  N N 286 
PRO HXT  H  N N 287 
SER N    N  N N 288 
SER CA   C  N S 289 
SER C    C  N N 290 
SER O    O  N N 291 
SER CB   C  N N 292 
SER OG   O  N N 293 
SER OXT  O  N N 294 
SER H    H  N N 295 
SER H2   H  N N 296 
SER HA   H  N N 297 
SER HB2  H  N N 298 
SER HB3  H  N N 299 
SER HG   H  N N 300 
SER HXT  H  N N 301 
TRP N    N  N N 302 
TRP CA   C  N S 303 
TRP C    C  N N 304 
TRP O    O  N N 305 
TRP CB   C  N N 306 
TRP CG   C  Y N 307 
TRP CD1  C  Y N 308 
TRP CD2  C  Y N 309 
TRP NE1  N  Y N 310 
TRP CE2  C  Y N 311 
TRP CE3  C  Y N 312 
TRP CZ2  C  Y N 313 
TRP CZ3  C  Y N 314 
TRP CH2  C  Y N 315 
TRP OXT  O  N N 316 
TRP H    H  N N 317 
TRP H2   H  N N 318 
TRP HA   H  N N 319 
TRP HB2  H  N N 320 
TRP HB3  H  N N 321 
TRP HD1  H  N N 322 
TRP HE1  H  N N 323 
TRP HE3  H  N N 324 
TRP HZ2  H  N N 325 
TRP HZ3  H  N N 326 
TRP HH2  H  N N 327 
TRP HXT  H  N N 328 
TYR N    N  N N 329 
TYR CA   C  N S 330 
TYR C    C  N N 331 
TYR O    O  N N 332 
TYR CB   C  N N 333 
TYR CG   C  Y N 334 
TYR CD1  C  Y N 335 
TYR CD2  C  Y N 336 
TYR CE1  C  Y N 337 
TYR CE2  C  Y N 338 
TYR CZ   C  Y N 339 
TYR OH   O  N N 340 
TYR OXT  O  N N 341 
TYR H    H  N N 342 
TYR H2   H  N N 343 
TYR HA   H  N N 344 
TYR HB2  H  N N 345 
TYR HB3  H  N N 346 
TYR HD1  H  N N 347 
TYR HD2  H  N N 348 
TYR HE1  H  N N 349 
TYR HE2  H  N N 350 
TYR HH   H  N N 351 
TYR HXT  H  N N 352 
VAL N    N  N N 353 
VAL CA   C  N S 354 
VAL C    C  N N 355 
VAL O    O  N N 356 
VAL CB   C  N N 357 
VAL CG1  C  N N 358 
VAL CG2  C  N N 359 
VAL OXT  O  N N 360 
VAL H    H  N N 361 
VAL H2   H  N N 362 
VAL HA   H  N N 363 
VAL HB   H  N N 364 
VAL HG11 H  N N 365 
VAL HG12 H  N N 366 
VAL HG13 H  N N 367 
VAL HG21 H  N N 368 
VAL HG22 H  N N 369 
VAL HG23 H  N N 370 
VAL HXT  H  N N 371 
# 
loop_
_chem_comp_bond.comp_id 
_chem_comp_bond.atom_id_1 
_chem_comp_bond.atom_id_2 
_chem_comp_bond.value_order 
_chem_comp_bond.pdbx_aromatic_flag 
_chem_comp_bond.pdbx_stereo_config 
_chem_comp_bond.pdbx_ordinal 
ALA N   CA   sing N N 1   
ALA N   H    sing N N 2   
ALA N   H2   sing N N 3   
ALA CA  C    sing N N 4   
ALA CA  CB   sing N N 5   
ALA CA  HA   sing N N 6   
ALA C   O    doub N N 7   
ALA C   OXT  sing N N 8   
ALA CB  HB1  sing N N 9   
ALA CB  HB2  sing N N 10  
ALA CB  HB3  sing N N 11  
ALA OXT HXT  sing N N 12  
ARG N   CA   sing N N 13  
ARG N   H    sing N N 14  
ARG N   H2   sing N N 15  
ARG CA  C    sing N N 16  
ARG CA  CB   sing N N 17  
ARG CA  HA   sing N N 18  
ARG C   O    doub N N 19  
ARG C   OXT  sing N N 20  
ARG CB  CG   sing N N 21  
ARG CB  HB2  sing N N 22  
ARG CB  HB3  sing N N 23  
ARG CG  CD   sing N N 24  
ARG CG  HG2  sing N N 25  
ARG CG  HG3  sing N N 26  
ARG CD  NE   sing N N 27  
ARG CD  HD2  sing N N 28  
ARG CD  HD3  sing N N 29  
ARG NE  CZ   sing N N 30  
ARG NE  HE   sing N N 31  
ARG CZ  NH1  sing N N 32  
ARG CZ  NH2  doub N N 33  
ARG NH1 HH11 sing N N 34  
ARG NH1 HH12 sing N N 35  
ARG NH2 HH21 sing N N 36  
ARG NH2 HH22 sing N N 37  
ARG OXT HXT  sing N N 38  
ASN N   CA   sing N N 39  
ASN N   H    sing N N 40  
ASN N   H2   sing N N 41  
ASN CA  C    sing N N 42  
ASN CA  CB   sing N N 43  
ASN CA  HA   sing N N 44  
ASN C   O    doub N N 45  
ASN C   OXT  sing N N 46  
ASN CB  CG   sing N N 47  
ASN CB  HB2  sing N N 48  
ASN CB  HB3  sing N N 49  
ASN CG  OD1  doub N N 50  
ASN CG  ND2  sing N N 51  
ASN ND2 HD21 sing N N 52  
ASN ND2 HD22 sing N N 53  
ASN OXT HXT  sing N N 54  
ASP N   CA   sing N N 55  
ASP N   H    sing N N 56  
ASP N   H2   sing N N 57  
ASP CA  C    sing N N 58  
ASP CA  CB   sing N N 59  
ASP CA  HA   sing N N 60  
ASP C   O    doub N N 61  
ASP C   OXT  sing N N 62  
ASP CB  CG   sing N N 63  
ASP CB  HB2  sing N N 64  
ASP CB  HB3  sing N N 65  
ASP CG  OD1  doub N N 66  
ASP CG  OD2  sing N N 67  
ASP OD2 HD2  sing N N 68  
ASP OXT HXT  sing N N 69  
CYS N   CA   sing N N 70  
CYS N   H    sing N N 71  
CYS N   H2   sing N N 72  
CYS CA  C    sing N N 73  
CYS CA  CB   sing N N 74  
CYS CA  HA   sing N N 75  
CYS C   O    doub N N 76  
CYS C   OXT  sing N N 77  
CYS CB  SG   sing N N 78  
CYS CB  HB2  sing N N 79  
CYS CB  HB3  sing N N 80  
CYS SG  HG   sing N N 81  
CYS OXT HXT  sing N N 82  
GLN N   CA   sing N N 83  
GLN N   H    sing N N 84  
GLN N   H2   sing N N 85  
GLN CA  C    sing N N 86  
GLN CA  CB   sing N N 87  
GLN CA  HA   sing N N 88  
GLN C   O    doub N N 89  
GLN C   OXT  sing N N 90  
GLN CB  CG   sing N N 91  
GLN CB  HB2  sing N N 92  
GLN CB  HB3  sing N N 93  
GLN CG  CD   sing N N 94  
GLN CG  HG2  sing N N 95  
GLN CG  HG3  sing N N 96  
GLN CD  OE1  doub N N 97  
GLN CD  NE2  sing N N 98  
GLN NE2 HE21 sing N N 99  
GLN NE2 HE22 sing N N 100 
GLN OXT HXT  sing N N 101 
GLU N   CA   sing N N 102 
GLU N   H    sing N N 103 
GLU N   H2   sing N N 104 
GLU CA  C    sing N N 105 
GLU CA  CB   sing N N 106 
GLU CA  HA   sing N N 107 
GLU C   O    doub N N 108 
GLU C   OXT  sing N N 109 
GLU CB  CG   sing N N 110 
GLU CB  HB2  sing N N 111 
GLU CB  HB3  sing N N 112 
GLU CG  CD   sing N N 113 
GLU CG  HG2  sing N N 114 
GLU CG  HG3  sing N N 115 
GLU CD  OE1  doub N N 116 
GLU CD  OE2  sing N N 117 
GLU OE2 HE2  sing N N 118 
GLU OXT HXT  sing N N 119 
GLY N   CA   sing N N 120 
GLY N   H    sing N N 121 
GLY N   H2   sing N N 122 
GLY CA  C    sing N N 123 
GLY CA  HA2  sing N N 124 
GLY CA  HA3  sing N N 125 
GLY C   O    doub N N 126 
GLY C   OXT  sing N N 127 
GLY OXT HXT  sing N N 128 
HIS N   CA   sing N N 129 
HIS N   H    sing N N 130 
HIS N   H2   sing N N 131 
HIS CA  C    sing N N 132 
HIS CA  CB   sing N N 133 
HIS CA  HA   sing N N 134 
HIS C   O    doub N N 135 
HIS C   OXT  sing N N 136 
HIS CB  CG   sing N N 137 
HIS CB  HB2  sing N N 138 
HIS CB  HB3  sing N N 139 
HIS CG  ND1  sing Y N 140 
HIS CG  CD2  doub Y N 141 
HIS ND1 CE1  doub Y N 142 
HIS ND1 HD1  sing N N 143 
HIS CD2 NE2  sing Y N 144 
HIS CD2 HD2  sing N N 145 
HIS CE1 NE2  sing Y N 146 
HIS CE1 HE1  sing N N 147 
HIS NE2 HE2  sing N N 148 
HIS OXT HXT  sing N N 149 
ILE N   CA   sing N N 150 
ILE N   H    sing N N 151 
ILE N   H2   sing N N 152 
ILE CA  C    sing N N 153 
ILE CA  CB   sing N N 154 
ILE CA  HA   sing N N 155 
ILE C   O    doub N N 156 
ILE C   OXT  sing N N 157 
ILE CB  CG1  sing N N 158 
ILE CB  CG2  sing N N 159 
ILE CB  HB   sing N N 160 
ILE CG1 CD1  sing N N 161 
ILE CG1 HG12 sing N N 162 
ILE CG1 HG13 sing N N 163 
ILE CG2 HG21 sing N N 164 
ILE CG2 HG22 sing N N 165 
ILE CG2 HG23 sing N N 166 
ILE CD1 HD11 sing N N 167 
ILE CD1 HD12 sing N N 168 
ILE CD1 HD13 sing N N 169 
ILE OXT HXT  sing N N 170 
LEU N   CA   sing N N 171 
LEU N   H    sing N N 172 
LEU N   H2   sing N N 173 
LEU CA  C    sing N N 174 
LEU CA  CB   sing N N 175 
LEU CA  HA   sing N N 176 
LEU C   O    doub N N 177 
LEU C   OXT  sing N N 178 
LEU CB  CG   sing N N 179 
LEU CB  HB2  sing N N 180 
LEU CB  HB3  sing N N 181 
LEU CG  CD1  sing N N 182 
LEU CG  CD2  sing N N 183 
LEU CG  HG   sing N N 184 
LEU CD1 HD11 sing N N 185 
LEU CD1 HD12 sing N N 186 
LEU CD1 HD13 sing N N 187 
LEU CD2 HD21 sing N N 188 
LEU CD2 HD22 sing N N 189 
LEU CD2 HD23 sing N N 190 
LEU OXT HXT  sing N N 191 
LYS N   CA   sing N N 192 
LYS N   H    sing N N 193 
LYS N   H2   sing N N 194 
LYS CA  C    sing N N 195 
LYS CA  CB   sing N N 196 
LYS CA  HA   sing N N 197 
LYS C   O    doub N N 198 
LYS C   OXT  sing N N 199 
LYS CB  CG   sing N N 200 
LYS CB  HB2  sing N N 201 
LYS CB  HB3  sing N N 202 
LYS CG  CD   sing N N 203 
LYS CG  HG2  sing N N 204 
LYS CG  HG3  sing N N 205 
LYS CD  CE   sing N N 206 
LYS CD  HD2  sing N N 207 
LYS CD  HD3  sing N N 208 
LYS CE  NZ   sing N N 209 
LYS CE  HE2  sing N N 210 
LYS CE  HE3  sing N N 211 
LYS NZ  HZ1  sing N N 212 
LYS NZ  HZ2  sing N N 213 
LYS NZ  HZ3  sing N N 214 
LYS OXT HXT  sing N N 215 
MET N   CA   sing N N 216 
MET N   H    sing N N 217 
MET N   H2   sing N N 218 
MET CA  C    sing N N 219 
MET CA  CB   sing N N 220 
MET CA  HA   sing N N 221 
MET C   O    doub N N 222 
MET C   OXT  sing N N 223 
MET CB  CG   sing N N 224 
MET CB  HB2  sing N N 225 
MET CB  HB3  sing N N 226 
MET CG  SD   sing N N 227 
MET CG  HG2  sing N N 228 
MET CG  HG3  sing N N 229 
MET SD  CE   sing N N 230 
MET CE  HE1  sing N N 231 
MET CE  HE2  sing N N 232 
MET CE  HE3  sing N N 233 
MET OXT HXT  sing N N 234 
PHE N   CA   sing N N 235 
PHE N   H    sing N N 236 
PHE N   H2   sing N N 237 
PHE CA  C    sing N N 238 
PHE CA  CB   sing N N 239 
PHE CA  HA   sing N N 240 
PHE C   O    doub N N 241 
PHE C   OXT  sing N N 242 
PHE CB  CG   sing N N 243 
PHE CB  HB2  sing N N 244 
PHE CB  HB3  sing N N 245 
PHE CG  CD1  doub Y N 246 
PHE CG  CD2  sing Y N 247 
PHE CD1 CE1  sing Y N 248 
PHE CD1 HD1  sing N N 249 
PHE CD2 CE2  doub Y N 250 
PHE CD2 HD2  sing N N 251 
PHE CE1 CZ   doub Y N 252 
PHE CE1 HE1  sing N N 253 
PHE CE2 CZ   sing Y N 254 
PHE CE2 HE2  sing N N 255 
PHE CZ  HZ   sing N N 256 
PHE OXT HXT  sing N N 257 
PRO N   CA   sing N N 258 
PRO N   CD   sing N N 259 
PRO N   H    sing N N 260 
PRO CA  C    sing N N 261 
PRO CA  CB   sing N N 262 
PRO CA  HA   sing N N 263 
PRO C   O    doub N N 264 
PRO C   OXT  sing N N 265 
PRO CB  CG   sing N N 266 
PRO CB  HB2  sing N N 267 
PRO CB  HB3  sing N N 268 
PRO CG  CD   sing N N 269 
PRO CG  HG2  sing N N 270 
PRO CG  HG3  sing N N 271 
PRO CD  HD2  sing N N 272 
PRO CD  HD3  sing N N 273 
PRO OXT HXT  sing N N 274 
SER N   CA   sing N N 275 
SER N   H    sing N N 276 
SER N   H2   sing N N 277 
SER CA  C    sing N N 278 
SER CA  CB   sing N N 279 
SER CA  HA   sing N N 280 
SER C   O    doub N N 281 
SER C   OXT  sing N N 282 
SER CB  OG   sing N N 283 
SER CB  HB2  sing N N 284 
SER CB  HB3  sing N N 285 
SER OG  HG   sing N N 286 
SER OXT HXT  sing N N 287 
TRP N   CA   sing N N 288 
TRP N   H    sing N N 289 
TRP N   H2   sing N N 290 
TRP CA  C    sing N N 291 
TRP CA  CB   sing N N 292 
TRP CA  HA   sing N N 293 
TRP C   O    doub N N 294 
TRP C   OXT  sing N N 295 
TRP CB  CG   sing N N 296 
TRP CB  HB2  sing N N 297 
TRP CB  HB3  sing N N 298 
TRP CG  CD1  doub Y N 299 
TRP CG  CD2  sing Y N 300 
TRP CD1 NE1  sing Y N 301 
TRP CD1 HD1  sing N N 302 
TRP CD2 CE2  doub Y N 303 
TRP CD2 CE3  sing Y N 304 
TRP NE1 CE2  sing Y N 305 
TRP NE1 HE1  sing N N 306 
TRP CE2 CZ2  sing Y N 307 
TRP CE3 CZ3  doub Y N 308 
TRP CE3 HE3  sing N N 309 
TRP CZ2 CH2  doub Y N 310 
TRP CZ2 HZ2  sing N N 311 
TRP CZ3 CH2  sing Y N 312 
TRP CZ3 HZ3  sing N N 313 
TRP CH2 HH2  sing N N 314 
TRP OXT HXT  sing N N 315 
TYR N   CA   sing N N 316 
TYR N   H    sing N N 317 
TYR N   H2   sing N N 318 
TYR CA  C    sing N N 319 
TYR CA  CB   sing N N 320 
TYR CA  HA   sing N N 321 
TYR C   O    doub N N 322 
TYR C   OXT  sing N N 323 
TYR CB  CG   sing N N 324 
TYR CB  HB2  sing N N 325 
TYR CB  HB3  sing N N 326 
TYR CG  CD1  doub Y N 327 
TYR CG  CD2  sing Y N 328 
TYR CD1 CE1  sing Y N 329 
TYR CD1 HD1  sing N N 330 
TYR CD2 CE2  doub Y N 331 
TYR CD2 HD2  sing N N 332 
TYR CE1 CZ   doub Y N 333 
TYR CE1 HE1  sing N N 334 
TYR CE2 CZ   sing Y N 335 
TYR CE2 HE2  sing N N 336 
TYR CZ  OH   sing N N 337 
TYR OH  HH   sing N N 338 
TYR OXT HXT  sing N N 339 
VAL N   CA   sing N N 340 
VAL N   H    sing N N 341 
VAL N   H2   sing N N 342 
VAL CA  C    sing N N 343 
VAL CA  CB   sing N N 344 
VAL CA  HA   sing N N 345 
VAL C   O    doub N N 346 
VAL C   OXT  sing N N 347 
VAL CB  CG1  sing N N 348 
VAL CB  CG2  sing N N 349 
VAL CB  HB   sing N N 350 
VAL CG1 HG11 sing N N 351 
VAL CG1 HG12 sing N N 352 
VAL CG1 HG13 sing N N 353 
VAL CG2 HG21 sing N N 354 
VAL CG2 HG22 sing N N 355 
VAL CG2 HG23 sing N N 356 
VAL OXT HXT  sing N N 357 
# 
loop_
_pdbx_nmr_spectrometer.spectrometer_id 
_pdbx_nmr_spectrometer.model 
_pdbx_nmr_spectrometer.manufacturer 
_pdbx_nmr_spectrometer.field_strength 
1 DMX600 Bruker 500 
2 DMX500 Bruker 600 
# 
_atom_sites.entry_id                    1WJE 
_atom_sites.fract_transf_matrix[1][1]   1.000000 
_atom_sites.fract_transf_matrix[1][2]   0.000000 
_atom_sites.fract_transf_matrix[1][3]   0.000000 
_atom_sites.fract_transf_matrix[2][1]   0.000000 
_atom_sites.fract_transf_matrix[2][2]   1.000000 
_atom_sites.fract_transf_matrix[2][3]   0.000000 
_atom_sites.fract_transf_matrix[3][1]   0.000000 
_atom_sites.fract_transf_matrix[3][2]   0.000000 
_atom_sites.fract_transf_matrix[3][3]   1.000000 
_atom_sites.fract_transf_vector[1]      0.00000 
_atom_sites.fract_transf_vector[2]      0.00000 
_atom_sites.fract_transf_vector[3]      0.00000 
# 
loop_
_atom_type.symbol 
C  
CD 
H  
N  
O  
S  
# 
loop_
_atom_site.group_PDB 
_atom_site.id 
_atom_site.type_symbol 
_atom_site.label_atom_id 
_atom_site.label_alt_id 
_atom_site.label_comp_id 
_atom_site.label_asym_id 
_atom_site.label_entity_id 
_atom_site.label_seq_id 
_atom_site.pdbx_PDB_ins_code 
_atom_site.Cartn_x 
_atom_site.Cartn_y 
_atom_site.Cartn_z 
_atom_site.occupancy 
_atom_site.B_iso_or_equiv 
_atom_site.pdbx_formal_charge 
_atom_site.auth_seq_id 
_atom_site.auth_comp_id 
_atom_site.auth_asym_id 
_atom_site.auth_atom_id 
_atom_site.pdbx_PDB_model_num 
ATOM   1    N  N    . PHE A 1 1  ? -2.943  -10.648 -3.720  1.00 0.63 ? 1  PHE A N    1 
ATOM   2    C  CA   . PHE A 1 1  ? -4.166  -9.956  -3.228  1.00 0.32 ? 1  PHE A CA   1 
ATOM   3    C  C    . PHE A 1 1  ? -5.145  -10.995 -2.682  1.00 0.31 ? 1  PHE A C    1 
ATOM   4    O  O    . PHE A 1 1  ? -5.919  -11.584 -3.410  1.00 0.36 ? 1  PHE A O    1 
ATOM   5    C  CB   . PHE A 1 1  ? -4.798  -9.169  -4.375  1.00 0.53 ? 1  PHE A CB   1 
ATOM   6    C  CG   . PHE A 1 1  ? -3.702  -8.533  -5.209  1.00 0.46 ? 1  PHE A CG   1 
ATOM   7    C  CD1  . PHE A 1 1  ? -2.886  -7.520  -4.657  1.00 0.61 ? 1  PHE A CD1  1 
ATOM   8    C  CD2  . PHE A 1 1  ? -3.479  -8.966  -6.533  1.00 0.77 ? 1  PHE A CD2  1 
ATOM   9    C  CE1  . PHE A 1 1  ? -1.860  -6.942  -5.431  1.00 0.61 ? 1  PHE A CE1  1 
ATOM   10   C  CE2  . PHE A 1 1  ? -2.453  -8.382  -7.304  1.00 0.77 ? 1  PHE A CE2  1 
ATOM   11   C  CZ   . PHE A 1 1  ? -1.646  -7.371  -6.752  1.00 0.46 ? 1  PHE A CZ   1 
ATOM   12   H  H1   . PHE A 1 1  ? -3.034  -11.670 -3.555  1.00 1.15 ? 1  PHE A H1   1 
ATOM   13   H  H2   . PHE A 1 1  ? -2.830  -10.472 -4.738  1.00 1.33 ? 1  PHE A H2   1 
ATOM   14   H  H3   . PHE A 1 1  ? -2.113  -10.286 -3.208  1.00 1.20 ? 1  PHE A H3   1 
ATOM   15   H  HA   . PHE A 1 1  ? -3.899  -9.277  -2.436  1.00 0.57 ? 1  PHE A HA   1 
ATOM   16   H  HB2  . PHE A 1 1  ? -5.382  -9.838  -4.992  1.00 0.79 ? 1  PHE A HB2  1 
ATOM   17   H  HB3  . PHE A 1 1  ? -5.438  -8.400  -3.972  1.00 0.82 ? 1  PHE A HB3  1 
ATOM   18   H  HD1  . PHE A 1 1  ? -3.043  -7.188  -3.643  1.00 0.96 ? 1  PHE A HD1  1 
ATOM   19   H  HD2  . PHE A 1 1  ? -4.099  -9.741  -6.960  1.00 1.15 ? 1  PHE A HD2  1 
ATOM   20   H  HE1  . PHE A 1 1  ? -1.234  -6.170  -5.009  1.00 0.96 ? 1  PHE A HE1  1 
ATOM   21   H  HE2  . PHE A 1 1  ? -2.283  -8.713  -8.318  1.00 1.15 ? 1  PHE A HE2  1 
ATOM   22   H  HZ   . PHE A 1 1  ? -0.861  -6.923  -7.345  1.00 0.51 ? 1  PHE A HZ   1 
ATOM   23   N  N    . LEU A 1 2  ? -5.088  -11.236 -1.398  1.00 0.30 ? 2  LEU A N    1 
ATOM   24   C  CA   . LEU A 1 2  ? -5.982  -12.258 -0.765  1.00 0.36 ? 2  LEU A CA   1 
ATOM   25   C  C    . LEU A 1 2  ? -7.119  -11.594 0.007   1.00 0.39 ? 2  LEU A C    1 
ATOM   26   O  O    . LEU A 1 2  ? -6.963  -10.560 0.613   1.00 0.34 ? 2  LEU A O    1 
ATOM   27   C  CB   . LEU A 1 2  ? -5.162  -13.122 0.204   1.00 0.37 ? 2  LEU A CB   1 
ATOM   28   C  CG   . LEU A 1 2  ? -3.971  -13.770 -0.519  1.00 0.38 ? 2  LEU A CG   1 
ATOM   29   C  CD1  . LEU A 1 2  ? -3.091  -14.486 0.510   1.00 0.46 ? 2  LEU A CD1  1 
ATOM   30   C  CD2  . LEU A 1 2  ? -4.464  -14.795 -1.549  1.00 0.47 ? 2  LEU A CD2  1 
ATOM   31   H  H    . LEU A 1 2  ? -4.439  -10.753 -0.850  1.00 0.29 ? 2  LEU A H    1 
ATOM   32   H  HA   . LEU A 1 2  ? -6.412  -12.881 -1.517  1.00 0.40 ? 2  LEU A HA   1 
ATOM   33   H  HB2  . LEU A 1 2  ? -4.795  -12.503 1.010   1.00 0.34 ? 2  LEU A HB2  1 
ATOM   34   H  HB3  . LEU A 1 2  ? -5.794  -13.897 0.613   1.00 0.44 ? 2  LEU A HB3  1 
ATOM   35   H  HG   . LEU A 1 2  ? -3.392  -13.005 -1.015  1.00 0.34 ? 2  LEU A HG   1 
ATOM   36   H  HD11 . LEU A 1 2  ? -3.674  -15.237 1.022   1.00 1.11 ? 2  LEU A HD11 1 
ATOM   37   H  HD12 . LEU A 1 2  ? -2.259  -14.957 0.007   1.00 1.11 ? 2  LEU A HD12 1 
ATOM   38   H  HD13 . LEU A 1 2  ? -2.719  -13.770 1.228   1.00 1.15 ? 2  LEU A HD13 1 
ATOM   39   H  HD21 . LEU A 1 2  ? -5.249  -15.396 -1.113  1.00 1.14 ? 2  LEU A HD21 1 
ATOM   40   H  HD22 . LEU A 1 2  ? -4.843  -14.282 -2.419  1.00 1.02 ? 2  LEU A HD22 1 
ATOM   41   H  HD23 . LEU A 1 2  ? -3.644  -15.433 -1.843  1.00 1.10 ? 2  LEU A HD23 1 
ATOM   42   N  N    . ASP A 1 3  ? -8.264  -12.207 0.008   1.00 0.51 ? 3  ASP A N    1 
ATOM   43   C  CA   . ASP A 1 3  ? -9.410  -11.636 0.764   1.00 0.57 ? 3  ASP A CA   1 
ATOM   44   C  C    . ASP A 1 3  ? -9.006  -11.548 2.236   1.00 0.52 ? 3  ASP A C    1 
ATOM   45   O  O    . ASP A 1 3  ? -9.311  -10.590 2.917   1.00 0.50 ? 3  ASP A O    1 
ATOM   46   C  CB   . ASP A 1 3  ? -10.638 -12.539 0.610   1.00 0.72 ? 3  ASP A CB   1 
ATOM   47   C  CG   . ASP A 1 3  ? -11.290 -12.294 -0.755  1.00 1.35 ? 3  ASP A CG   1 
ATOM   48   O  OD1  . ASP A 1 3  ? -11.285 -11.157 -1.196  1.00 1.91 ? 3  ASP A OD1  1 
ATOM   49   O  OD2  . ASP A 1 3  ? -11.791 -13.246 -1.330  1.00 2.13 ? 3  ASP A OD2  1 
ATOM   50   H  H    . ASP A 1 3  ? -8.364  -13.052 -0.474  1.00 0.56 ? 3  ASP A H    1 
ATOM   51   H  HA   . ASP A 1 3  ? -9.631  -10.648 0.393   1.00 0.56 ? 3  ASP A HA   1 
ATOM   52   H  HB2  . ASP A 1 3  ? -10.335 -13.573 0.682   1.00 1.06 ? 3  ASP A HB2  1 
ATOM   53   H  HB3  . ASP A 1 3  ? -11.350 -12.317 1.391   1.00 1.15 ? 3  ASP A HB3  1 
ATOM   54   N  N    . GLY A 1 4  ? -8.304  -12.538 2.724   1.00 0.54 ? 4  GLY A N    1 
ATOM   55   C  CA   . GLY A 1 4  ? -7.855  -12.511 4.148   1.00 0.55 ? 4  GLY A CA   1 
ATOM   56   C  C    . GLY A 1 4  ? -7.268  -11.131 4.467   1.00 0.42 ? 4  GLY A C    1 
ATOM   57   O  O    . GLY A 1 4  ? -7.112  -10.758 5.610   1.00 0.41 ? 4  GLY A O    1 
ATOM   58   H  H    . GLY A 1 4  ? -8.060  -13.293 2.149   1.00 0.57 ? 4  GLY A H    1 
ATOM   59   H  HA2  . GLY A 1 4  ? -8.700  -12.704 4.795   1.00 0.62 ? 4  GLY A HA2  1 
ATOM   60   H  HA3  . GLY A 1 4  ? -7.100  -13.265 4.304   1.00 0.59 ? 4  GLY A HA3  1 
ATOM   61   N  N    . ILE A 1 5  ? -6.961  -10.362 3.461   1.00 0.34 ? 5  ILE A N    1 
ATOM   62   C  CA   . ILE A 1 5  ? -6.410  -8.999  3.699   1.00 0.26 ? 5  ILE A CA   1 
ATOM   63   C  C    . ILE A 1 5  ? -7.444  -8.194  4.499   1.00 0.27 ? 5  ILE A C    1 
ATOM   64   O  O    . ILE A 1 5  ? -7.103  -7.458  5.403   1.00 0.26 ? 5  ILE A O    1 
ATOM   65   C  CB   . ILE A 1 5  ? -6.083  -8.349  2.337   1.00 0.24 ? 5  ILE A CB   1 
ATOM   66   C  CG1  . ILE A 1 5  ? -4.873  -9.081  1.735   1.00 0.22 ? 5  ILE A CG1  1 
ATOM   67   C  CG2  . ILE A 1 5  ? -5.761  -6.837  2.479   1.00 0.25 ? 5  ILE A CG2  1 
ATOM   68   C  CD1  . ILE A 1 5  ? -4.695  -8.676  0.269   1.00 0.24 ? 5  ILE A CD1  1 
ATOM   69   H  H    . ILE A 1 5  ? -7.108  -10.676 2.544   1.00 0.37 ? 5  ILE A H    1 
ATOM   70   H  HA   . ILE A 1 5  ? -5.504  -9.084  4.281   1.00 0.26 ? 5  ILE A HA   1 
ATOM   71   H  HB   . ILE A 1 5  ? -6.928  -8.480  1.671   1.00 0.27 ? 5  ILE A HB   1 
ATOM   72   H  HG12 . ILE A 1 5  ? -3.982  -8.824  2.291   1.00 0.22 ? 5  ILE A HG12 1 
ATOM   73   H  HG13 . ILE A 1 5  ? -5.028  -10.146 1.797   1.00 0.23 ? 5  ILE A HG13 1 
ATOM   74   H  HG21 . ILE A 1 5  ? -6.364  -6.391  3.249   1.00 1.01 ? 5  ILE A HG21 1 
ATOM   75   H  HG22 . ILE A 1 5  ? -4.717  -6.703  2.726   1.00 1.06 ? 5  ILE A HG22 1 
ATOM   76   H  HG23 . ILE A 1 5  ? -5.969  -6.340  1.545   1.00 1.05 ? 5  ILE A HG23 1 
ATOM   77   H  HD11 . ILE A 1 5  ? -4.564  -7.607  0.200   1.00 1.03 ? 5  ILE A HD11 1 
ATOM   78   H  HD12 . ILE A 1 5  ? -3.824  -9.170  -0.133  1.00 0.97 ? 5  ILE A HD12 1 
ATOM   79   H  HD13 . ILE A 1 5  ? -5.565  -8.966  -0.299  1.00 1.03 ? 5  ILE A HD13 1 
ATOM   80   N  N    . ASP A 1 6  ? -8.703  -8.338  4.186   1.00 0.33 ? 6  ASP A N    1 
ATOM   81   C  CA   . ASP A 1 6  ? -9.754  -7.592  4.943   1.00 0.37 ? 6  ASP A CA   1 
ATOM   82   C  C    . ASP A 1 6  ? -9.650  -7.998  6.418   1.00 0.36 ? 6  ASP A C    1 
ATOM   83   O  O    . ASP A 1 6  ? -9.788  -7.194  7.318   1.00 0.37 ? 6  ASP A O    1 
ATOM   84   C  CB   . ASP A 1 6  ? -11.147 -7.989  4.382   1.00 0.46 ? 6  ASP A CB   1 
ATOM   85   C  CG   . ASP A 1 6  ? -11.809 -6.802  3.671   1.00 1.31 ? 6  ASP A CG   1 
ATOM   86   O  OD1  . ASP A 1 6  ? -11.096 -6.036  3.045   1.00 1.98 ? 6  ASP A OD1  1 
ATOM   87   O  OD2  . ASP A 1 6  ? -13.021 -6.686  3.765   1.00 2.09 ? 6  ASP A OD2  1 
ATOM   88   H  H    . ASP A 1 6  ? -8.958  -8.946  3.461   1.00 0.35 ? 6  ASP A H    1 
ATOM   89   H  HA   . ASP A 1 6  ? -9.591  -6.529  4.845   1.00 0.38 ? 6  ASP A HA   1 
ATOM   90   H  HB2  . ASP A 1 6  ? -11.022 -8.795  3.676   1.00 0.87 ? 6  ASP A HB2  1 
ATOM   91   H  HB3  . ASP A 1 6  ? -11.793 -8.322  5.185   1.00 0.98 ? 6  ASP A HB3  1 
ATOM   92   N  N    . LYS A 1 7  ? -9.409  -9.253  6.647   1.00 0.36 ? 7  LYS A N    1 
ATOM   93   C  CA   . LYS A 1 7  ? -9.287  -9.784  8.031   1.00 0.36 ? 7  LYS A CA   1 
ATOM   94   C  C    . LYS A 1 7  ? -8.093  -9.122  8.730   1.00 0.32 ? 7  LYS A C    1 
ATOM   95   O  O    . LYS A 1 7  ? -8.143  -8.787  9.897   1.00 0.33 ? 7  LYS A O    1 
ATOM   96   C  CB   . LYS A 1 7  ? -9.034  -11.287 7.895   1.00 0.39 ? 7  LYS A CB   1 
ATOM   97   C  CG   . LYS A 1 7  ? -9.317  -12.034 9.197   1.00 0.97 ? 7  LYS A CG   1 
ATOM   98   C  CD   . LYS A 1 7  ? -8.775  -13.486 9.074   1.00 1.06 ? 7  LYS A CD   1 
ATOM   99   C  CE   . LYS A 1 7  ? -9.740  -14.500 9.713   1.00 1.83 ? 7  LYS A CE   1 
ATOM   100  N  NZ   . LYS A 1 7  ? -10.442 -13.882 10.871  1.00 2.39 ? 7  LYS A NZ   1 
ATOM   101  H  H    . LYS A 1 7  ? -9.309  -9.865  5.889   1.00 0.36 ? 7  LYS A H    1 
ATOM   102  H  HA   . LYS A 1 7  ? -10.195 -9.608  8.586   1.00 0.40 ? 7  LYS A HA   1 
ATOM   103  H  HB2  . LYS A 1 7  ? -9.674  -11.680 7.120   1.00 0.91 ? 7  LYS A HB2  1 
ATOM   104  H  HB3  . LYS A 1 7  ? -8.005  -11.451 7.616   1.00 0.81 ? 7  LYS A HB3  1 
ATOM   105  H  HG2  . LYS A 1 7  ? -8.824  -11.525 10.016  1.00 1.52 ? 7  LYS A HG2  1 
ATOM   106  H  HG3  . LYS A 1 7  ? -10.381 -12.050 9.370   1.00 1.52 ? 7  LYS A HG3  1 
ATOM   107  H  HD2  . LYS A 1 7  ? -8.642  -13.744 8.030   1.00 1.38 ? 7  LYS A HD2  1 
ATOM   108  H  HD3  . LYS A 1 7  ? -7.815  -13.549 9.571   1.00 1.47 ? 7  LYS A HD3  1 
ATOM   109  H  HE2  . LYS A 1 7  ? -10.469 -14.814 8.980   1.00 2.36 ? 7  LYS A HE2  1 
ATOM   110  H  HE3  . LYS A 1 7  ? -9.182  -15.363 10.051  1.00 2.36 ? 7  LYS A HE3  1 
ATOM   111  H  HZ1  . LYS A 1 7  ? -9.895  -13.069 11.215  1.00 2.81 ? 7  LYS A HZ1  1 
ATOM   112  H  HZ2  . LYS A 1 7  ? -11.384 -13.562 10.571  1.00 2.82 ? 7  LYS A HZ2  1 
ATOM   113  H  HZ3  . LYS A 1 7  ? -10.540 -14.585 11.631  1.00 2.70 ? 7  LYS A HZ3  1 
ATOM   114  N  N    . ALA A 1 8  ? -7.018  -8.938  8.013   1.00 0.28 ? 8  ALA A N    1 
ATOM   115  C  CA   . ALA A 1 8  ? -5.804  -8.308  8.606   1.00 0.26 ? 8  ALA A CA   1 
ATOM   116  C  C    . ALA A 1 8  ? -6.120  -6.883  9.074   1.00 0.28 ? 8  ALA A C    1 
ATOM   117  O  O    . ALA A 1 8  ? -5.597  -6.419  10.067  1.00 0.30 ? 8  ALA A O    1 
ATOM   118  C  CB   . ALA A 1 8  ? -4.693  -8.276  7.555   1.00 0.26 ? 8  ALA A CB   1 
ATOM   119  H  H    . ALA A 1 8  ? -7.008  -9.221  7.076   1.00 0.28 ? 8  ALA A H    1 
ATOM   120  H  HA   . ALA A 1 8  ? -5.476  -8.894  9.452   1.00 0.27 ? 8  ALA A HA   1 
ATOM   121  H  HB1  . ALA A 1 8  ? -5.113  -8.000  6.600   1.00 1.03 ? 8  ALA A HB1  1 
ATOM   122  H  HB2  . ALA A 1 8  ? -3.941  -7.556  7.842   1.00 0.99 ? 8  ALA A HB2  1 
ATOM   123  H  HB3  . ALA A 1 8  ? -4.243  -9.255  7.480   1.00 1.05 ? 8  ALA A HB3  1 
ATOM   124  N  N    . GLN A 1 9  ? -6.960  -6.178  8.366   1.00 0.30 ? 9  GLN A N    1 
ATOM   125  C  CA   . GLN A 1 9  ? -7.286  -4.783  8.783   1.00 0.35 ? 9  GLN A CA   1 
ATOM   126  C  C    . GLN A 1 9  ? -7.896  -4.813  10.183  1.00 0.39 ? 9  GLN A C    1 
ATOM   127  O  O    . GLN A 1 9  ? -7.623  -3.971  11.015  1.00 0.42 ? 9  GLN A O    1 
ATOM   128  C  CB   . GLN A 1 9  ? -8.316  -4.185  7.819   1.00 0.39 ? 9  GLN A CB   1 
ATOM   129  C  CG   . GLN A 1 9  ? -7.677  -3.933  6.453   1.00 0.39 ? 9  GLN A CG   1 
ATOM   130  C  CD   . GLN A 1 9  ? -8.758  -3.481  5.468   1.00 0.54 ? 9  GLN A CD   1 
ATOM   131  O  OE1  . GLN A 1 9  ? -9.934  -3.552  5.766   1.00 1.08 ? 9  GLN A OE1  1 
ATOM   132  N  NE2  . GLN A 1 9  ? -8.408  -3.017  4.300   1.00 0.93 ? 9  GLN A NE2  1 
ATOM   133  H  H    . GLN A 1 9  ? -7.370  -6.560  7.562   1.00 0.30 ? 9  GLN A H    1 
ATOM   134  H  HA   . GLN A 1 9  ? -6.391  -4.180  8.781   1.00 0.36 ? 9  GLN A HA   1 
ATOM   135  H  HB2  . GLN A 1 9  ? -9.141  -4.873  7.707   1.00 0.39 ? 9  GLN A HB2  1 
ATOM   136  H  HB3  . GLN A 1 9  ? -8.681  -3.251  8.220   1.00 0.44 ? 9  GLN A HB3  1 
ATOM   137  H  HG2  . GLN A 1 9  ? -6.927  -3.162  6.544   1.00 0.48 ? 9  GLN A HG2  1 
ATOM   138  H  HG3  . GLN A 1 9  ? -7.222  -4.843  6.093   1.00 0.47 ? 9  GLN A HG3  1 
ATOM   139  H  HE21 . GLN A 1 9  ? -7.461  -2.961  4.059   1.00 1.41 ? 9  GLN A HE21 1 
ATOM   140  H  HE22 . GLN A 1 9  ? -9.095  -2.723  3.665   1.00 1.04 ? 9  GLN A HE22 1 
ATOM   141  N  N    . GLU A 1 10 ? -8.727  -5.782  10.439  1.00 0.40 ? 10 GLU A N    1 
ATOM   142  C  CA   . GLU A 1 10 ? -9.380  -5.891  11.773  1.00 0.45 ? 10 GLU A CA   1 
ATOM   143  C  C    . GLU A 1 10 ? -8.316  -6.079  12.865  1.00 0.44 ? 10 GLU A C    1 
ATOM   144  O  O    . GLU A 1 10 ? -8.423  -5.536  13.946  1.00 0.48 ? 10 GLU A O    1 
ATOM   145  C  CB   . GLU A 1 10 ? -10.350 -7.100  11.748  1.00 0.49 ? 10 GLU A CB   1 
ATOM   146  C  CG   . GLU A 1 10 ? -11.780 -6.656  12.085  1.00 1.33 ? 10 GLU A CG   1 
ATOM   147  C  CD   . GLU A 1 10 ? -12.700 -7.877  12.089  1.00 1.72 ? 10 GLU A CD   1 
ATOM   148  O  OE1  . GLU A 1 10 ? -12.629 -8.651  11.149  1.00 2.08 ? 10 GLU A OE1  1 
ATOM   149  O  OE2  . GLU A 1 10 ? -13.458 -8.020  13.035  1.00 2.40 ? 10 GLU A OE2  1 
ATOM   150  H  H    . GLU A 1 10 ? -8.931  -6.442  9.744   1.00 0.40 ? 10 GLU A H    1 
ATOM   151  H  HA   . GLU A 1 10 ? -9.926  -4.981  11.970  1.00 0.49 ? 10 GLU A HA   1 
ATOM   152  H  HB2  . GLU A 1 10 ? -10.342 -7.535  10.761  1.00 0.90 ? 10 GLU A HB2  1 
ATOM   153  H  HB3  . GLU A 1 10 ? -10.036 -7.848  12.464  1.00 0.98 ? 10 GLU A HB3  1 
ATOM   154  H  HG2  . GLU A 1 10 ? -11.793 -6.188  13.058  1.00 1.92 ? 10 GLU A HG2  1 
ATOM   155  H  HG3  . GLU A 1 10 ? -12.123 -5.952  11.341  1.00 1.95 ? 10 GLU A HG3  1 
ATOM   156  N  N    . GLU A 1 11 ? -7.305  -6.862  12.597  1.00 0.41 ? 11 GLU A N    1 
ATOM   157  C  CA   . GLU A 1 11 ? -6.250  -7.109  13.627  1.00 0.43 ? 11 GLU A CA   1 
ATOM   158  C  C    . GLU A 1 11 ? -5.065  -6.164  13.411  1.00 0.39 ? 11 GLU A C    1 
ATOM   159  O  O    . GLU A 1 11 ? -4.053  -6.266  14.077  1.00 0.40 ? 11 GLU A O    1 
ATOM   160  C  CB   . GLU A 1 11 ? -5.784  -8.563  13.531  1.00 0.47 ? 11 GLU A CB   1 
ATOM   161  C  CG   . GLU A 1 11 ? -6.966  -9.485  13.844  1.00 0.62 ? 11 GLU A CG   1 
ATOM   162  C  CD   . GLU A 1 11 ? -6.503  -10.943 13.842  1.00 1.29 ? 11 GLU A CD   1 
ATOM   163  O  OE1  . GLU A 1 11 ? -5.311  -11.166 13.976  1.00 1.97 ? 11 GLU A OE1  1 
ATOM   164  O  OE2  . GLU A 1 11 ? -7.350  -11.812 13.717  1.00 2.01 ? 11 GLU A OE2  1 
ATOM   165  H  H    . GLU A 1 11 ? -7.248  -7.302  11.723  1.00 0.39 ? 11 GLU A H    1 
ATOM   166  H  HA   . GLU A 1 11 ? -6.659  -6.939  14.613  1.00 0.48 ? 11 GLU A HA   1 
ATOM   167  H  HB2  . GLU A 1 11 ? -5.424  -8.762  12.531  1.00 0.50 ? 11 GLU A HB2  1 
ATOM   168  H  HB3  . GLU A 1 11 ? -4.992  -8.739  14.243  1.00 0.60 ? 11 GLU A HB3  1 
ATOM   169  H  HG2  . GLU A 1 11 ? -7.367  -9.236  14.816  1.00 1.08 ? 11 GLU A HG2  1 
ATOM   170  H  HG3  . GLU A 1 11 ? -7.732  -9.352  13.095  1.00 1.13 ? 11 GLU A HG3  1 
ATOM   171  N  N    . CYS A 1 12 ? -5.182  -5.231  12.503  1.00 0.38 ? 12 CYS A N    1 
ATOM   172  C  CA   . CYS A 1 12 ? -4.059  -4.276  12.279  1.00 0.37 ? 12 CYS A CA   1 
ATOM   173  C  C    . CYS A 1 12 ? -3.648  -3.685  13.630  1.00 0.39 ? 12 CYS A C    1 
ATOM   174  O  O    . CYS A 1 12 ? -2.479  -3.548  13.935  1.00 0.38 ? 12 CYS A O    1 
ATOM   175  C  CB   . CYS A 1 12 ? -4.517  -3.152  11.347  1.00 0.39 ? 12 CYS A CB   1 
ATOM   176  S  SG   . CYS A 1 12 ? -3.151  -1.995  11.078  1.00 0.40 ? 12 CYS A SG   1 
ATOM   177  H  H    . CYS A 1 12 ? -6.009  -5.151  11.984  1.00 0.39 ? 12 CYS A H    1 
ATOM   178  H  HA   . CYS A 1 12 ? -3.220  -4.796  11.839  1.00 0.35 ? 12 CYS A HA   1 
ATOM   179  H  HB2  . CYS A 1 12 ? -4.823  -3.573  10.401  1.00 0.41 ? 12 CYS A HB2  1 
ATOM   180  H  HB3  . CYS A 1 12 ? -5.348  -2.629  11.795  1.00 0.43 ? 12 CYS A HB3  1 
ATOM   181  N  N    . GLU A 1 13 ? -4.612  -3.354  14.447  1.00 0.45 ? 13 GLU A N    1 
ATOM   182  C  CA   . GLU A 1 13 ? -4.304  -2.791  15.792  1.00 0.51 ? 13 GLU A CA   1 
ATOM   183  C  C    . GLU A 1 13 ? -3.484  -3.813  16.581  1.00 0.48 ? 13 GLU A C    1 
ATOM   184  O  O    . GLU A 1 13 ? -2.634  -3.464  17.365  1.00 0.51 ? 13 GLU A O    1 
ATOM   185  C  CB   . GLU A 1 13 ? -5.627  -2.505  16.545  1.00 0.59 ? 13 GLU A CB   1 
ATOM   186  C  CG   . GLU A 1 13 ? -5.956  -1.009  16.520  1.00 1.23 ? 13 GLU A CG   1 
ATOM   187  C  CD   . GLU A 1 13 ? -7.206  -0.761  17.366  1.00 1.56 ? 13 GLU A CD   1 
ATOM   188  O  OE1  . GLU A 1 13 ? -7.899  -1.722  17.658  1.00 2.11 ? 13 GLU A OE1  1 
ATOM   189  O  OE2  . GLU A 1 13 ? -7.443  0.384   17.718  1.00 2.09 ? 13 GLU A OE2  1 
ATOM   190  H  H    . GLU A 1 13 ? -5.544  -3.490  14.178  1.00 0.47 ? 13 GLU A H    1 
ATOM   191  H  HA   . GLU A 1 13 ? -3.732  -1.881  15.681  1.00 0.52 ? 13 GLU A HA   1 
ATOM   192  H  HB2  . GLU A 1 13 ? -6.428  -3.047  16.066  1.00 1.06 ? 13 GLU A HB2  1 
ATOM   193  H  HB3  . GLU A 1 13 ? -5.549  -2.829  17.575  1.00 0.94 ? 13 GLU A HB3  1 
ATOM   194  H  HG2  . GLU A 1 13 ? -5.125  -0.450  16.928  1.00 1.82 ? 13 GLU A HG2  1 
ATOM   195  H  HG3  . GLU A 1 13 ? -6.141  -0.695  15.505  1.00 1.82 ? 13 GLU A HG3  1 
ATOM   196  N  N    . LYS A 1 14 ? -3.773  -5.069  16.403  1.00 0.47 ? 14 LYS A N    1 
ATOM   197  C  CA   . LYS A 1 14 ? -3.050  -6.125  17.161  1.00 0.48 ? 14 LYS A CA   1 
ATOM   198  C  C    . LYS A 1 14 ? -1.570  -6.145  16.764  1.00 0.44 ? 14 LYS A C    1 
ATOM   199  O  O    . LYS A 1 14 ? -0.702  -6.327  17.594  1.00 0.47 ? 14 LYS A O    1 
ATOM   200  C  CB   . LYS A 1 14 ? -3.698  -7.478  16.856  1.00 0.50 ? 14 LYS A CB   1 
ATOM   201  C  CG   . LYS A 1 14 ? -3.285  -8.511  17.914  1.00 0.93 ? 14 LYS A CG   1 
ATOM   202  C  CD   . LYS A 1 14 ? -4.135  -9.788  17.751  1.00 1.29 ? 14 LYS A CD   1 
ATOM   203  C  CE   . LYS A 1 14 ? -4.091  -10.646 19.031  1.00 1.76 ? 14 LYS A CE   1 
ATOM   204  N  NZ   . LYS A 1 14 ? -2.934  -11.580 18.965  1.00 2.37 ? 14 LYS A NZ   1 
ATOM   205  H  H    . LYS A 1 14 ? -4.490  -5.319  15.783  1.00 0.46 ? 14 LYS A H    1 
ATOM   206  H  HA   . LYS A 1 14 ? -3.131  -5.918  18.217  1.00 0.54 ? 14 LYS A HA   1 
ATOM   207  H  HB2  . LYS A 1 14 ? -4.771  -7.361  16.859  1.00 0.78 ? 14 LYS A HB2  1 
ATOM   208  H  HB3  . LYS A 1 14 ? -3.378  -7.816  15.881  1.00 0.88 ? 14 LYS A HB3  1 
ATOM   209  H  HG2  . LYS A 1 14 ? -2.239  -8.757  17.783  1.00 1.46 ? 14 LYS A HG2  1 
ATOM   210  H  HG3  . LYS A 1 14 ? -3.437  -8.096  18.896  1.00 1.52 ? 14 LYS A HG3  1 
ATOM   211  H  HD2  . LYS A 1 14 ? -5.160  -9.515  17.544  1.00 1.80 ? 14 LYS A HD2  1 
ATOM   212  H  HD3  . LYS A 1 14 ? -3.749  -10.367 16.925  1.00 1.70 ? 14 LYS A HD3  1 
ATOM   213  H  HE2  . LYS A 1 14 ? -3.996  -10.017 19.903  1.00 2.27 ? 14 LYS A HE2  1 
ATOM   214  H  HE3  . LYS A 1 14 ? -5.004  -11.219 19.108  1.00 2.11 ? 14 LYS A HE3  1 
ATOM   215  H  HZ1  . LYS A 1 14 ? -2.619  -11.672 17.978  1.00 2.86 ? 14 LYS A HZ1  1 
ATOM   216  H  HZ2  . LYS A 1 14 ? -2.157  -11.211 19.547  1.00 2.64 ? 14 LYS A HZ2  1 
ATOM   217  H  HZ3  . LYS A 1 14 ? -3.222  -12.512 19.327  1.00 2.82 ? 14 LYS A HZ3  1 
ATOM   218  N  N    . TYR A 1 15 ? -1.274  -5.968  15.507  1.00 0.39 ? 15 TYR A N    1 
ATOM   219  C  CA   . TYR A 1 15 ? 0.153   -5.986  15.069  1.00 0.37 ? 15 TYR A CA   1 
ATOM   220  C  C    . TYR A 1 15 ? 0.763   -4.594  15.247  1.00 0.39 ? 15 TYR A C    1 
ATOM   221  O  O    . TYR A 1 15 ? 1.963   -4.421  15.174  1.00 0.40 ? 15 TYR A O    1 
ATOM   222  C  CB   . TYR A 1 15 ? 0.222   -6.400  13.598  1.00 0.35 ? 15 TYR A CB   1 
ATOM   223  C  CG   . TYR A 1 15 ? -0.276  -7.818  13.460  1.00 0.38 ? 15 TYR A CG   1 
ATOM   224  C  CD1  . TYR A 1 15 ? 0.586   -8.893  13.739  1.00 0.43 ? 15 TYR A CD1  1 
ATOM   225  C  CD2  . TYR A 1 15 ? -1.603  -8.068  13.057  1.00 0.42 ? 15 TYR A CD2  1 
ATOM   226  C  CE1  . TYR A 1 15 ? 0.129   -10.217 13.616  1.00 0.49 ? 15 TYR A CE1  1 
ATOM   227  C  CE2  . TYR A 1 15 ? -2.063  -9.394  12.933  1.00 0.48 ? 15 TYR A CE2  1 
ATOM   228  C  CZ   . TYR A 1 15 ? -1.196  -10.469 13.212  1.00 0.50 ? 15 TYR A CZ   1 
ATOM   229  O  OH   . TYR A 1 15 ? -1.646  -11.768 13.091  1.00 0.59 ? 15 TYR A OH   1 
ATOM   230  H  H    . TYR A 1 15 ? -1.986  -5.827  14.849  1.00 0.37 ? 15 TYR A H    1 
ATOM   231  H  HA   . TYR A 1 15 ? 0.706   -6.698  15.666  1.00 0.40 ? 15 TYR A HA   1 
ATOM   232  H  HB2  . TYR A 1 15 ? -0.397  -5.739  13.009  1.00 0.36 ? 15 TYR A HB2  1 
ATOM   233  H  HB3  . TYR A 1 15 ? 1.243   -6.343  13.254  1.00 0.36 ? 15 TYR A HB3  1 
ATOM   234  H  HD1  . TYR A 1 15 ? 1.599   -8.700  14.052  1.00 0.46 ? 15 TYR A HD1  1 
ATOM   235  H  HD2  . TYR A 1 15 ? -2.267  -7.244  12.843  1.00 0.45 ? 15 TYR A HD2  1 
ATOM   236  H  HE1  . TYR A 1 15 ? 0.796   -11.039 13.829  1.00 0.57 ? 15 TYR A HE1  1 
ATOM   237  H  HE2  . TYR A 1 15 ? -3.080  -9.587  12.625  1.00 0.54 ? 15 TYR A HE2  1 
ATOM   238  H  HH   . TYR A 1 15 ? -0.882  -12.350 13.106  1.00 1.12 ? 15 TYR A HH   1 
ATOM   239  N  N    . HIS A 1 16 ? -0.054  -3.603  15.490  1.00 0.42 ? 16 HIS A N    1 
ATOM   240  C  CA   . HIS A 1 16 ? 0.472   -2.220  15.691  1.00 0.47 ? 16 HIS A CA   1 
ATOM   241  C  C    . HIS A 1 16 ? 1.273   -1.782  14.461  1.00 0.45 ? 16 HIS A C    1 
ATOM   242  O  O    . HIS A 1 16 ? 0.857   -1.961  13.334  1.00 0.45 ? 16 HIS A O    1 
ATOM   243  C  CB   . HIS A 1 16 ? 1.382   -2.171  16.928  1.00 0.51 ? 16 HIS A CB   1 
ATOM   244  C  CG   . HIS A 1 16 ? 0.672   -2.745  18.123  1.00 0.60 ? 16 HIS A CG   1 
ATOM   245  N  ND1  . HIS A 1 16 ? -0.392  -3.624  18.002  1.00 1.26 ? 16 HIS A ND1  1 
ATOM   246  C  CD2  . HIS A 1 16 ? 0.865   -2.575  19.472  1.00 1.30 ? 16 HIS A CD2  1 
ATOM   247  C  CE1  . HIS A 1 16 ? -0.797  -3.946  19.244  1.00 1.04 ? 16 HIS A CE1  1 
ATOM   248  N  NE2  . HIS A 1 16 ? -0.064  -3.333  20.173  1.00 1.01 ? 16 HIS A NE2  1 
ATOM   249  H  H    . HIS A 1 16 ? -1.017  -3.773  15.551  1.00 0.44 ? 16 HIS A H    1 
ATOM   250  H  HA   . HIS A 1 16 ? -0.358  -1.544  15.833  1.00 0.52 ? 16 HIS A HA   1 
ATOM   251  H  HB2  . HIS A 1 16 ? 2.280   -2.736  16.742  1.00 0.49 ? 16 HIS A HB2  1 
ATOM   252  H  HB3  . HIS A 1 16 ? 1.644   -1.143  17.134  1.00 0.56 ? 16 HIS A HB3  1 
ATOM   253  H  HD1  . HIS A 1 16 ? -0.785  -3.944  17.165  1.00 2.10 ? 16 HIS A HD1  1 
ATOM   254  H  HD2  . HIS A 1 16 ? 1.627   -1.952  19.919  1.00 2.25 ? 16 HIS A HD2  1 
ATOM   255  H  HE1  . HIS A 1 16 ? -1.620  -4.612  19.460  1.00 1.63 ? 16 HIS A HE1  1 
ATOM   256  H  HE2  . HIS A 1 16 ? -0.158  -3.406  21.146  1.00 1.45 ? 16 HIS A HE2  1 
ATOM   257  N  N    . SER A 1 17 ? 2.422   -1.202  14.685  1.00 0.48 ? 17 SER A N    1 
ATOM   258  C  CA   . SER A 1 17 ? 3.274   -0.733  13.558  1.00 0.51 ? 17 SER A CA   1 
ATOM   259  C  C    . SER A 1 17 ? 4.133   -1.897  13.041  1.00 0.46 ? 17 SER A C    1 
ATOM   260  O  O    . SER A 1 17 ? 4.864   -1.757  12.082  1.00 0.48 ? 17 SER A O    1 
ATOM   261  C  CB   . SER A 1 17 ? 4.170   0.411   14.064  1.00 0.60 ? 17 SER A CB   1 
ATOM   262  O  OG   . SER A 1 17 ? 3.637   1.650   13.617  1.00 1.44 ? 17 SER A OG   1 
ATOM   263  H  H    . SER A 1 17 ? 2.726   -1.070  15.606  1.00 0.51 ? 17 SER A H    1 
ATOM   264  H  HA   . SER A 1 17 ? 2.646   -0.369  12.758  1.00 0.52 ? 17 SER A HA   1 
ATOM   265  H  HB2  . SER A 1 17 ? 4.186   0.404   15.140  1.00 1.17 ? 17 SER A HB2  1 
ATOM   266  H  HB3  . SER A 1 17 ? 5.182   0.291   13.692  1.00 1.14 ? 17 SER A HB3  1 
ATOM   267  H  HG   . SER A 1 17 ? 4.128   1.920   12.838  1.00 1.86 ? 17 SER A HG   1 
ATOM   268  N  N    . ASN A 1 18 ? 4.061   -3.038  13.672  1.00 0.43 ? 18 ASN A N    1 
ATOM   269  C  CA   . ASN A 1 18 ? 4.889   -4.190  13.211  1.00 0.41 ? 18 ASN A CA   1 
ATOM   270  C  C    . ASN A 1 18 ? 4.218   -4.862  12.014  1.00 0.34 ? 18 ASN A C    1 
ATOM   271  O  O    . ASN A 1 18 ? 3.628   -5.917  12.132  1.00 0.32 ? 18 ASN A O    1 
ATOM   272  C  CB   . ASN A 1 18 ? 5.030   -5.206  14.345  1.00 0.44 ? 18 ASN A CB   1 
ATOM   273  C  CG   . ASN A 1 18 ? 5.922   -4.628  15.443  1.00 0.54 ? 18 ASN A CG   1 
ATOM   274  O  OD1  . ASN A 1 18 ? 6.677   -3.707  15.208  1.00 0.58 ? 18 ASN A OD1  1 
ATOM   275  N  ND2  . ASN A 1 18 ? 5.867   -5.138  16.643  1.00 0.70 ? 18 ASN A ND2  1 
ATOM   276  H  H    . ASN A 1 18 ? 3.473   -3.134  14.451  1.00 0.43 ? 18 ASN A H    1 
ATOM   277  H  HA   . ASN A 1 18 ? 5.868   -3.837  12.923  1.00 0.46 ? 18 ASN A HA   1 
ATOM   278  H  HB2  . ASN A 1 18 ? 4.054   -5.429  14.752  1.00 0.42 ? 18 ASN A HB2  1 
ATOM   279  H  HB3  . ASN A 1 18 ? 5.476   -6.112  13.963  1.00 0.45 ? 18 ASN A HB3  1 
ATOM   280  H  HD21 . ASN A 1 18 ? 5.261   -5.885  16.831  1.00 0.81 ? 18 ASN A HD21 1 
ATOM   281  H  HD22 . ASN A 1 18 ? 6.434   -4.775  17.356  1.00 0.77 ? 18 ASN A HD22 1 
ATOM   282  N  N    . TRP A 1 19 ? 4.314   -4.264  10.859  1.00 0.32 ? 19 TRP A N    1 
ATOM   283  C  CA   . TRP A 1 19 ? 3.694   -4.875  9.652   1.00 0.28 ? 19 TRP A CA   1 
ATOM   284  C  C    . TRP A 1 19 ? 4.472   -6.132  9.260   1.00 0.27 ? 19 TRP A C    1 
ATOM   285  O  O    . TRP A 1 19 ? 3.939   -7.039  8.651   1.00 0.25 ? 19 TRP A O    1 
ATOM   286  C  CB   . TRP A 1 19 ? 3.723   -3.870  8.498   1.00 0.30 ? 19 TRP A CB   1 
ATOM   287  C  CG   . TRP A 1 19 ? 5.135   -3.468  8.206   1.00 0.33 ? 19 TRP A CG   1 
ATOM   288  C  CD1  . TRP A 1 19 ? 5.771   -2.412  8.766   1.00 0.41 ? 19 TRP A CD1  1 
ATOM   289  C  CD2  . TRP A 1 19 ? 6.094   -4.091  7.301   1.00 0.32 ? 19 TRP A CD2  1 
ATOM   290  N  NE1  . TRP A 1 19 ? 7.056   -2.339  8.258   1.00 0.44 ? 19 TRP A NE1  1 
ATOM   291  C  CE2  . TRP A 1 19 ? 7.306   -3.350  7.353   1.00 0.39 ? 19 TRP A CE2  1 
ATOM   292  C  CE3  . TRP A 1 19 ? 6.033   -5.215  6.444   1.00 0.29 ? 19 TRP A CE3  1 
ATOM   293  C  CZ2  . TRP A 1 19 ? 8.420   -3.713  6.582   1.00 0.42 ? 19 TRP A CZ2  1 
ATOM   294  C  CZ3  . TRP A 1 19 ? 7.152   -5.583  5.666   1.00 0.35 ? 19 TRP A CZ3  1 
ATOM   295  C  CH2  . TRP A 1 19 ? 8.342   -4.832  5.736   1.00 0.40 ? 19 TRP A CH2  1 
ATOM   296  H  H    . TRP A 1 19 ? 4.802   -3.417  10.785  1.00 0.36 ? 19 TRP A H    1 
ATOM   297  H  HA   . TRP A 1 19 ? 2.671   -5.139  9.871   1.00 0.27 ? 19 TRP A HA   1 
ATOM   298  H  HB2  . TRP A 1 19 ? 3.290   -4.320  7.619   1.00 0.28 ? 19 TRP A HB2  1 
ATOM   299  H  HB3  . TRP A 1 19 ? 3.152   -2.997  8.770   1.00 0.33 ? 19 TRP A HB3  1 
ATOM   300  H  HD1  . TRP A 1 19 ? 5.342   -1.732  9.488   1.00 0.45 ? 19 TRP A HD1  1 
ATOM   301  H  HE1  . TRP A 1 19 ? 7.721   -1.662  8.499   1.00 0.50 ? 19 TRP A HE1  1 
ATOM   302  H  HE3  . TRP A 1 19 ? 5.127   -5.797  6.387   1.00 0.26 ? 19 TRP A HE3  1 
ATOM   303  H  HZ2  . TRP A 1 19 ? 9.331   -3.135  6.636   1.00 0.48 ? 19 TRP A HZ2  1 
ATOM   304  H  HZ3  . TRP A 1 19 ? 7.096   -6.442  5.015   1.00 0.36 ? 19 TRP A HZ3  1 
ATOM   305  H  HH2  . TRP A 1 19 ? 9.196   -5.117  5.138   1.00 0.45 ? 19 TRP A HH2  1 
ATOM   306  N  N    . ARG A 1 20 ? 5.730   -6.191  9.599   1.00 0.31 ? 20 ARG A N    1 
ATOM   307  C  CA   . ARG A 1 20 ? 6.545   -7.386  9.239   1.00 0.33 ? 20 ARG A CA   1 
ATOM   308  C  C    . ARG A 1 20 ? 5.949   -8.642  9.871   1.00 0.33 ? 20 ARG A C    1 
ATOM   309  O  O    . ARG A 1 20 ? 5.891   -9.689  9.256   1.00 0.34 ? 20 ARG A O    1 
ATOM   310  C  CB   . ARG A 1 20 ? 7.971   -7.201  9.751   1.00 0.41 ? 20 ARG A CB   1 
ATOM   311  C  CG   . ARG A 1 20 ? 8.668   -6.114  8.934   1.00 0.48 ? 20 ARG A CG   1 
ATOM   312  C  CD   . ARG A 1 20 ? 10.113  -5.974  9.408   1.00 0.71 ? 20 ARG A CD   1 
ATOM   313  N  NE   . ARG A 1 20 ? 10.790  -4.913  8.611   1.00 0.85 ? 20 ARG A NE   1 
ATOM   314  C  CZ   . ARG A 1 20 ? 11.941  -4.441  9.001   1.00 1.32 ? 20 ARG A CZ   1 
ATOM   315  N  NH1  . ARG A 1 20 ? 12.494  -4.893  10.093  1.00 1.69 ? 20 ARG A NH1  1 
ATOM   316  N  NH2  . ARG A 1 20 ? 12.538  -3.518  8.300   1.00 1.63 ? 20 ARG A NH2  1 
ATOM   317  H  H    . ARG A 1 20 ? 6.141   -5.446  10.085  1.00 0.34 ? 20 ARG A H    1 
ATOM   318  H  HA   . ARG A 1 20 ? 6.562   -7.498  8.166   1.00 0.33 ? 20 ARG A HA   1 
ATOM   319  H  HB2  . ARG A 1 20 ? 7.945   -6.909  10.790  1.00 0.44 ? 20 ARG A HB2  1 
ATOM   320  H  HB3  . ARG A 1 20 ? 8.513   -8.129  9.649   1.00 0.43 ? 20 ARG A HB3  1 
ATOM   321  H  HG2  . ARG A 1 20 ? 8.653   -6.383  7.888   1.00 0.76 ? 20 ARG A HG2  1 
ATOM   322  H  HG3  . ARG A 1 20 ? 8.153   -5.175  9.072   1.00 0.76 ? 20 ARG A HG3  1 
ATOM   323  H  HD2  . ARG A 1 20 ? 10.127  -5.702  10.451  1.00 1.13 ? 20 ARG A HD2  1 
ATOM   324  H  HD3  . ARG A 1 20 ? 10.626  -6.915  9.275   1.00 0.94 ? 20 ARG A HD3  1 
ATOM   325  H  HE   . ARG A 1 20 ? 10.372  -4.573  7.793   1.00 0.87 ? 20 ARG A HE   1 
ATOM   326  H  HH11 . ARG A 1 20 ? 12.034  -5.601  10.630  1.00 1.62 ? 20 ARG A HH11 1 
ATOM   327  H  HH12 . ARG A 1 20 ? 13.377  -4.532  10.392  1.00 2.13 ? 20 ARG A HH12 1 
ATOM   328  H  HH21 . ARG A 1 20 ? 12.113  -3.173  7.463   1.00 1.57 ? 20 ARG A HH21 1 
ATOM   329  H  HH22 . ARG A 1 20 ? 13.421  -3.157  8.597   1.00 2.03 ? 20 ARG A HH22 1 
ATOM   330  N  N    . ALA A 1 21 ? 5.507   -8.554  11.093  1.00 0.35 ? 21 ALA A N    1 
ATOM   331  C  CA   . ALA A 1 21 ? 4.922   -9.753  11.751  1.00 0.38 ? 21 ALA A CA   1 
ATOM   332  C  C    . ALA A 1 21 ? 3.630   -10.135 11.028  1.00 0.35 ? 21 ALA A C    1 
ATOM   333  O  O    . ALA A 1 21 ? 3.365   -11.294 10.775  1.00 0.38 ? 21 ALA A O    1 
ATOM   334  C  CB   . ALA A 1 21 ? 4.621   -9.433  13.216  1.00 0.42 ? 21 ALA A CB   1 
ATOM   335  H  H    . ALA A 1 21 ? 5.564   -7.704  11.577  1.00 0.35 ? 21 ALA A H    1 
ATOM   336  H  HA   . ALA A 1 21 ? 5.622   -10.574 11.697  1.00 0.41 ? 21 ALA A HA   1 
ATOM   337  H  HB1  . ALA A 1 21 ? 5.475   -8.944  13.661  1.00 1.15 ? 21 ALA A HB1  1 
ATOM   338  H  HB2  . ALA A 1 21 ? 3.767   -8.779  13.271  1.00 1.06 ? 21 ALA A HB2  1 
ATOM   339  H  HB3  . ALA A 1 21 ? 4.410   -10.347 13.751  1.00 1.10 ? 21 ALA A HB3  1 
ATOM   340  N  N    . MET A 1 22 ? 2.828   -9.166  10.679  1.00 0.32 ? 22 MET A N    1 
ATOM   341  C  CA   . MET A 1 22 ? 1.561   -9.465  9.955   1.00 0.33 ? 22 MET A CA   1 
ATOM   342  C  C    . MET A 1 22 ? 1.892   -10.119 8.610   1.00 0.30 ? 22 MET A C    1 
ATOM   343  O  O    . MET A 1 22 ? 1.296   -11.102 8.222   1.00 0.30 ? 22 MET A O    1 
ATOM   344  C  CB   . MET A 1 22 ? 0.789   -8.164  9.734   1.00 0.38 ? 22 MET A CB   1 
ATOM   345  C  CG   . MET A 1 22 ? -0.515  -8.456  8.991   1.00 0.37 ? 22 MET A CG   1 
ATOM   346  S  SD   . MET A 1 22 ? -1.602  -7.009  9.085   1.00 0.84 ? 22 MET A SD   1 
ATOM   347  C  CE   . MET A 1 22 ? -0.485  -5.819  8.303   1.00 0.62 ? 22 MET A CE   1 
ATOM   348  H  H    . MET A 1 22 ? 3.067   -8.237  10.883  1.00 0.32 ? 22 MET A H    1 
ATOM   349  H  HA   . MET A 1 22 ? 0.961   -10.145 10.544  1.00 0.38 ? 22 MET A HA   1 
ATOM   350  H  HB2  . MET A 1 22 ? 0.566   -7.711  10.690  1.00 0.44 ? 22 MET A HB2  1 
ATOM   351  H  HB3  . MET A 1 22 ? 1.391   -7.485  9.149   1.00 0.42 ? 22 MET A HB3  1 
ATOM   352  H  HG2  . MET A 1 22 ? -0.298  -8.676  7.956   1.00 0.44 ? 22 MET A HG2  1 
ATOM   353  H  HG3  . MET A 1 22 ? -1.005  -9.304  9.445   1.00 0.50 ? 22 MET A HG3  1 
ATOM   354  H  HE1  . MET A 1 22 ? 0.122   -6.325  7.565   1.00 1.38 ? 22 MET A HE1  1 
ATOM   355  H  HE2  . MET A 1 22 ? -1.062  -5.047  7.821   1.00 1.19 ? 22 MET A HE2  1 
ATOM   356  H  HE3  . MET A 1 22 ? 0.151   -5.374  9.056   1.00 1.22 ? 22 MET A HE3  1 
ATOM   357  N  N    . ALA A 1 23 ? 2.851   -9.589  7.904   1.00 0.30 ? 23 ALA A N    1 
ATOM   358  C  CA   . ALA A 1 23 ? 3.231   -10.189 6.593   1.00 0.31 ? 23 ALA A CA   1 
ATOM   359  C  C    . ALA A 1 23 ? 3.622   -11.652 6.813   1.00 0.32 ? 23 ALA A C    1 
ATOM   360  O  O    . ALA A 1 23 ? 3.305   -12.519 6.023   1.00 0.33 ? 23 ALA A O    1 
ATOM   361  C  CB   . ALA A 1 23 ? 4.426   -9.426  6.017   1.00 0.35 ? 23 ALA A CB   1 
ATOM   362  H  H    . ALA A 1 23 ? 3.330   -8.803  8.241   1.00 0.32 ? 23 ALA A H    1 
ATOM   363  H  HA   . ALA A 1 23 ? 2.393   -10.131 5.907   1.00 0.32 ? 23 ALA A HA   1 
ATOM   364  H  HB1  . ALA A 1 23 ? 5.254   -9.480  6.706   1.00 1.06 ? 23 ALA A HB1  1 
ATOM   365  H  HB2  . ALA A 1 23 ? 4.714   -9.867  5.075   1.00 1.12 ? 23 ALA A HB2  1 
ATOM   366  H  HB3  . ALA A 1 23 ? 4.154   -8.393  5.862   1.00 1.03 ? 23 ALA A HB3  1 
ATOM   367  N  N    . SER A 1 24 ? 4.318   -11.925 7.884   1.00 0.34 ? 24 SER A N    1 
ATOM   368  C  CA   . SER A 1 24 ? 4.748   -13.323 8.172   1.00 0.38 ? 24 SER A CA   1 
ATOM   369  C  C    . SER A 1 24 ? 3.521   -14.203 8.460   1.00 0.38 ? 24 SER A C    1 
ATOM   370  O  O    . SER A 1 24 ? 3.473   -15.354 8.073   1.00 0.42 ? 24 SER A O    1 
ATOM   371  C  CB   . SER A 1 24 ? 5.706   -13.313 9.378   1.00 0.43 ? 24 SER A CB   1 
ATOM   372  O  OG   . SER A 1 24 ? 7.015   -13.645 8.935   1.00 1.22 ? 24 SER A OG   1 
ATOM   373  H  H    . SER A 1 24 ? 4.565   -11.204 8.500   1.00 0.33 ? 24 SER A H    1 
ATOM   374  H  HA   . SER A 1 24 ? 5.268   -13.715 7.311   1.00 0.41 ? 24 SER A HA   1 
ATOM   375  H  HB2  . SER A 1 24 ? 5.724   -12.328 9.812   1.00 0.92 ? 24 SER A HB2  1 
ATOM   376  H  HB3  . SER A 1 24 ? 5.379   -14.024 10.128  1.00 0.98 ? 24 SER A HB3  1 
ATOM   377  H  HG   . SER A 1 24 ? 7.090   -14.603 8.925   1.00 1.66 ? 24 SER A HG   1 
ATOM   378  N  N    . ASP A 1 25 ? 2.538   -13.680 9.140   1.00 0.36 ? 25 ASP A N    1 
ATOM   379  C  CA   . ASP A 1 25 ? 1.332   -14.507 9.452   1.00 0.39 ? 25 ASP A CA   1 
ATOM   380  C  C    . ASP A 1 25 ? 0.529   -14.771 8.177   1.00 0.37 ? 25 ASP A C    1 
ATOM   381  O  O    . ASP A 1 25 ? 0.050   -15.866 7.959   1.00 0.40 ? 25 ASP A O    1 
ATOM   382  C  CB   . ASP A 1 25 ? 0.442   -13.769 10.470  1.00 0.40 ? 25 ASP A CB   1 
ATOM   383  C  CG   . ASP A 1 25 ? 0.940   -14.008 11.903  1.00 1.10 ? 25 ASP A CG   1 
ATOM   384  O  OD1  . ASP A 1 25 ? 1.804   -14.849 12.084  1.00 1.78 ? 25 ASP A OD1  1 
ATOM   385  O  OD2  . ASP A 1 25 ? 0.440   -13.344 12.795  1.00 1.81 ? 25 ASP A OD2  1 
ATOM   386  H  H    . ASP A 1 25 ? 2.595   -12.754 9.451   1.00 0.35 ? 25 ASP A H    1 
ATOM   387  H  HA   . ASP A 1 25 ? 1.646   -15.451 9.864   1.00 0.43 ? 25 ASP A HA   1 
ATOM   388  H  HB2  . ASP A 1 25 ? 0.473   -12.709 10.262  1.00 0.71 ? 25 ASP A HB2  1 
ATOM   389  H  HB3  . ASP A 1 25 ? -0.579  -14.116 10.387  1.00 0.88 ? 25 ASP A HB3  1 
ATOM   390  N  N    . PHE A 1 26 ? 0.370   -13.787 7.336   1.00 0.34 ? 26 PHE A N    1 
ATOM   391  C  CA   . PHE A 1 26 ? -0.416  -13.999 6.081   1.00 0.34 ? 26 PHE A CA   1 
ATOM   392  C  C    . PHE A 1 26 ? 0.536   -14.333 4.928   1.00 0.35 ? 26 PHE A C    1 
ATOM   393  O  O    . PHE A 1 26 ? 0.116   -14.564 3.812   1.00 0.37 ? 26 PHE A O    1 
ATOM   394  C  CB   . PHE A 1 26 ? -1.197  -12.733 5.746   1.00 0.33 ? 26 PHE A CB   1 
ATOM   395  C  CG   . PHE A 1 26 ? -2.282  -12.500 6.776   1.00 0.33 ? 26 PHE A CG   1 
ATOM   396  C  CD1  . PHE A 1 26 ? -2.003  -11.773 7.951   1.00 0.35 ? 26 PHE A CD1  1 
ATOM   397  C  CD2  . PHE A 1 26 ? -3.582  -12.999 6.553   1.00 0.36 ? 26 PHE A CD2  1 
ATOM   398  C  CE1  . PHE A 1 26 ? -3.019  -11.548 8.899   1.00 0.38 ? 26 PHE A CE1  1 
ATOM   399  C  CE2  . PHE A 1 26 ? -4.596  -12.774 7.502   1.00 0.38 ? 26 PHE A CE2  1 
ATOM   400  C  CZ   . PHE A 1 26 ? -4.315  -12.049 8.675   1.00 0.39 ? 26 PHE A CZ   1 
ATOM   401  H  H    . PHE A 1 26 ? 0.760   -12.910 7.529   1.00 0.32 ? 26 PHE A H    1 
ATOM   402  H  HA   . PHE A 1 26 ? -1.110  -14.818 6.217   1.00 0.37 ? 26 PHE A HA   1 
ATOM   403  H  HB2  . PHE A 1 26 ? -0.527  -11.886 5.725   1.00 0.32 ? 26 PHE A HB2  1 
ATOM   404  H  HB3  . PHE A 1 26 ? -1.651  -12.859 4.780   1.00 0.34 ? 26 PHE A HB3  1 
ATOM   405  H  HD1  . PHE A 1 26 ? -1.011  -11.389 8.126   1.00 0.37 ? 26 PHE A HD1  1 
ATOM   406  H  HD2  . PHE A 1 26 ? -3.801  -13.554 5.655   1.00 0.38 ? 26 PHE A HD2  1 
ATOM   407  H  HE1  . PHE A 1 26 ? -2.804  -10.991 9.799   1.00 0.42 ? 26 PHE A HE1  1 
ATOM   408  H  HE2  . PHE A 1 26 ? -5.591  -13.157 7.329   1.00 0.42 ? 26 PHE A HE2  1 
ATOM   409  H  HZ   . PHE A 1 26 ? -5.094  -11.875 9.402   1.00 0.42 ? 26 PHE A HZ   1 
ATOM   410  N  N    . ASN A 1 27 ? 1.813   -14.376 5.195   1.00 0.36 ? 27 ASN A N    1 
ATOM   411  C  CA   . ASN A 1 27 ? 2.798   -14.715 4.124   1.00 0.39 ? 27 ASN A CA   1 
ATOM   412  C  C    . ASN A 1 27 ? 2.610   -13.810 2.901   1.00 0.36 ? 27 ASN A C    1 
ATOM   413  O  O    . ASN A 1 27 ? 2.592   -14.278 1.781   1.00 0.41 ? 27 ASN A O    1 
ATOM   414  C  CB   . ASN A 1 27 ? 2.609   -16.174 3.703   1.00 0.44 ? 27 ASN A CB   1 
ATOM   415  C  CG   . ASN A 1 27 ? 2.842   -17.088 4.907   1.00 0.50 ? 27 ASN A CG   1 
ATOM   416  O  OD1  . ASN A 1 27 ? 2.130   -18.054 5.100   1.00 0.75 ? 27 ASN A OD1  1 
ATOM   417  N  ND2  . ASN A 1 27 ? 3.816   -16.822 5.734   1.00 0.63 ? 27 ASN A ND2  1 
ATOM   418  H  H    . ASN A 1 27 ? 2.128   -14.196 6.104   1.00 0.36 ? 27 ASN A H    1 
ATOM   419  H  HA   . ASN A 1 27 ? 3.799   -14.586 4.510   1.00 0.40 ? 27 ASN A HA   1 
ATOM   420  H  HB2  . ASN A 1 27 ? 1.604   -16.316 3.333   1.00 0.45 ? 27 ASN A HB2  1 
ATOM   421  H  HB3  . ASN A 1 27 ? 3.317   -16.420 2.927   1.00 0.47 ? 27 ASN A HB3  1 
ATOM   422  H  HD21 . ASN A 1 27 ? 4.390   -16.043 5.580   1.00 0.86 ? 27 ASN A HD21 1 
ATOM   423  H  HD22 . ASN A 1 27 ? 3.974   -17.402 6.509   1.00 0.66 ? 27 ASN A HD22 1 
ATOM   424  N  N    . LEU A 1 28 ? 2.492   -12.517 3.101   1.00 0.32 ? 28 LEU A N    1 
ATOM   425  C  CA   . LEU A 1 28 ? 2.328   -11.574 1.940   1.00 0.32 ? 28 LEU A CA   1 
ATOM   426  C  C    . LEU A 1 28 ? 3.574   -10.682 1.844   1.00 0.32 ? 28 LEU A C    1 
ATOM   427  O  O    . LEU A 1 28 ? 4.199   -10.387 2.842   1.00 0.46 ? 28 LEU A O    1 
ATOM   428  C  CB   . LEU A 1 28 ? 1.115   -10.659 2.169   1.00 0.32 ? 28 LEU A CB   1 
ATOM   429  C  CG   . LEU A 1 28 ? -0.220  -11.411 1.974   1.00 0.33 ? 28 LEU A CG   1 
ATOM   430  C  CD1  . LEU A 1 28 ? -1.390  -10.580 2.595   1.00 0.34 ? 28 LEU A CD1  1 
ATOM   431  C  CD2  . LEU A 1 28 ? -0.484  -11.628 0.465   1.00 0.40 ? 28 LEU A CD2  1 
ATOM   432  H  H    . LEU A 1 28 ? 2.525   -12.163 4.015   1.00 0.30 ? 28 LEU A H    1 
ATOM   433  H  HA   . LEU A 1 28 ? 2.204   -12.129 1.029   1.00 0.35 ? 28 LEU A HA   1 
ATOM   434  H  HB2  . LEU A 1 28 ? 1.162   -10.278 3.178   1.00 0.31 ? 28 LEU A HB2  1 
ATOM   435  H  HB3  . LEU A 1 28 ? 1.159   -9.832  1.479   1.00 0.36 ? 28 LEU A HB3  1 
ATOM   436  H  HG   . LEU A 1 28 ? -0.156  -12.373 2.468   1.00 0.34 ? 28 LEU A HG   1 
ATOM   437  H  HD11 . LEU A 1 28 ? -1.019  -9.655  3.015   1.00 1.07 ? 28 LEU A HD11 1 
ATOM   438  H  HD12 . LEU A 1 28 ? -2.128  -10.345 1.840   1.00 1.02 ? 28 LEU A HD12 1 
ATOM   439  H  HD13 . LEU A 1 28 ? -1.863  -11.146 3.376   1.00 1.13 ? 28 LEU A HD13 1 
ATOM   440  H  HD21 . LEU A 1 28 ? -0.355  -10.696 -0.064  1.00 1.04 ? 28 LEU A HD21 1 
ATOM   441  H  HD22 . LEU A 1 28 ? 0.201   -12.361 0.072   1.00 1.10 ? 28 LEU A HD22 1 
ATOM   442  H  HD23 . LEU A 1 28 ? -1.496  -11.980 0.327   1.00 1.13 ? 28 LEU A HD23 1 
ATOM   443  N  N    . PRO A 1 29 ? 3.926   -10.231 0.660   1.00 0.29 ? 29 PRO A N    1 
ATOM   444  C  CA   . PRO A 1 29 ? 5.105   -9.338  0.481   1.00 0.30 ? 29 PRO A CA   1 
ATOM   445  C  C    . PRO A 1 29 ? 4.838   -7.935  1.066   1.00 0.27 ? 29 PRO A C    1 
ATOM   446  O  O    . PRO A 1 29 ? 3.702   -7.512  1.161   1.00 0.30 ? 29 PRO A O    1 
ATOM   447  C  CB   . PRO A 1 29 ? 5.304   -9.280  -1.043  1.00 0.35 ? 29 PRO A CB   1 
ATOM   448  C  CG   . PRO A 1 29 ? 3.962   -9.600  -1.627  1.00 0.63 ? 29 PRO A CG   1 
ATOM   449  C  CD   . PRO A 1 29 ? 3.257   -10.519 -0.622  1.00 0.42 ? 29 PRO A CD   1 
ATOM   450  H  HA   . PRO A 1 29 ? 5.966   -9.788  0.943   1.00 0.34 ? 29 PRO A HA   1 
ATOM   451  H  HB2  . PRO A 1 29 ? 5.627   -8.291  -1.347  1.00 0.52 ? 29 PRO A HB2  1 
ATOM   452  H  HB3  . PRO A 1 29 ? 6.028   -10.020 -1.354  1.00 0.60 ? 29 PRO A HB3  1 
ATOM   453  H  HG2  . PRO A 1 29 ? 3.390   -8.689  -1.767  1.00 0.98 ? 29 PRO A HG2  1 
ATOM   454  H  HG3  . PRO A 1 29 ? 4.075   -10.112 -2.572  1.00 0.97 ? 29 PRO A HG3  1 
ATOM   455  H  HD2  . PRO A 1 29 ? 2.203   -10.283 -0.565  1.00 0.49 ? 29 PRO A HD2  1 
ATOM   456  H  HD3  . PRO A 1 29 ? 3.400   -11.555 -0.890  1.00 0.47 ? 29 PRO A HD3  1 
ATOM   457  N  N    . PRO A 1 30 ? 5.866   -7.222  1.462   1.00 0.27 ? 30 PRO A N    1 
ATOM   458  C  CA   . PRO A 1 30 ? 5.716   -5.858  2.048   1.00 0.26 ? 30 PRO A CA   1 
ATOM   459  C  C    . PRO A 1 30 ? 4.706   -4.973  1.292   1.00 0.24 ? 30 PRO A C    1 
ATOM   460  O  O    . PRO A 1 30 ? 4.184   -4.021  1.838   1.00 0.24 ? 30 PRO A O    1 
ATOM   461  C  CB   . PRO A 1 30 ? 7.126   -5.253  1.949   1.00 0.31 ? 30 PRO A CB   1 
ATOM   462  C  CG   . PRO A 1 30 ? 8.077   -6.416  1.890   1.00 0.53 ? 30 PRO A CG   1 
ATOM   463  C  CD   . PRO A 1 30 ? 7.281   -7.638  1.398   1.00 0.36 ? 30 PRO A CD   1 
ATOM   464  H  HA   . PRO A 1 30 ? 5.431   -5.934  3.084   1.00 0.27 ? 30 PRO A HA   1 
ATOM   465  H  HB2  . PRO A 1 30 ? 7.216   -4.647  1.054   1.00 0.43 ? 30 PRO A HB2  1 
ATOM   466  H  HB3  . PRO A 1 30 ? 7.335   -4.651  2.822   1.00 0.46 ? 30 PRO A HB3  1 
ATOM   467  H  HG2  . PRO A 1 30 ? 8.886   -6.197  1.202   1.00 0.81 ? 30 PRO A HG2  1 
ATOM   468  H  HG3  . PRO A 1 30 ? 8.481   -6.618  2.873   1.00 0.79 ? 30 PRO A HG3  1 
ATOM   469  H  HD2  . PRO A 1 30 ? 7.555   -7.888  0.381   1.00 0.42 ? 30 PRO A HD2  1 
ATOM   470  H  HD3  . PRO A 1 30 ? 7.450   -8.481  2.053   1.00 0.40 ? 30 PRO A HD3  1 
ATOM   471  N  N    . VAL A 1 31 ? 4.451   -5.251  0.043   1.00 0.24 ? 31 VAL A N    1 
ATOM   472  C  CA   . VAL A 1 31 ? 3.504   -4.385  -0.724  1.00 0.24 ? 31 VAL A CA   1 
ATOM   473  C  C    . VAL A 1 31 ? 2.125   -4.395  -0.056  1.00 0.22 ? 31 VAL A C    1 
ATOM   474  O  O    . VAL A 1 31 ? 1.538   -3.356  0.178   1.00 0.24 ? 31 VAL A O    1 
ATOM   475  C  CB   . VAL A 1 31 ? 3.383   -4.916  -2.177  1.00 0.26 ? 31 VAL A CB   1 
ATOM   476  C  CG1  . VAL A 1 31 ? 2.240   -4.171  -2.964  1.00 0.28 ? 31 VAL A CG1  1 
ATOM   477  C  CG2  . VAL A 1 31 ? 4.764   -4.776  -2.898  1.00 0.29 ? 31 VAL A CG2  1 
ATOM   478  H  H    . VAL A 1 31 ? 4.896   -6.006  -0.396  1.00 0.25 ? 31 VAL A H    1 
ATOM   479  H  HA   . VAL A 1 31 ? 3.884   -3.376  -0.742  1.00 0.25 ? 31 VAL A HA   1 
ATOM   480  H  HB   . VAL A 1 31 ? 3.125   -5.968  -2.121  1.00 0.26 ? 31 VAL A HB   1 
ATOM   481  H  HG11 . VAL A 1 31 ? 1.658   -3.549  -2.304  1.00 1.03 ? 31 VAL A HG11 1 
ATOM   482  H  HG12 . VAL A 1 31 ? 2.657   -3.545  -3.737  1.00 1.06 ? 31 VAL A HG12 1 
ATOM   483  H  HG13 . VAL A 1 31 ? 1.582   -4.900  -3.421  1.00 1.04 ? 31 VAL A HG13 1 
ATOM   484  H  HG21 . VAL A 1 31 ? 5.404   -4.095  -2.355  1.00 1.08 ? 31 VAL A HG21 1 
ATOM   485  H  HG22 . VAL A 1 31 ? 5.245   -5.745  -2.943  1.00 1.03 ? 31 VAL A HG22 1 
ATOM   486  H  HG23 . VAL A 1 31 ? 4.635   -4.407  -3.904  1.00 1.06 ? 31 VAL A HG23 1 
ATOM   487  N  N    . VAL A 1 32 ? 1.588   -5.543  0.228   1.00 0.21 ? 32 VAL A N    1 
ATOM   488  C  CA   . VAL A 1 32 ? 0.234   -5.584  0.849   1.00 0.20 ? 32 VAL A CA   1 
ATOM   489  C  C    . VAL A 1 32 ? 0.303   -5.199  2.323   1.00 0.18 ? 32 VAL A C    1 
ATOM   490  O  O    . VAL A 1 32 ? -0.551  -4.503  2.826   1.00 0.18 ? 32 VAL A O    1 
ATOM   491  C  CB   . VAL A 1 32 ? -0.349  -6.994  0.712   1.00 0.21 ? 32 VAL A CB   1 
ATOM   492  C  CG1  . VAL A 1 32 ? -1.697  -7.069  1.477   1.00 0.26 ? 32 VAL A CG1  1 
ATOM   493  C  CG2  . VAL A 1 32 ? -0.526  -7.342  -0.800  1.00 0.24 ? 32 VAL A CG2  1 
ATOM   494  H  H    . VAL A 1 32 ? 2.060   -6.376  0.017   1.00 0.22 ? 32 VAL A H    1 
ATOM   495  H  HA   . VAL A 1 32 ? -0.409  -4.886  0.334   1.00 0.22 ? 32 VAL A HA   1 
ATOM   496  H  HB   . VAL A 1 32 ? 0.345   -7.692  1.162   1.00 0.24 ? 32 VAL A HB   1 
ATOM   497  H  HG11 . VAL A 1 32 ? -2.160  -6.092  1.512   1.00 1.07 ? 32 VAL A HG11 1 
ATOM   498  H  HG12 . VAL A 1 32 ? -2.363  -7.758  0.988   1.00 1.03 ? 32 VAL A HG12 1 
ATOM   499  H  HG13 . VAL A 1 32 ? -1.516  -7.412  2.487   1.00 1.05 ? 32 VAL A HG13 1 
ATOM   500  H  HG21 . VAL A 1 32 ? -0.071  -6.577  -1.411  1.00 1.04 ? 32 VAL A HG21 1 
ATOM   501  H  HG22 . VAL A 1 32 ? -0.044  -8.288  -1.009  1.00 1.01 ? 32 VAL A HG22 1 
ATOM   502  H  HG23 . VAL A 1 32 ? -1.572  -7.413  -1.056  1.00 1.06 ? 32 VAL A HG23 1 
ATOM   503  N  N    . ALA A 1 33 ? 1.299   -5.650  3.026   1.00 0.19 ? 33 ALA A N    1 
ATOM   504  C  CA   . ALA A 1 33 ? 1.379   -5.307  4.469   1.00 0.19 ? 33 ALA A CA   1 
ATOM   505  C  C    . ALA A 1 33 ? 1.456   -3.791  4.617   1.00 0.19 ? 33 ALA A C    1 
ATOM   506  O  O    . ALA A 1 33 ? 0.707   -3.190  5.360   1.00 0.18 ? 33 ALA A O    1 
ATOM   507  C  CB   . ALA A 1 33 ? 2.629   -5.952  5.067   1.00 0.23 ? 33 ALA A CB   1 
ATOM   508  H  H    . ALA A 1 33 ? 1.981   -6.219  2.613   1.00 0.20 ? 33 ALA A H    1 
ATOM   509  H  HA   . ALA A 1 33 ? 0.503   -5.674  4.978   1.00 0.19 ? 33 ALA A HA   1 
ATOM   510  H  HB1  . ALA A 1 33 ? 2.720   -6.964  4.700   1.00 1.00 ? 33 ALA A HB1  1 
ATOM   511  H  HB2  . ALA A 1 33 ? 3.501   -5.385  4.777   1.00 0.94 ? 33 ALA A HB2  1 
ATOM   512  H  HB3  . ALA A 1 33 ? 2.548   -5.968  6.144   1.00 1.01 ? 33 ALA A HB3  1 
ATOM   513  N  N    . LYS A 1 34 ? 2.343   -3.167  3.903   1.00 0.21 ? 34 LYS A N    1 
ATOM   514  C  CA   . LYS A 1 34 ? 2.454   -1.689  3.985   1.00 0.22 ? 34 LYS A CA   1 
ATOM   515  C  C    . LYS A 1 34 ? 1.141   -1.055  3.526   1.00 0.21 ? 34 LYS A C    1 
ATOM   516  O  O    . LYS A 1 34 ? 0.683   -0.078  4.083   1.00 0.21 ? 34 LYS A O    1 
ATOM   517  C  CB   . LYS A 1 34 ? 3.609   -1.201  3.111   1.00 0.27 ? 34 LYS A CB   1 
ATOM   518  C  CG   . LYS A 1 34 ? 4.932   -1.633  3.752   1.00 0.31 ? 34 LYS A CG   1 
ATOM   519  C  CD   . LYS A 1 34 ? 6.107   -0.962  3.042   1.00 0.85 ? 34 LYS A CD   1 
ATOM   520  C  CE   . LYS A 1 34 ? 7.415   -1.421  3.693   1.00 0.74 ? 34 LYS A CE   1 
ATOM   521  N  NZ   . LYS A 1 34 ? 8.528   -0.526  3.273   1.00 1.40 ? 34 LYS A NZ   1 
ATOM   522  H  H    . LYS A 1 34 ? 2.927   -3.672  3.299   1.00 0.23 ? 34 LYS A H    1 
ATOM   523  H  HA   . LYS A 1 34 ? 2.636   -1.406  5.011   1.00 0.22 ? 34 LYS A HA   1 
ATOM   524  H  HB2  . LYS A 1 34 ? 3.525   -1.639  2.125   1.00 0.28 ? 34 LYS A HB2  1 
ATOM   525  H  HB3  . LYS A 1 34 ? 3.577   -0.127  3.035   1.00 0.28 ? 34 LYS A HB3  1 
ATOM   526  H  HG2  . LYS A 1 34 ? 4.938   -1.352  4.795   1.00 0.79 ? 34 LYS A HG2  1 
ATOM   527  H  HG3  . LYS A 1 34 ? 5.033   -2.705  3.671   1.00 0.82 ? 34 LYS A HG3  1 
ATOM   528  H  HD2  . LYS A 1 34 ? 6.104   -1.236  1.996   1.00 1.38 ? 34 LYS A HD2  1 
ATOM   529  H  HD3  . LYS A 1 34 ? 6.019   0.110   3.135   1.00 1.33 ? 34 LYS A HD3  1 
ATOM   530  H  HE2  . LYS A 1 34 ? 7.314   -1.387  4.768   1.00 1.07 ? 34 LYS A HE2  1 
ATOM   531  H  HE3  . LYS A 1 34 ? 7.631   -2.431  3.386   1.00 1.05 ? 34 LYS A HE3  1 
ATOM   532  H  HZ1  . LYS A 1 34 ? 8.223   0.051   2.464   1.00 1.85 ? 34 LYS A HZ1  1 
ATOM   533  H  HZ2  . LYS A 1 34 ? 8.789   0.096   4.063   1.00 1.93 ? 34 LYS A HZ2  1 
ATOM   534  H  HZ3  . LYS A 1 34 ? 9.350   -1.104  2.999   1.00 1.88 ? 34 LYS A HZ3  1 
ATOM   535  N  N    . GLU A 1 35 ? 0.537   -1.598  2.506   1.00 0.21 ? 35 GLU A N    1 
ATOM   536  C  CA   . GLU A 1 35 ? -0.739  -1.016  2.007   1.00 0.23 ? 35 GLU A CA   1 
ATOM   537  C  C    . GLU A 1 35 ? -1.789  -1.050  3.122   1.00 0.21 ? 35 GLU A C    1 
ATOM   538  O  O    . GLU A 1 35 ? -2.553  -0.121  3.294   1.00 0.24 ? 35 GLU A O    1 
ATOM   539  C  CB   . GLU A 1 35 ? -1.248  -1.828  0.814   1.00 0.24 ? 35 GLU A CB   1 
ATOM   540  C  CG   . GLU A 1 35 ? -2.451  -1.119  0.178   1.00 0.29 ? 35 GLU A CG   1 
ATOM   541  C  CD   . GLU A 1 35 ? -3.711  -1.354  1.018   1.00 0.31 ? 35 GLU A CD   1 
ATOM   542  O  OE1  . GLU A 1 35 ? -3.754  -2.344  1.730   1.00 1.02 ? 35 GLU A OE1  1 
ATOM   543  O  OE2  . GLU A 1 35 ? -4.613  -0.535  0.937   1.00 1.10 ? 35 GLU A OE2  1 
ATOM   544  H  H    . GLU A 1 35 ? 0.928   -2.379  2.065   1.00 0.21 ? 35 GLU A H    1 
ATOM   545  H  HA   . GLU A 1 35 ? -0.567  0.002   1.701   1.00 0.25 ? 35 GLU A HA   1 
ATOM   546  H  HB2  . GLU A 1 35 ? -0.458  -1.921  0.082   1.00 0.26 ? 35 GLU A HB2  1 
ATOM   547  H  HB3  . GLU A 1 35 ? -1.545  -2.811  1.146   1.00 0.23 ? 35 GLU A HB3  1 
ATOM   548  H  HG2  . GLU A 1 35 ? -2.255  -0.058  0.115   1.00 0.33 ? 35 GLU A HG2  1 
ATOM   549  H  HG3  . GLU A 1 35 ? -2.606  -1.509  -0.813  1.00 0.31 ? 35 GLU A HG3  1 
ATOM   550  N  N    . ILE A 1 36 ? -1.835  -2.111  3.881   1.00 0.18 ? 36 ILE A N    1 
ATOM   551  C  CA   . ILE A 1 36 ? -2.838  -2.193  4.982   1.00 0.19 ? 36 ILE A CA   1 
ATOM   552  C  C    . ILE A 1 36 ? -2.566  -1.070  5.985   1.00 0.19 ? 36 ILE A C    1 
ATOM   553  O  O    . ILE A 1 36 ? -3.471  -0.407  6.453   1.00 0.23 ? 36 ILE A O    1 
ATOM   554  C  CB   . ILE A 1 36 ? -2.720  -3.557  5.665   1.00 0.18 ? 36 ILE A CB   1 
ATOM   555  C  CG1  . ILE A 1 36 ? -3.168  -4.645  4.679   1.00 0.19 ? 36 ILE A CG1  1 
ATOM   556  C  CG2  . ILE A 1 36 ? -3.619  -3.589  6.901   1.00 0.22 ? 36 ILE A CG2  1 
ATOM   557  C  CD1  . ILE A 1 36 ? -2.806  -6.045  5.209   1.00 0.21 ? 36 ILE A CD1  1 
ATOM   558  H  H    . ILE A 1 36 ? -1.211  -2.852  3.729   1.00 0.17 ? 36 ILE A H    1 
ATOM   559  H  HA   . ILE A 1 36 ? -3.831  -2.078  4.573   1.00 0.23 ? 36 ILE A HA   1 
ATOM   560  H  HB   . ILE A 1 36 ? -1.694  -3.723  5.958   1.00 0.17 ? 36 ILE A HB   1 
ATOM   561  H  HG12 . ILE A 1 36 ? -4.239  -4.581  4.545   1.00 0.22 ? 36 ILE A HG12 1 
ATOM   562  H  HG13 . ILE A 1 36 ? -2.685  -4.485  3.730   1.00 0.19 ? 36 ILE A HG13 1 
ATOM   563  H  HG21 . ILE A 1 36 ? -4.602  -3.232  6.636   1.00 1.05 ? 36 ILE A HG21 1 
ATOM   564  H  HG22 . ILE A 1 36 ? -3.693  -4.601  7.267   1.00 1.02 ? 36 ILE A HG22 1 
ATOM   565  H  HG23 . ILE A 1 36 ? -3.202  -2.957  7.670   1.00 1.06 ? 36 ILE A HG23 1 
ATOM   566  H  HD11 . ILE A 1 36 ? -1.890  -6.002  5.779   1.00 1.07 ? 36 ILE A HD11 1 
ATOM   567  H  HD12 . ILE A 1 36 ? -3.603  -6.411  5.835   1.00 1.05 ? 36 ILE A HD12 1 
ATOM   568  H  HD13 . ILE A 1 36 ? -2.675  -6.719  4.377   1.00 0.98 ? 36 ILE A HD13 1 
ATOM   569  N  N    . VAL A 1 37 ? -1.321  -0.835  6.296   1.00 0.18 ? 37 VAL A N    1 
ATOM   570  C  CA   . VAL A 1 37 ? -0.979  0.266   7.240   1.00 0.21 ? 37 VAL A CA   1 
ATOM   571  C  C    . VAL A 1 37 ? -1.366  1.592   6.591   1.00 0.27 ? 37 VAL A C    1 
ATOM   572  O  O    . VAL A 1 37 ? -1.874  2.495   7.227   1.00 0.29 ? 37 VAL A O    1 
ATOM   573  C  CB   . VAL A 1 37 ? 0.534   0.245   7.504   1.00 0.25 ? 37 VAL A CB   1 
ATOM   574  C  CG1  . VAL A 1 37 ? 0.970   1.532   8.237   1.00 0.35 ? 37 VAL A CG1  1 
ATOM   575  C  CG2  . VAL A 1 37 ? 0.873   -0.982  8.356   1.00 0.29 ? 37 VAL A CG2  1 
ATOM   576  H  H    . VAL A 1 37 ? -0.607  -1.368  5.889   1.00 0.18 ? 37 VAL A H    1 
ATOM   577  H  HA   . VAL A 1 37 ? -1.516  0.140   8.169   1.00 0.21 ? 37 VAL A HA   1 
ATOM   578  H  HB   . VAL A 1 37 ? 1.056   0.178   6.559   1.00 0.28 ? 37 VAL A HB   1 
ATOM   579  H  HG11 . VAL A 1 37 ? 0.159   1.896   8.846   1.00 1.06 ? 37 VAL A HG11 1 
ATOM   580  H  HG12 . VAL A 1 37 ? 1.826   1.327   8.866   1.00 1.02 ? 37 VAL A HG12 1 
ATOM   581  H  HG13 . VAL A 1 37 ? 1.236   2.287   7.512   1.00 1.11 ? 37 VAL A HG13 1 
ATOM   582  H  HG21 . VAL A 1 37 ? 0.564   -1.878  7.837   1.00 1.05 ? 37 VAL A HG21 1 
ATOM   583  H  HG22 . VAL A 1 37 ? 1.938   -1.015  8.529   1.00 1.09 ? 37 VAL A HG22 1 
ATOM   584  H  HG23 . VAL A 1 37 ? 0.357   -0.918  9.303   1.00 0.96 ? 37 VAL A HG23 1 
ATOM   585  N  N    . ALA A 1 38 ? -1.121  1.701   5.319   1.00 0.32 ? 38 ALA A N    1 
ATOM   586  C  CA   . ALA A 1 38 ? -1.451  2.946   4.578   1.00 0.41 ? 38 ALA A CA   1 
ATOM   587  C  C    . ALA A 1 38 ? -2.955  3.209   4.601   1.00 0.43 ? 38 ALA A C    1 
ATOM   588  O  O    . ALA A 1 38 ? -3.400  4.296   4.306   1.00 0.49 ? 38 ALA A O    1 
ATOM   589  C  CB   . ALA A 1 38 ? -1.008  2.785   3.141   1.00 0.49 ? 38 ALA A CB   1 
ATOM   590  H  H    . ALA A 1 38 ? -0.708  0.952   4.844   1.00 0.32 ? 38 ALA A H    1 
ATOM   591  H  HA   . ALA A 1 38 ? -0.925  3.781   5.016   1.00 0.42 ? 38 ALA A HA   1 
ATOM   592  H  HB1  . ALA A 1 38 ? -1.398  1.862   2.748   1.00 1.15 ? 38 ALA A HB1  1 
ATOM   593  H  HB2  . ALA A 1 38 ? -1.382  3.613   2.558   1.00 1.17 ? 38 ALA A HB2  1 
ATOM   594  H  HB3  . ALA A 1 38 ? 0.065   2.764   3.108   1.00 1.08 ? 38 ALA A HB3  1 
ATOM   595  N  N    . SER A 1 39 ? -3.751  2.229   4.930   1.00 0.42 ? 39 SER A N    1 
ATOM   596  C  CA   . SER A 1 39 ? -5.228  2.451   4.956   1.00 0.49 ? 39 SER A CA   1 
ATOM   597  C  C    . SER A 1 39 ? -5.638  2.778   6.388   1.00 0.46 ? 39 SER A C    1 
ATOM   598  O  O    . SER A 1 39 ? -6.478  3.623   6.629   1.00 0.52 ? 39 SER A O    1 
ATOM   599  C  CB   . SER A 1 39 ? -5.944  1.188   4.481   1.00 0.57 ? 39 SER A CB   1 
ATOM   600  O  OG   . SER A 1 39 ? -5.669  0.992   3.099   1.00 0.64 ? 39 SER A OG   1 
ATOM   601  H  H    . SER A 1 39 ? -3.381  1.349   5.155   1.00 0.38 ? 39 SER A H    1 
ATOM   602  H  HA   . SER A 1 39 ? -5.494  3.278   4.311   1.00 0.54 ? 39 SER A HA   1 
ATOM   603  H  HB2  . SER A 1 39 ? -5.590  0.338   5.039   1.00 0.55 ? 39 SER A HB2  1 
ATOM   604  H  HB3  . SER A 1 39 ? -7.009  1.301   4.633   1.00 0.66 ? 39 SER A HB3  1 
ATOM   605  H  HG   . SER A 1 39 ? -5.821  0.068   2.894   1.00 1.08 ? 39 SER A HG   1 
ATOM   606  N  N    . CYS A 1 40 ? -5.024  2.141   7.345   1.00 0.41 ? 40 CYS A N    1 
ATOM   607  C  CA   . CYS A 1 40 ? -5.350  2.449   8.761   1.00 0.42 ? 40 CYS A CA   1 
ATOM   608  C  C    . CYS A 1 40 ? -5.042  3.927   8.997   1.00 0.44 ? 40 CYS A C    1 
ATOM   609  O  O    . CYS A 1 40 ? -3.993  4.410   8.628   1.00 0.47 ? 40 CYS A O    1 
ATOM   610  C  CB   . CYS A 1 40 ? -4.492  1.584   9.681   1.00 0.37 ? 40 CYS A CB   1 
ATOM   611  S  SG   . CYS A 1 40 ? -5.118  1.692   11.376  1.00 0.49 ? 40 CYS A SG   1 
ATOM   612  H  H    . CYS A 1 40 ? -4.329  1.485   7.130   1.00 0.40 ? 40 CYS A H    1 
ATOM   613  H  HA   . CYS A 1 40 ? -6.397  2.259   8.946   1.00 0.50 ? 40 CYS A HA   1 
ATOM   614  H  HB2  . CYS A 1 40 ? -4.527  0.557   9.348   1.00 0.37 ? 40 CYS A HB2  1 
ATOM   615  H  HB3  . CYS A 1 40 ? -3.473  1.934   9.652   1.00 0.39 ? 40 CYS A HB3  1 
ATOM   616  N  N    . ASP A 1 41 ? -5.945  4.659   9.582   1.00 0.53 ? 41 ASP A N    1 
ATOM   617  C  CA   . ASP A 1 41 ? -5.687  6.112   9.799   1.00 0.62 ? 41 ASP A CA   1 
ATOM   618  C  C    . ASP A 1 41 ? -4.744  6.329   10.987  1.00 0.59 ? 41 ASP A C    1 
ATOM   619  O  O    . ASP A 1 41 ? -4.025  7.307   11.042  1.00 0.64 ? 41 ASP A O    1 
ATOM   620  C  CB   . ASP A 1 41 ? -7.012  6.823   10.076  1.00 0.77 ? 41 ASP A CB   1 
ATOM   621  C  CG   . ASP A 1 41 ? -7.850  6.858   8.797   1.00 0.86 ? 41 ASP A CG   1 
ATOM   622  O  OD1  . ASP A 1 41 ? -7.282  6.663   7.734   1.00 1.52 ? 41 ASP A OD1  1 
ATOM   623  O  OD2  . ASP A 1 41 ? -9.044  7.084   8.900   1.00 1.25 ? 41 ASP A OD2  1 
ATOM   624  H  H    . ASP A 1 41 ? -6.796  4.262   9.860   1.00 0.59 ? 41 ASP A H    1 
ATOM   625  H  HA   . ASP A 1 41 ? -5.240  6.530   8.910   1.00 0.66 ? 41 ASP A HA   1 
ATOM   626  H  HB2  . ASP A 1 41 ? -7.552  6.291   10.846  1.00 0.79 ? 41 ASP A HB2  1 
ATOM   627  H  HB3  . ASP A 1 41 ? -6.818  7.833   10.404  1.00 0.84 ? 41 ASP A HB3  1 
ATOM   628  N  N    . LYS A 1 42 ? -4.754  5.452   11.949  1.00 0.56 ? 42 LYS A N    1 
ATOM   629  C  CA   . LYS A 1 42 ? -3.871  5.652   13.135  1.00 0.57 ? 42 LYS A CA   1 
ATOM   630  C  C    . LYS A 1 42 ? -2.418  5.303   12.803  1.00 0.53 ? 42 LYS A C    1 
ATOM   631  O  O    . LYS A 1 42 ? -1.502  5.997   13.199  1.00 0.59 ? 42 LYS A O    1 
ATOM   632  C  CB   . LYS A 1 42 ? -4.361  4.771   14.283  1.00 0.58 ? 42 LYS A CB   1 
ATOM   633  C  CG   . LYS A 1 42 ? -5.795  5.171   14.624  1.00 0.68 ? 42 LYS A CG   1 
ATOM   634  C  CD   . LYS A 1 42 ? -6.320  4.308   15.778  1.00 1.16 ? 42 LYS A CD   1 
ATOM   635  C  CE   . LYS A 1 42 ? -7.801  4.645   16.067  1.00 1.39 ? 42 LYS A CE   1 
ATOM   636  N  NZ   . LYS A 1 42 ? -7.986  4.837   17.532  1.00 2.05 ? 42 LYS A NZ   1 
ATOM   637  H  H    . LYS A 1 42 ? -5.352  4.677   11.905  1.00 0.56 ? 42 LYS A H    1 
ATOM   638  H  HA   . LYS A 1 42 ? -3.922  6.686   13.441  1.00 0.65 ? 42 LYS A HA   1 
ATOM   639  H  HB2  . LYS A 1 42 ? -4.334  3.734   13.979  1.00 0.56 ? 42 LYS A HB2  1 
ATOM   640  H  HB3  . LYS A 1 42 ? -3.731  4.914   15.146  1.00 0.61 ? 42 LYS A HB3  1 
ATOM   641  H  HG2  . LYS A 1 42 ? -5.818  6.211   14.914  1.00 1.00 ? 42 LYS A HG2  1 
ATOM   642  H  HG3  . LYS A 1 42 ? -6.423  5.026   13.758  1.00 1.01 ? 42 LYS A HG3  1 
ATOM   643  H  HD2  . LYS A 1 42 ? -6.225  3.263   15.515  1.00 1.69 ? 42 LYS A HD2  1 
ATOM   644  H  HD3  . LYS A 1 42 ? -5.733  4.506   16.662  1.00 1.69 ? 42 LYS A HD3  1 
ATOM   645  H  HE2  . LYS A 1 42 ? -8.089  5.552   15.553  1.00 1.87 ? 42 LYS A HE2  1 
ATOM   646  H  HE3  . LYS A 1 42 ? -8.433  3.832   15.733  1.00 1.80 ? 42 LYS A HE3  1 
ATOM   647  H  HZ1  . LYS A 1 42 ? -7.058  4.943   17.988  1.00 2.53 ? 42 LYS A HZ1  1 
ATOM   648  H  HZ2  . LYS A 1 42 ? -8.551  5.694   17.700  1.00 2.44 ? 42 LYS A HZ2  1 
ATOM   649  H  HZ3  . LYS A 1 42 ? -8.479  4.012   17.931  1.00 2.51 ? 42 LYS A HZ3  1 
ATOM   650  N  N    . CYS A 1 43 ? -2.188  4.236   12.087  1.00 0.49 ? 43 CYS A N    1 
ATOM   651  C  CA   . CYS A 1 43 ? -0.783  3.863   11.753  1.00 0.52 ? 43 CYS A CA   1 
ATOM   652  C  C    . CYS A 1 43 ? -0.290  4.713   10.575  1.00 0.60 ? 43 CYS A C    1 
ATOM   653  O  O    . CYS A 1 43 ? 0.881   4.717   10.252  1.00 0.68 ? 43 CYS A O    1 
ATOM   654  C  CB   . CYS A 1 43 ? -0.711  2.376   11.402  1.00 0.49 ? 43 CYS A CB   1 
ATOM   655  S  SG   . CYS A 1 43 ? -1.206  1.395   12.841  1.00 0.52 ? 43 CYS A SG   1 
ATOM   656  H  H    . CYS A 1 43 ? -2.933  3.681   11.777  1.00 0.47 ? 43 CYS A H    1 
ATOM   657  H  HA   . CYS A 1 43 ? -0.152  4.051   12.608  1.00 0.57 ? 43 CYS A HA   1 
ATOM   658  H  HB2  . CYS A 1 43 ? -1.370  2.165   10.577  1.00 0.47 ? 43 CYS A HB2  1 
ATOM   659  H  HB3  . CYS A 1 43 ? 0.303   2.122   11.131  1.00 0.53 ? 43 CYS A HB3  1 
ATOM   660  N  N    . GLN A 1 44 ? -1.172  5.441   9.939   1.00 0.67 ? 44 GLN A N    1 
ATOM   661  C  CA   . GLN A 1 44 ? -0.741  6.297   8.793   1.00 0.78 ? 44 GLN A CA   1 
ATOM   662  C  C    . GLN A 1 44 ? 0.022   7.499   9.340   1.00 0.64 ? 44 GLN A C    1 
ATOM   663  O  O    . GLN A 1 44 ? 1.208   7.651   9.120   1.00 0.67 ? 44 GLN A O    1 
ATOM   664  C  CB   . GLN A 1 44 ? -1.982  6.797   8.036   1.00 0.97 ? 44 GLN A CB   1 
ATOM   665  C  CG   . GLN A 1 44 ? -1.585  7.735   6.853   1.00 1.10 ? 44 GLN A CG   1 
ATOM   666  C  CD   . GLN A 1 44 ? -1.788  7.025   5.513   1.00 0.46 ? 44 GLN A CD   1 
ATOM   667  O  OE1  . GLN A 1 44 ? -0.967  7.132   4.623   1.00 0.75 ? 44 GLN A OE1  1 
ATOM   668  N  NE2  . GLN A 1 44 ? -2.855  6.305   5.333   1.00 0.79 ? 44 GLN A NE2  1 
ATOM   669  H  H    . GLN A 1 44 ? -2.110  5.431   10.219  1.00 0.71 ? 44 GLN A H    1 
ATOM   670  H  HA   . GLN A 1 44 ? -0.109  5.732   8.128   1.00 0.89 ? 44 GLN A HA   1 
ATOM   671  H  HB2  . GLN A 1 44 ? -2.532  5.944   7.665   1.00 1.10 ? 44 GLN A HB2  1 
ATOM   672  H  HB3  . GLN A 1 44 ? -2.612  7.342   8.726   1.00 0.96 ? 44 GLN A HB3  1 
ATOM   673  H  HG2  . GLN A 1 44 ? -2.206  8.620   6.873   1.00 1.54 ? 44 GLN A HG2  1 
ATOM   674  H  HG3  . GLN A 1 44 ? -0.551  8.033   6.937   1.00 1.66 ? 44 GLN A HG3  1 
ATOM   675  H  HE21 . GLN A 1 44 ? -3.516  6.221   6.052   1.00 0.90 ? 44 GLN A HE21 1 
ATOM   676  H  HE22 . GLN A 1 44 ? -2.994  5.841   4.481   1.00 1.32 ? 44 GLN A HE22 1 
ATOM   677  N  N    . LEU A 1 45 ? -0.653  8.356   10.050  1.00 0.62 ? 45 LEU A N    1 
ATOM   678  C  CA   . LEU A 1 45 ? 0.025   9.553   10.614  1.00 0.60 ? 45 LEU A CA   1 
ATOM   679  C  C    . LEU A 1 45 ? 0.724   9.156   11.913  1.00 0.66 ? 45 LEU A C    1 
ATOM   680  O  O    . LEU A 1 45 ? 0.249   8.316   12.653  1.00 0.75 ? 45 LEU A O    1 
ATOM   681  C  CB   . LEU A 1 45 ? -1.015  10.637  10.917  1.00 0.75 ? 45 LEU A CB   1 
ATOM   682  C  CG   . LEU A 1 45 ? -1.798  11.004  9.643   1.00 0.83 ? 45 LEU A CG   1 
ATOM   683  C  CD1  . LEU A 1 45 ? -2.855  12.098  9.966   1.00 1.05 ? 45 LEU A CD1  1 
ATOM   684  C  CD2  . LEU A 1 45 ? -0.823  11.509  8.558   1.00 0.75 ? 45 LEU A CD2  1 
ATOM   685  H  H    . LEU A 1 45 ? -1.608  8.210   10.210  1.00 0.70 ? 45 LEU A H    1 
ATOM   686  H  HA   . LEU A 1 45 ? 0.754   9.929   9.912   1.00 0.58 ? 45 LEU A HA   1 
ATOM   687  H  HB2  . LEU A 1 45 ? -1.702  10.272  11.665  1.00 0.84 ? 45 LEU A HB2  1 
ATOM   688  H  HB3  . LEU A 1 45 ? -0.514  11.517  11.291  1.00 0.80 ? 45 LEU A HB3  1 
ATOM   689  H  HG   . LEU A 1 45 ? -2.304  10.117  9.280   1.00 0.86 ? 45 LEU A HG   1 
ATOM   690  H  HD11 . LEU A 1 45 ? -3.037  12.133  11.033  1.00 1.50 ? 45 LEU A HD11 1 
ATOM   691  H  HD12 . LEU A 1 45 ? -2.505  13.066  9.634   1.00 1.47 ? 45 LEU A HD12 1 
ATOM   692  H  HD13 . LEU A 1 45 ? -3.782  11.865  9.462   1.00 1.55 ? 45 LEU A HD13 1 
ATOM   693  H  HD21 . LEU A 1 45 ? -0.035  12.089  9.016   1.00 1.30 ? 45 LEU A HD21 1 
ATOM   694  H  HD22 . LEU A 1 45 ? -0.392  10.664  8.040   1.00 1.35 ? 45 LEU A HD22 1 
ATOM   695  H  HD23 . LEU A 1 45 ? -1.355  12.126  7.848   1.00 1.06 ? 45 LEU A HD23 1 
ATOM   696  N  N    . LYS A 1 46 ? 1.842   9.756   12.202  1.00 0.76 ? 46 LYS A N    1 
ATOM   697  C  CA   . LYS A 1 46 ? 2.563   9.417   13.461  1.00 0.94 ? 46 LYS A CA   1 
ATOM   698  C  C    . LYS A 1 46 ? 1.837   10.070  14.642  1.00 1.08 ? 46 LYS A C    1 
ATOM   699  O  O    . LYS A 1 46 ? 2.176   11.156  15.066  1.00 1.62 ? 46 LYS A O    1 
ATOM   700  C  CB   . LYS A 1 46 ? 4.006   9.942   13.380  1.00 1.15 ? 46 LYS A CB   1 
ATOM   701  C  CG   . LYS A 1 46 ? 4.900   8.930   12.656  1.00 1.66 ? 46 LYS A CG   1 
ATOM   702  C  CD   . LYS A 1 46 ? 6.326   9.484   12.573  1.00 2.10 ? 46 LYS A CD   1 
ATOM   703  C  CE   . LYS A 1 46 ? 7.298   8.356   12.218  1.00 2.83 ? 46 LYS A CE   1 
ATOM   704  N  NZ   . LYS A 1 46 ? 6.649   7.420   11.258  1.00 3.56 ? 46 LYS A NZ   1 
ATOM   705  H  H    . LYS A 1 46 ? 2.206   10.435  11.597  1.00 0.81 ? 46 LYS A H    1 
ATOM   706  H  HA   . LYS A 1 46 ? 2.570   8.344   13.593  1.00 0.96 ? 46 LYS A HA   1 
ATOM   707  H  HB2  . LYS A 1 46 ? 4.013   10.876  12.836  1.00 1.56 ? 46 LYS A HB2  1 
ATOM   708  H  HB3  . LYS A 1 46 ? 4.390   10.106  14.377  1.00 1.38 ? 46 LYS A HB3  1 
ATOM   709  H  HG2  . LYS A 1 46 ? 4.905   7.999   13.204  1.00 2.10 ? 46 LYS A HG2  1 
ATOM   710  H  HG3  . LYS A 1 46 ? 4.522   8.760   11.659  1.00 2.18 ? 46 LYS A HG3  1 
ATOM   711  H  HD2  . LYS A 1 46 ? 6.368   10.251  11.813  1.00 2.44 ? 46 LYS A HD2  1 
ATOM   712  H  HD3  . LYS A 1 46 ? 6.603   9.908   13.527  1.00 2.37 ? 46 LYS A HD3  1 
ATOM   713  H  HE2  . LYS A 1 46 ? 8.186   8.775   11.765  1.00 3.12 ? 46 LYS A HE2  1 
ATOM   714  H  HE3  . LYS A 1 46 ? 7.573   7.820   13.114  1.00 3.21 ? 46 LYS A HE3  1 
ATOM   715  H  HZ1  . LYS A 1 46 ? 5.942   7.933   10.696  1.00 3.95 ? 46 LYS A HZ1  1 
ATOM   716  H  HZ2  . LYS A 1 46 ? 7.368   7.017   10.625  1.00 4.01 ? 46 LYS A HZ2  1 
ATOM   717  H  HZ3  . LYS A 1 46 ? 6.184   6.653   11.787  1.00 3.77 ? 46 LYS A HZ3  1 
ATOM   718  N  N    . PHE B 1 1  ? 1.930   -8.032  -8.254  1.00 0.63 ? 1  PHE B N    1 
ATOM   719  C  CA   . PHE B 1 1  ? 3.228   -7.393  -7.904  1.00 0.34 ? 1  PHE B CA   1 
ATOM   720  C  C    . PHE B 1 1  ? 4.138   -7.404  -9.132  1.00 0.33 ? 1  PHE B C    1 
ATOM   721  O  O    . PHE B 1 1  ? 4.827   -8.367  -9.405  1.00 0.38 ? 1  PHE B O    1 
ATOM   722  C  CB   . PHE B 1 1  ? 3.872   -8.154  -6.747  1.00 0.54 ? 1  PHE B CB   1 
ATOM   723  C  CG   . PHE B 1 1  ? 2.797   -8.562  -5.757  1.00 0.47 ? 1  PHE B CG   1 
ATOM   724  C  CD1  . PHE B 1 1  ? 2.097   -7.579  -5.022  1.00 0.64 ? 1  PHE B CD1  1 
ATOM   725  C  CD2  . PHE B 1 1  ? 2.479   -9.926  -5.580  1.00 0.77 ? 1  PHE B CD2  1 
ATOM   726  C  CE1  . PHE B 1 1  ? 1.090   -7.962  -4.113  1.00 0.65 ? 1  PHE B CE1  1 
ATOM   727  C  CE2  . PHE B 1 1  ? 1.473   -10.303 -4.668  1.00 0.76 ? 1  PHE B CE2  1 
ATOM   728  C  CZ   . PHE B 1 1  ? 0.781   -9.323  -3.936  1.00 0.47 ? 1  PHE B CZ   1 
ATOM   729  H  H1   . PHE B 1 1  ? 1.941   -8.314  -9.254  1.00 1.19 ? 1  PHE B H1   1 
ATOM   730  H  H2   . PHE B 1 1  ? 1.785   -8.873  -7.661  1.00 1.31 ? 1  PHE B H2   1 
ATOM   731  H  H3   . PHE B 1 1  ? 1.156   -7.355  -8.091  1.00 1.18 ? 1  PHE B H3   1 
ATOM   732  H  HA   . PHE B 1 1  ? 3.054   -6.373  -7.606  1.00 0.59 ? 1  PHE B HA   1 
ATOM   733  H  HB2  . PHE B 1 1  ? 4.370   -9.035  -7.129  1.00 0.79 ? 1  PHE B HB2  1 
ATOM   734  H  HB3  . PHE B 1 1  ? 4.592   -7.518  -6.258  1.00 0.84 ? 1  PHE B HB3  1 
ATOM   735  H  HD1  . PHE B 1 1  ? 2.327   -6.534  -5.157  1.00 0.98 ? 1  PHE B HD1  1 
ATOM   736  H  HD2  . PHE B 1 1  ? 3.010   -10.681 -6.140  1.00 1.14 ? 1  PHE B HD2  1 
ATOM   737  H  HE1  . PHE B 1 1  ? 0.551   -7.212  -3.553  1.00 1.00 ? 1  PHE B HE1  1 
ATOM   738  H  HE2  . PHE B 1 1  ? 1.231   -11.347 -4.532  1.00 1.13 ? 1  PHE B HE2  1 
ATOM   739  H  HZ   . PHE B 1 1  ? 0.012   -9.613  -3.237  1.00 0.52 ? 1  PHE B HZ   1 
ATOM   740  N  N    . LEU B 1 2  ? 4.119   -6.336  -9.886  1.00 0.31 ? 2  LEU B N    1 
ATOM   741  C  CA   . LEU B 1 2  ? 4.950   -6.254  -11.130 1.00 0.37 ? 2  LEU B CA   1 
ATOM   742  C  C    . LEU B 1 2  ? 6.174   -5.366  -10.918 1.00 0.41 ? 2  LEU B C    1 
ATOM   743  O  O    . LEU B 1 2  ? 6.134   -4.375  -10.227 1.00 0.35 ? 2  LEU B O    1 
ATOM   744  C  CB   . LEU B 1 2  ? 4.105   -5.671  -12.272 1.00 0.38 ? 2  LEU B CB   1 
ATOM   745  C  CG   . LEU B 1 2  ? 2.832   -6.504  -12.485 1.00 0.38 ? 2  LEU B CG   1 
ATOM   746  C  CD1  . LEU B 1 2  ? 1.941   -5.802  -13.514 1.00 0.46 ? 2  LEU B CD1  1 
ATOM   747  C  CD2  . LEU B 1 2  ? 3.190   -7.901  -13.010 1.00 0.47 ? 2  LEU B CD2  1 
ATOM   748  H  H    . LEU B 1 2  ? 3.539   -5.588  -9.640  1.00 0.29 ? 2  LEU B H    1 
ATOM   749  H  HA   . LEU B 1 2  ? 5.292   -7.228  -11.403 1.00 0.42 ? 2  LEU B HA   1 
ATOM   750  H  HB2  . LEU B 1 2  ? 3.828   -4.656  -12.026 1.00 0.35 ? 2  LEU B HB2  1 
ATOM   751  H  HB3  . LEU B 1 2  ? 4.686   -5.671  -13.181 1.00 0.45 ? 2  LEU B HB3  1 
ATOM   752  H  HG   . LEU B 1 2  ? 2.298   -6.593  -11.550 1.00 0.34 ? 2  LEU B HG   1 
ATOM   753  H  HD11 . LEU B 1 2  ? 2.480   -5.694  -14.443 1.00 1.11 ? 2  LEU B HD11 1 
ATOM   754  H  HD12 . LEU B 1 2  ? 1.051   -6.390  -13.681 1.00 1.13 ? 2  LEU B HD12 1 
ATOM   755  H  HD13 . LEU B 1 2  ? 1.663   -4.826  -13.144 1.00 1.13 ? 2  LEU B HD13 1 
ATOM   756  H  HD21 . LEU B 1 2  ? 3.939   -7.816  -13.783 1.00 1.13 ? 2  LEU B HD21 1 
ATOM   757  H  HD22 . LEU B 1 2  ? 3.570   -8.507  -12.203 1.00 1.03 ? 2  LEU B HD22 1 
ATOM   758  H  HD23 . LEU B 1 2  ? 2.306   -8.370  -13.418 1.00 1.09 ? 2  LEU B HD23 1 
ATOM   759  N  N    . ASP B 1 3  ? 7.261   -5.707  -11.541 1.00 0.52 ? 3  ASP B N    1 
ATOM   760  C  CA   . ASP B 1 3  ? 8.483   -4.871  -11.407 1.00 0.58 ? 3  ASP B CA   1 
ATOM   761  C  C    . ASP B 1 3  ? 8.155   -3.470  -11.922 1.00 0.53 ? 3  ASP B C    1 
ATOM   762  O  O    . ASP B 1 3  ? 8.570   -2.477  -11.359 1.00 0.50 ? 3  ASP B O    1 
ATOM   763  C  CB   . ASP B 1 3  ? 9.624   -5.480  -12.233 1.00 0.73 ? 3  ASP B CB   1 
ATOM   764  C  CG   . ASP B 1 3  ? 10.232  -6.664  -11.477 1.00 1.39 ? 3  ASP B CG   1 
ATOM   765  O  OD1  . ASP B 1 3  ? 10.303  -6.593  -10.260 1.00 1.97 ? 3  ASP B OD1  1 
ATOM   766  O  OD2  . ASP B 1 3  ? 10.623  -7.619  -12.127 1.00 2.16 ? 3  ASP B OD2  1 
ATOM   767  H  H    . ASP B 1 3  ? 7.267   -6.502  -12.110 1.00 0.57 ? 3  ASP B H    1 
ATOM   768  H  HA   . ASP B 1 3  ? 8.771   -4.814  -10.370 1.00 0.57 ? 3  ASP B HA   1 
ATOM   769  H  HB2  . ASP B 1 3  ? 9.237   -5.820  -13.182 1.00 1.03 ? 3  ASP B HB2  1 
ATOM   770  H  HB3  . ASP B 1 3  ? 10.386  -4.734  -12.401 1.00 1.16 ? 3  ASP B HB3  1 
ATOM   771  N  N    . GLY B 1 4  ? 7.395   -3.384  -12.983 1.00 0.54 ? 4  GLY B N    1 
ATOM   772  C  CA   . GLY B 1 4  ? 7.015   -2.048  -13.530 1.00 0.55 ? 4  GLY B CA   1 
ATOM   773  C  C    . GLY B 1 4  ? 6.561   -1.140  -12.379 1.00 0.42 ? 4  GLY B C    1 
ATOM   774  O  O    . GLY B 1 4  ? 6.488   0.061   -12.512 1.00 0.41 ? 4  GLY B O    1 
ATOM   775  H  H    . GLY B 1 4  ? 7.062   -4.200  -13.411 1.00 0.57 ? 4  GLY B H    1 
ATOM   776  H  HA2  . GLY B 1 4  ? 7.867   -1.606  -14.025 1.00 0.62 ? 4  GLY B HA2  1 
ATOM   777  H  HA3  . GLY B 1 4  ? 6.206   -2.162  -14.235 1.00 0.59 ? 4  GLY B HA3  1 
ATOM   778  N  N    . ILE B 1 5  ? 6.275   -1.712  -11.243 1.00 0.35 ? 5  ILE B N    1 
ATOM   779  C  CA   . ILE B 1 5  ? 5.853   -0.887  -10.076 1.00 0.26 ? 5  ILE B CA   1 
ATOM   780  C  C    . ILE B 1 5  ? 6.988   0.093   -9.742  1.00 0.27 ? 5  ILE B C    1 
ATOM   781  O  O    . ILE B 1 5  ? 6.751   1.245   -9.436  1.00 0.25 ? 5  ILE B O    1 
ATOM   782  C  CB   . ILE B 1 5  ? 5.522   -1.827  -8.896  1.00 0.24 ? 5  ILE B CB   1 
ATOM   783  C  CG1  . ILE B 1 5  ? 4.228   -2.584  -9.237  1.00 0.22 ? 5  ILE B CG1  1 
ATOM   784  C  CG2  . ILE B 1 5  ? 5.336   -1.046  -7.568  1.00 0.26 ? 5  ILE B CG2  1 
ATOM   785  C  CD1  . ILE B 1 5  ? 4.020   -3.731  -8.244  1.00 0.25 ? 5  ILE B CD1  1 
ATOM   786  H  H    . ILE B 1 5  ? 6.354   -2.683  -11.151 1.00 0.38 ? 5  ILE B H    1 
ATOM   787  H  HA   . ILE B 1 5  ? 4.971   -0.325  -10.344 1.00 0.26 ? 5  ILE B HA   1 
ATOM   788  H  HB   . ILE B 1 5  ? 6.323   -2.550  -8.784  1.00 0.28 ? 5  ILE B HB   1 
ATOM   789  H  HG12 . ILE B 1 5  ? 3.389   -1.905  -9.185  1.00 0.22 ? 5  ILE B HG12 1 
ATOM   790  H  HG13 . ILE B 1 5  ? 4.296   -2.982  -10.236 1.00 0.24 ? 5  ILE B HG13 1 
ATOM   791  H  HG21 . ILE B 1 5  ? 6.010   -0.208  -7.521  1.00 1.01 ? 5  ILE B HG21 1 
ATOM   792  H  HG22 . ILE B 1 5  ? 4.320   -0.687  -7.489  1.00 1.08 ? 5  ILE B HG22 1 
ATOM   793  H  HG23 . ILE B 1 5  ? 5.544   -1.703  -6.738  1.00 1.02 ? 5  ILE B HG23 1 
ATOM   794  H  HD11 . ILE B 1 5  ? 3.979   -3.340  -7.240  1.00 1.03 ? 5  ILE B HD11 1 
ATOM   795  H  HD12 . ILE B 1 5  ? 3.094   -4.234  -8.472  1.00 0.98 ? 5  ILE B HD12 1 
ATOM   796  H  HD13 . ILE B 1 5  ? 4.836   -4.433  -8.320  1.00 1.03 ? 5  ILE B HD13 1 
ATOM   797  N  N    . ASP B 1 6  ? 8.214   -0.347  -9.816  1.00 0.34 ? 6  ASP B N    1 
ATOM   798  C  CA   . ASP B 1 6  ? 9.358   0.569   -9.519  1.00 0.38 ? 6  ASP B CA   1 
ATOM   799  C  C    . ASP B 1 6  ? 9.286   1.747   -10.499 1.00 0.37 ? 6  ASP B C    1 
ATOM   800  O  O    . ASP B 1 6  ? 9.532   2.886   -10.157 1.00 0.37 ? 6  ASP B O    1 
ATOM   801  C  CB   . ASP B 1 6  ? 10.685  -0.209  -9.724  1.00 0.47 ? 6  ASP B CB   1 
ATOM   802  C  CG   . ASP B 1 6  ? 11.413  -0.413  -8.389  1.00 1.28 ? 6  ASP B CG   1 
ATOM   803  O  OD1  . ASP B 1 6  ? 10.741  -0.608  -7.391  1.00 1.93 ? 6  ASP B OD1  1 
ATOM   804  O  OD2  . ASP B 1 6  ? 12.633  -0.372  -8.394  1.00 2.05 ? 6  ASP B OD2  1 
ATOM   805  H  H    . ASP B 1 6  ? 8.384   -1.275  -10.076 1.00 0.37 ? 6  ASP B H    1 
ATOM   806  H  HA   . ASP B 1 6  ? 9.282   0.935   -8.504  1.00 0.38 ? 6  ASP B HA   1 
ATOM   807  H  HB2  . ASP B 1 6  ? 10.461  -1.175  -10.151 1.00 0.93 ? 6  ASP B HB2  1 
ATOM   808  H  HB3  . ASP B 1 6  ? 11.336  0.331   -10.401 1.00 0.98 ? 6  ASP B HB3  1 
ATOM   809  N  N    . LYS B 1 7  ? 8.950   1.451   -11.718 1.00 0.37 ? 7  LYS B N    1 
ATOM   810  C  CA   . LYS B 1 7  ? 8.846   2.495   -12.773 1.00 0.37 ? 7  LYS B CA   1 
ATOM   811  C  C    . LYS B 1 7  ? 7.744   3.495   -12.396 1.00 0.32 ? 7  LYS B C    1 
ATOM   812  O  O    . LYS B 1 7  ? 7.876   4.688   -12.585 1.00 0.33 ? 7  LYS B O    1 
ATOM   813  C  CB   . LYS B 1 7  ? 8.459   1.767   -14.063 1.00 0.40 ? 7  LYS B CB   1 
ATOM   814  C  CG   . LYS B 1 7  ? 8.736   2.617   -15.302 1.00 1.01 ? 7  LYS B CG   1 
ATOM   815  C  CD   . LYS B 1 7  ? 8.067   1.944   -16.534 1.00 1.12 ? 7  LYS B CD   1 
ATOM   816  C  CE   . LYS B 1 7  ? 8.971   2.028   -17.777 1.00 1.83 ? 7  LYS B CE   1 
ATOM   817  N  NZ   . LYS B 1 7  ? 9.775   3.280   -17.744 1.00 2.42 ? 7  LYS B NZ   1 
ATOM   818  H  H    . LYS B 1 7  ? 8.763   0.518   -11.948 1.00 0.38 ? 7  LYS B H    1 
ATOM   819  H  HA   . LYS B 1 7  ? 9.790   3.001   -12.900 1.00 0.41 ? 7  LYS B HA   1 
ATOM   820  H  HB2  . LYS B 1 7  ? 9.029   0.852   -14.131 1.00 0.92 ? 7  LYS B HB2  1 
ATOM   821  H  HB3  . LYS B 1 7  ? 7.409   1.524   -14.034 1.00 0.80 ? 7  LYS B HB3  1 
ATOM   822  H  HG2  . LYS B 1 7  ? 8.326   3.607   -15.154 1.00 1.56 ? 7  LYS B HG2  1 
ATOM   823  H  HG3  . LYS B 1 7  ? 9.802   2.684   -15.452 1.00 1.53 ? 7  LYS B HG3  1 
ATOM   824  H  HD2  . LYS B 1 7  ? 7.867   0.900   -16.321 1.00 1.43 ? 7  LYS B HD2  1 
ATOM   825  H  HD3  . LYS B 1 7  ? 7.130   2.441   -16.744 1.00 1.56 ? 7  LYS B HD3  1 
ATOM   826  H  HE2  . LYS B 1 7  ? 9.638   1.178   -17.796 1.00 2.31 ? 7  LYS B HE2  1 
ATOM   827  H  HE3  . LYS B 1 7  ? 8.358   2.019   -18.668 1.00 2.35 ? 7  LYS B HE3  1 
ATOM   828  H  HZ1  . LYS B 1 7  ? 9.314   3.972   -17.120 1.00 2.84 ? 7  LYS B HZ1  1 
ATOM   829  H  HZ2  . LYS B 1 7  ? 10.727  3.069   -17.383 1.00 2.85 ? 7  LYS B HZ2  1 
ATOM   830  H  HZ3  . LYS B 1 7  ? 9.845   3.670   -18.705 1.00 2.75 ? 7  LYS B HZ3  1 
ATOM   831  N  N    . ALA B 1 8  ? 6.657   3.004   -11.867 1.00 0.28 ? 8  ALA B N    1 
ATOM   832  C  CA   . ALA B 1 8  ? 5.529   3.895   -11.474 1.00 0.25 ? 8  ALA B CA   1 
ATOM   833  C  C    . ALA B 1 8  ? 5.986   4.886   -10.397 1.00 0.26 ? 8  ALA B C    1 
ATOM   834  O  O    . ALA B 1 8  ? 5.549   6.020   -10.365 1.00 0.29 ? 8  ALA B O    1 
ATOM   835  C  CB   . ALA B 1 8  ? 4.380   3.040   -10.939 1.00 0.24 ? 8  ALA B CB   1 
ATOM   836  H  H    . ALA B 1 8  ? 6.581   2.036   -11.730 1.00 0.28 ? 8  ALA B H    1 
ATOM   837  H  HA   . ALA B 1 8  ? 5.192   4.444   -12.340 1.00 0.27 ? 8  ALA B HA   1 
ATOM   838  H  HB1  . ALA B 1 8  ? 4.778   2.256   -10.313 1.00 1.02 ? 8  ALA B HB1  1 
ATOM   839  H  HB2  . ALA B 1 8  ? 3.705   3.657   -10.364 1.00 1.00 ? 8  ALA B HB2  1 
ATOM   840  H  HB3  . ALA B 1 8  ? 3.845   2.600   -11.769 1.00 1.04 ? 8  ALA B HB3  1 
ATOM   841  N  N    . GLN B 1 9  ? 6.852   4.473   -9.511  1.00 0.28 ? 9  GLN B N    1 
ATOM   842  C  CA   . GLN B 1 9  ? 7.312   5.405   -8.442  1.00 0.33 ? 9  GLN B CA   1 
ATOM   843  C  C    . GLN B 1 9  ? 7.979   6.616   -9.092  1.00 0.37 ? 9  GLN B C    1 
ATOM   844  O  O    . GLN B 1 9  ? 7.816   7.740   -8.662  1.00 0.40 ? 9  GLN B O    1 
ATOM   845  C  CB   . GLN B 1 9  ? 8.345   4.701   -7.556  1.00 0.37 ? 9  GLN B CB   1 
ATOM   846  C  CG   . GLN B 1 9  ? 7.669   3.616   -6.717  1.00 0.37 ? 9  GLN B CG   1 
ATOM   847  C  CD   . GLN B 1 9  ? 8.739   2.829   -5.957  1.00 0.52 ? 9  GLN B CD   1 
ATOM   848  O  OE1  . GLN B 1 9  ? 9.917   2.979   -6.215  1.00 1.03 ? 9  GLN B OE1  1 
ATOM   849  N  NE2  . GLN B 1 9  ? 8.378   1.989   -5.026  1.00 0.97 ? 9  GLN B NE2  1 
ATOM   850  H  H    . GLN B 1 9  ? 7.191   3.554   -9.543  1.00 0.29 ? 9  GLN B H    1 
ATOM   851  H  HA   . GLN B 1 9  ? 6.473   5.723   -7.842  1.00 0.33 ? 9  GLN B HA   1 
ATOM   852  H  HB2  . GLN B 1 9  ? 9.104   4.251   -8.180  1.00 0.38 ? 9  GLN B HB2  1 
ATOM   853  H  HB3  . GLN B 1 9  ? 8.805   5.424   -6.899  1.00 0.42 ? 9  GLN B HB3  1 
ATOM   854  H  HG2  . GLN B 1 9  ? 6.992   4.076   -6.013  1.00 0.47 ? 9  GLN B HG2  1 
ATOM   855  H  HG3  . GLN B 1 9  ? 7.122   2.946   -7.363  1.00 0.46 ? 9  GLN B HG3  1 
ATOM   856  H  HE21 . GLN B 1 9  ? 7.428   1.865   -4.819  1.00 1.46 ? 9  GLN B HE21 1 
ATOM   857  H  HE22 . GLN B 1 9  ? 9.057   1.482   -4.533  1.00 1.09 ? 9  GLN B HE22 1 
ATOM   858  N  N    . GLU B 1 10 ? 8.737   6.382   -10.125 1.00 0.39 ? 10 GLU B N    1 
ATOM   859  C  CA   . GLU B 1 10 ? 9.437   7.497   -10.822 1.00 0.45 ? 10 GLU B CA   1 
ATOM   860  C  C    . GLU B 1 10 ? 8.411   8.489   -11.388 1.00 0.44 ? 10 GLU B C    1 
ATOM   861  O  O    . GLU B 1 10 ? 8.612   9.687   -11.357 1.00 0.48 ? 10 GLU B O    1 
ATOM   862  C  CB   . GLU B 1 10 ? 10.299  6.898   -11.963 1.00 0.49 ? 10 GLU B CB   1 
ATOM   863  C  CG   . GLU B 1 10 ? 11.774  7.277   -11.786 1.00 1.33 ? 10 GLU B CG   1 
ATOM   864  C  CD   . GLU B 1 10 ? 12.587  6.705   -12.948 1.00 1.76 ? 10 GLU B CD   1 
ATOM   865  O  OE1  . GLU B 1 10 ? 12.408  5.537   -13.250 1.00 2.14 ? 10 GLU B OE1  1 
ATOM   866  O  OE2  . GLU B 1 10 ? 13.371  7.446   -13.517 1.00 2.43 ? 10 GLU B OE2  1 
ATOM   867  H  H    . GLU B 1 10 ? 8.851   5.463   -10.444 1.00 0.38 ? 10 GLU B H    1 
ATOM   868  H  HA   . GLU B 1 10 ? 10.067  8.012   -10.113 1.00 0.49 ? 10 GLU B HA   1 
ATOM   869  H  HB2  . GLU B 1 10 ? 10.209  5.822   -11.943 1.00 0.89 ? 10 GLU B HB2  1 
ATOM   870  H  HB3  . GLU B 1 10 ? 9.954   7.261   -12.923 1.00 0.98 ? 10 GLU B HB3  1 
ATOM   871  H  HG2  . GLU B 1 10 ? 11.871  8.354   -11.771 1.00 1.93 ? 10 GLU B HG2  1 
ATOM   872  H  HG3  . GLU B 1 10 ? 12.142  6.870   -10.856 1.00 1.92 ? 10 GLU B HG3  1 
ATOM   873  N  N    . GLU B 1 11 ? 7.326   7.999   -11.925 1.00 0.40 ? 11 GLU B N    1 
ATOM   874  C  CA   . GLU B 1 11 ? 6.301   8.910   -12.520 1.00 0.43 ? 11 GLU B CA   1 
ATOM   875  C  C    . GLU B 1 11 ? 5.192   9.198   -11.505 1.00 0.39 ? 11 GLU B C    1 
ATOM   876  O  O    . GLU B 1 11 ? 4.207   9.836   -11.818 1.00 0.40 ? 11 GLU B O    1 
ATOM   877  C  CB   . GLU B 1 11 ? 5.709   8.255   -13.771 1.00 0.47 ? 11 GLU B CB   1 
ATOM   878  C  CG   . GLU B 1 11 ? 6.821   8.066   -14.806 1.00 0.64 ? 11 GLU B CG   1 
ATOM   879  C  CD   . GLU B 1 11 ? 6.236   7.494   -16.098 1.00 1.34 ? 11 GLU B CD   1 
ATOM   880  O  OE1  . GLU B 1 11 ? 5.038   7.614   -16.288 1.00 1.98 ? 11 GLU B OE1  1 
ATOM   881  O  OE2  . GLU B 1 11 ? 7.000   6.956   -16.883 1.00 2.09 ? 11 GLU B OE2  1 
ATOM   882  H  H    . GLU B 1 11 ? 7.193   7.028   -11.955 1.00 0.38 ? 11 GLU B H    1 
ATOM   883  H  HA   . GLU B 1 11 ? 6.767   9.845   -12.804 1.00 0.48 ? 11 GLU B HA   1 
ATOM   884  H  HB2  . GLU B 1 11 ? 5.288   7.293   -13.510 1.00 0.49 ? 11 GLU B HB2  1 
ATOM   885  H  HB3  . GLU B 1 11 ? 4.938   8.888   -14.183 1.00 0.60 ? 11 GLU B HB3  1 
ATOM   886  H  HG2  . GLU B 1 11 ? 7.285   9.021   -15.012 1.00 1.16 ? 11 GLU B HG2  1 
ATOM   887  H  HG3  . GLU B 1 11 ? 7.561   7.383   -14.417 1.00 1.04 ? 11 GLU B HG3  1 
ATOM   888  N  N    . CYS B 1 12 ? 5.347   8.752   -10.286 1.00 0.37 ? 12 CYS B N    1 
ATOM   889  C  CA   . CYS B 1 12 ? 4.300   9.032   -9.261  1.00 0.35 ? 12 CYS B CA   1 
ATOM   890  C  C    . CYS B 1 12 ? 4.002   10.533  -9.269  1.00 0.39 ? 12 CYS B C    1 
ATOM   891  O  O    . CYS B 1 12 ? 2.865   10.955  -9.204  1.00 0.38 ? 12 CYS B O    1 
ATOM   892  C  CB   . CYS B 1 12 ? 4.809   8.618   -7.880  1.00 0.38 ? 12 CYS B CB   1 
ATOM   893  S  SG   . CYS B 1 12 ? 3.535   8.958   -6.639  1.00 0.38 ? 12 CYS B SG   1 
ATOM   894  H  H    . CYS B 1 12 ? 6.154   8.251   -10.043 1.00 0.38 ? 12 CYS B H    1 
ATOM   895  H  HA   . CYS B 1 12 ? 3.401   8.480   -9.499  1.00 0.34 ? 12 CYS B HA   1 
ATOM   896  H  HB2  . CYS B 1 12 ? 5.036   7.563   -7.882  1.00 0.39 ? 12 CYS B HB2  1 
ATOM   897  H  HB3  . CYS B 1 12 ? 5.702   9.177   -7.642  1.00 0.41 ? 12 CYS B HB3  1 
ATOM   898  N  N    . GLU B 1 13 ? 5.026   11.337  -9.368  1.00 0.44 ? 13 GLU B N    1 
ATOM   899  C  CA   . GLU B 1 13 ? 4.829   12.815  -9.405  1.00 0.50 ? 13 GLU B CA   1 
ATOM   900  C  C    . GLU B 1 13 ? 3.961   13.167  -10.614 1.00 0.48 ? 13 GLU B C    1 
ATOM   901  O  O    . GLU B 1 13 ? 3.178   14.088  -10.577 1.00 0.51 ? 13 GLU B O    1 
ATOM   902  C  CB   . GLU B 1 13 ? 6.202   13.515  -9.538  1.00 0.58 ? 13 GLU B CB   1 
ATOM   903  C  CG   . GLU B 1 13 ? 6.657   14.087  -8.192  1.00 1.19 ? 13 GLU B CG   1 
ATOM   904  C  CD   . GLU B 1 13 ? 7.959   14.862  -8.395  1.00 1.50 ? 13 GLU B CD   1 
ATOM   905  O  OE1  . GLU B 1 13 ? 8.581   14.675  -9.428  1.00 2.10 ? 13 GLU B OE1  1 
ATOM   906  O  OE2  . GLU B 1 13 ? 8.308   15.638  -7.520  1.00 2.00 ? 13 GLU B OE2  1 
ATOM   907  H  H    . GLU B 1 13 ? 5.930   10.965  -9.433  1.00 0.46 ? 13 GLU B H    1 
ATOM   908  H  HA   . GLU B 1 13 ? 4.331   13.135  -8.501  1.00 0.52 ? 13 GLU B HA   1 
ATOM   909  H  HB2  . GLU B 1 13 ? 6.932   12.794  -9.876  1.00 1.08 ? 13 GLU B HB2  1 
ATOM   910  H  HB3  . GLU B 1 13 ? 6.145   14.320  -10.260 1.00 0.96 ? 13 GLU B HB3  1 
ATOM   911  H  HG2  . GLU B 1 13 ? 5.895   14.752  -7.809  1.00 1.81 ? 13 GLU B HG2  1 
ATOM   912  H  HG3  . GLU B 1 13 ? 6.821   13.283  -7.493  1.00 1.77 ? 13 GLU B HG3  1 
ATOM   913  N  N    . LYS B 1 14 ? 4.133   12.463  -11.693 1.00 0.47 ? 14 LYS B N    1 
ATOM   914  C  CA   . LYS B 1 14 ? 3.357   12.767  -12.926 1.00 0.48 ? 14 LYS B CA   1 
ATOM   915  C  C    . LYS B 1 14 ? 1.866   12.513  -12.692 1.00 0.45 ? 14 LYS B C    1 
ATOM   916  O  O    . LYS B 1 14 ? 1.022   13.255  -13.154 1.00 0.48 ? 14 LYS B O    1 
ATOM   917  C  CB   . LYS B 1 14 ? 3.874   11.879  -14.061 1.00 0.50 ? 14 LYS B CB   1 
ATOM   918  C  CG   . LYS B 1 14 ? 3.423   12.441  -15.416 1.00 0.99 ? 14 LYS B CG   1 
ATOM   919  C  CD   . LYS B 1 14 ? 4.154   11.699  -16.555 1.00 1.33 ? 14 LYS B CD   1 
ATOM   920  C  CE   . LYS B 1 14 ? 4.094   12.506  -17.866 1.00 1.83 ? 14 LYS B CE   1 
ATOM   921  N  NZ   . LYS B 1 14 ? 2.860   12.147  -18.617 1.00 2.47 ? 14 LYS B NZ   1 
ATOM   922  H  H    . LYS B 1 14 ? 4.797   11.743  -11.703 1.00 0.46 ? 14 LYS B H    1 
ATOM   923  H  HA   . LYS B 1 14 ? 3.502   13.804  -13.187 1.00 0.53 ? 14 LYS B HA   1 
ATOM   924  H  HB2  . LYS B 1 14 ? 4.952   11.849  -14.020 1.00 0.77 ? 14 LYS B HB2  1 
ATOM   925  H  HB3  . LYS B 1 14 ? 3.483   10.880  -13.940 1.00 0.85 ? 14 LYS B HB3  1 
ATOM   926  H  HG2  . LYS B 1 14 ? 2.355   12.300  -15.523 1.00 1.47 ? 14 LYS B HG2  1 
ATOM   927  H  HG3  . LYS B 1 14 ? 3.654   13.492  -15.461 1.00 1.62 ? 14 LYS B HG3  1 
ATOM   928  H  HD2  . LYS B 1 14 ? 5.188   11.546  -16.280 1.00 1.85 ? 14 LYS B HD2  1 
ATOM   929  H  HD3  . LYS B 1 14 ? 3.683   10.739  -16.709 1.00 1.69 ? 14 LYS B HD3  1 
ATOM   930  H  HE2  . LYS B 1 14 ? 4.092   13.565  -17.657 1.00 2.34 ? 14 LYS B HE2  1 
ATOM   931  H  HE3  . LYS B 1 14 ? 4.958   12.268  -18.471 1.00 2.15 ? 14 LYS B HE3  1 
ATOM   932  H  HZ1  . LYS B 1 14 ? 2.494   11.238  -18.267 1.00 2.93 ? 14 LYS B HZ1  1 
ATOM   933  H  HZ2  . LYS B 1 14 ? 2.144   12.887  -18.482 1.00 2.76 ? 14 LYS B HZ2  1 
ATOM   934  H  HZ3  . LYS B 1 14 ? 3.083   12.066  -19.629 1.00 2.89 ? 14 LYS B HZ3  1 
ATOM   935  N  N    . TYR B 1 15 ? 1.529   11.468  -11.985 1.00 0.40 ? 15 TYR B N    1 
ATOM   936  C  CA   . TYR B 1 15 ? 0.088   11.172  -11.736 1.00 0.40 ? 15 TYR B CA   1 
ATOM   937  C  C    . TYR B 1 15 ? -0.394  11.958  -10.513 1.00 0.40 ? 15 TYR B C    1 
ATOM   938  O  O    . TYR B 1 15 ? -1.577  12.055  -10.256 1.00 0.42 ? 15 TYR B O    1 
ATOM   939  C  CB   . TYR B 1 15 ? -0.082  9.673   -11.489 1.00 0.38 ? 15 TYR B CB   1 
ATOM   940  C  CG   . TYR B 1 15 ? 0.288   8.920   -12.745 1.00 0.41 ? 15 TYR B CG   1 
ATOM   941  C  CD1  . TYR B 1 15 ? -0.650  8.794   -13.784 1.00 0.47 ? 15 TYR B CD1  1 
ATOM   942  C  CD2  . TYR B 1 15 ? 1.569   8.351   -12.879 1.00 0.44 ? 15 TYR B CD2  1 
ATOM   943  C  CE1  . TYR B 1 15 ? -0.313  8.097   -14.959 1.00 0.53 ? 15 TYR B CE1  1 
ATOM   944  C  CE2  . TYR B 1 15 ? 1.908   7.653   -14.056 1.00 0.50 ? 15 TYR B CE2  1 
ATOM   945  C  CZ   . TYR B 1 15 ? 0.966   7.525   -15.095 1.00 0.53 ? 15 TYR B CZ   1 
ATOM   946  O  OH   . TYR B 1 15 ? 1.298   6.842   -16.247 1.00 0.61 ? 15 TYR B OH   1 
ATOM   947  H  H    . TYR B 1 15 ? 2.221   10.876  -11.624 1.00 0.39 ? 15 TYR B H    1 
ATOM   948  H  HA   . TYR B 1 15 ? -0.496  11.461  -12.599 1.00 0.43 ? 15 TYR B HA   1 
ATOM   949  H  HB2  . TYR B 1 15 ? 0.565   9.365   -10.679 1.00 0.39 ? 15 TYR B HB2  1 
ATOM   950  H  HB3  . TYR B 1 15 ? -1.109  9.462   -11.232 1.00 0.39 ? 15 TYR B HB3  1 
ATOM   951  H  HD1  . TYR B 1 15 ? -1.627  9.234   -13.682 1.00 0.51 ? 15 TYR B HD1  1 
ATOM   952  H  HD2  . TYR B 1 15 ? 2.290   8.447   -12.081 1.00 0.47 ? 15 TYR B HD2  1 
ATOM   953  H  HE1  . TYR B 1 15 ? -1.038  7.999   -15.754 1.00 0.61 ? 15 TYR B HE1  1 
ATOM   954  H  HE2  . TYR B 1 15 ? 2.890   7.215   -14.160 1.00 0.55 ? 15 TYR B HE2  1 
ATOM   955  H  HH   . TYR B 1 15 ? 0.489   6.671   -16.735 1.00 1.12 ? 15 TYR B HH   1 
ATOM   956  N  N    . HIS B 1 16 ? 0.515   12.527  -9.765  1.00 0.43 ? 16 HIS B N    1 
ATOM   957  C  CA   . HIS B 1 16 ? 0.117   13.324  -8.566  1.00 0.47 ? 16 HIS B CA   1 
ATOM   958  C  C    . HIS B 1 16 ? -0.697  12.452  -7.607  1.00 0.46 ? 16 HIS B C    1 
ATOM   959  O  O    . HIS B 1 16 ? -0.349  11.324  -7.320  1.00 0.45 ? 16 HIS B O    1 
ATOM   960  C  CB   . HIS B 1 16 ? -0.728  14.536  -8.987  1.00 0.51 ? 16 HIS B CB   1 
ATOM   961  C  CG   . HIS B 1 16 ? -0.016  15.326  -10.050 1.00 0.60 ? 16 HIS B CG   1 
ATOM   962  N  ND1  . HIS B 1 16 ? 0.962   14.770  -10.857 1.00 1.28 ? 16 HIS B ND1  1 
ATOM   963  C  CD2  . HIS B 1 16 ? -0.134  16.635  -10.451 1.00 1.29 ? 16 HIS B CD2  1 
ATOM   964  C  CE1  . HIS B 1 16 ? 1.395   15.732  -11.694 1.00 1.07 ? 16 HIS B CE1  1 
ATOM   965  N  NE2  . HIS B 1 16 ? 0.758   16.884  -11.487 1.00 1.01 ? 16 HIS B NE2  1 
ATOM   966  H  H    . HIS B 1 16 ? 1.462   12.439  -10.001 1.00 0.44 ? 16 HIS B H    1 
ATOM   967  H  HA   . HIS B 1 16 ? 1.008   13.669  -8.061  1.00 0.51 ? 16 HIS B HA   1 
ATOM   968  H  HB2  . HIS B 1 16 ? -1.679  14.200  -9.369  1.00 0.50 ? 16 HIS B HB2  1 
ATOM   969  H  HB3  . HIS B 1 16 ? -0.892  15.168  -8.128  1.00 0.56 ? 16 HIS B HB3  1 
ATOM   970  H  HD1  . HIS B 1 16 ? 1.289   13.848  -10.819 1.00 2.11 ? 16 HIS B HD1  1 
ATOM   971  H  HD2  . HIS B 1 16 ? -0.818  17.356  -10.030 1.00 2.23 ? 16 HIS B HD2  1 
ATOM   972  H  HE1  . HIS B 1 16 ? 2.166   15.589  -12.436 1.00 1.65 ? 16 HIS B HE1  1 
ATOM   973  H  HE2  . HIS B 1 16 ? 0.889   17.729  -11.966 1.00 1.44 ? 16 HIS B HE2  1 
ATOM   974  N  N    . SER B 1 17 ? -1.781  12.983  -7.107  1.00 0.49 ? 17 SER B N    1 
ATOM   975  C  CA   . SER B 1 17 ? -2.641  12.220  -6.161  1.00 0.52 ? 17 SER B CA   1 
ATOM   976  C  C    . SER B 1 17 ? -3.617  11.335  -6.948  1.00 0.48 ? 17 SER B C    1 
ATOM   977  O  O    . SER B 1 17 ? -4.377  10.579  -6.376  1.00 0.50 ? 17 SER B O    1 
ATOM   978  C  CB   . SER B 1 17 ? -3.412  13.222  -5.284  1.00 0.61 ? 17 SER B CB   1 
ATOM   979  O  OG   . SER B 1 17 ? -2.797  13.292  -4.006  1.00 1.44 ? 17 SER B OG   1 
ATOM   980  H  H    . SER B 1 17 ? -2.032  13.896  -7.357  1.00 0.51 ? 17 SER B H    1 
ATOM   981  H  HA   . SER B 1 17 ? -2.020  11.599  -5.532  1.00 0.53 ? 17 SER B HA   1 
ATOM   982  H  HB2  . SER B 1 17 ? -3.381  14.197  -5.741  1.00 1.17 ? 17 SER B HB2  1 
ATOM   983  H  HB3  . SER B 1 17 ? -4.447  12.914  -5.178  1.00 1.16 ? 17 SER B HB3  1 
ATOM   984  H  HG   . SER B 1 17 ? -3.298  12.735  -3.406  1.00 1.86 ? 17 SER B HG   1 
ATOM   985  N  N    . ASN B 1 18 ? -3.615  11.428  -8.250  1.00 0.45 ? 18 ASN B N    1 
ATOM   986  C  CA   . ASN B 1 18 ? -4.557  10.595  -9.052  1.00 0.45 ? 18 ASN B CA   1 
ATOM   987  C  C    . ASN B 1 18 ? -4.001  9.180   -9.198  1.00 0.38 ? 18 ASN B C    1 
ATOM   988  O  O    . ASN B 1 18 ? -3.497  8.803   -10.238 1.00 0.36 ? 18 ASN B O    1 
ATOM   989  C  CB   . ASN B 1 18 ? -4.734  11.212  -10.440 1.00 0.48 ? 18 ASN B CB   1 
ATOM   990  C  CG   . ASN B 1 18 ? -5.522  12.516  -10.326 1.00 0.57 ? 18 ASN B CG   1 
ATOM   991  O  OD1  . ASN B 1 18 ? -6.207  12.743  -9.348  1.00 0.68 ? 18 ASN B OD1  1 
ATOM   992  N  ND2  . ASN B 1 18 ? -5.458  13.388  -11.293 1.00 0.66 ? 18 ASN B ND2  1 
ATOM   993  H  H    . ASN B 1 18 ? -3.003  12.049  -8.699  1.00 0.45 ? 18 ASN B H    1 
ATOM   994  H  HA   . ASN B 1 18 ? -5.515  10.555  -8.555  1.00 0.50 ? 18 ASN B HA   1 
ATOM   995  H  HB2  . ASN B 1 18 ? -3.763  11.414  -10.870 1.00 0.45 ? 18 ASN B HB2  1 
ATOM   996  H  HB3  . ASN B 1 18 ? -5.271  10.523  -11.074 1.00 0.50 ? 18 ASN B HB3  1 
ATOM   997  H  HD21 . ASN B 1 18 ? -4.909  13.202  -12.084 1.00 0.74 ? 18 ASN B HD21 1 
ATOM   998  H  HD22 . ASN B 1 18 ? -5.959  14.228  -11.232 1.00 0.73 ? 18 ASN B HD22 1 
ATOM   999  N  N    . TRP B 1 19 ? -4.097  8.388   -8.166  1.00 0.36 ? 19 TRP B N    1 
ATOM   1000 C  CA   . TRP B 1 19 ? -3.586  6.993   -8.248  1.00 0.32 ? 19 TRP B CA   1 
ATOM   1001 C  C    . TRP B 1 19 ? -4.484  6.174   -9.177  1.00 0.32 ? 19 TRP B C    1 
ATOM   1002 O  O    . TRP B 1 19 ? -4.058  5.206   -9.774  1.00 0.31 ? 19 TRP B O    1 
ATOM   1003 C  CB   . TRP B 1 19 ? -3.582  6.366   -6.852  1.00 0.33 ? 19 TRP B CB   1 
ATOM   1004 C  CG   . TRP B 1 19 ? -4.965  6.376   -6.284  1.00 0.38 ? 19 TRP B CG   1 
ATOM   1005 C  CD1  . TRP B 1 19 ? -5.484  7.371   -5.525  1.00 0.46 ? 19 TRP B CD1  1 
ATOM   1006 C  CD2  . TRP B 1 19 ? -6.013  5.370   -6.412  1.00 0.38 ? 19 TRP B CD2  1 
ATOM   1007 N  NE1  . TRP B 1 19 ? -6.779  7.038   -5.170  1.00 0.51 ? 19 TRP B NE1  1 
ATOM   1008 C  CE2  . TRP B 1 19 ? -7.155  5.817   -5.692  1.00 0.46 ? 19 TRP B CE2  1 
ATOM   1009 C  CE3  . TRP B 1 19 ? -6.087  4.122   -7.074  1.00 0.35 ? 19 TRP B CE3  1 
ATOM   1010 C  CZ2  . TRP B 1 19 ? -8.329  5.052   -5.632  1.00 0.51 ? 19 TRP B CZ2  1 
ATOM   1011 C  CZ3  . TRP B 1 19 ? -7.267  3.350   -7.016  1.00 0.41 ? 19 TRP B CZ3  1 
ATOM   1012 C  CH2  . TRP B 1 19 ? -8.385  3.815   -6.295  1.00 0.48 ? 19 TRP B CH2  1 
ATOM   1013 H  H    . TRP B 1 19 ? -4.514  8.710   -7.339  1.00 0.39 ? 19 TRP B H    1 
ATOM   1014 H  HA   . TRP B 1 19 ? -2.580  7.003   -8.640  1.00 0.30 ? 19 TRP B HA   1 
ATOM   1015 H  HB2  . TRP B 1 19 ? -3.228  5.348   -6.917  1.00 0.31 ? 19 TRP B HB2  1 
ATOM   1016 H  HB3  . TRP B 1 19 ? -2.926  6.932   -6.209  1.00 0.36 ? 19 TRP B HB3  1 
ATOM   1017 H  HD1  . TRP B 1 19 ? -4.967  8.274   -5.237  1.00 0.50 ? 19 TRP B HD1  1 
ATOM   1018 H  HE1  . TRP B 1 19 ? -7.374  7.589   -4.619  1.00 0.57 ? 19 TRP B HE1  1 
ATOM   1019 H  HE3  . TRP B 1 19 ? -5.237  3.760   -7.630  1.00 0.30 ? 19 TRP B HE3  1 
ATOM   1020 H  HZ2  . TRP B 1 19 ? -9.184  5.412   -5.078  1.00 0.57 ? 19 TRP B HZ2  1 
ATOM   1021 H  HZ3  . TRP B 1 19 ? -7.313  2.399   -7.525  1.00 0.41 ? 19 TRP B HZ3  1 
ATOM   1022 H  HH2  . TRP B 1 19 ? -9.286  3.220   -6.253  1.00 0.53 ? 19 TRP B HH2  1 
ATOM   1023 N  N    . ARG B 1 20 ? -5.727  6.554   -9.299  1.00 0.37 ? 20 ARG B N    1 
ATOM   1024 C  CA   . ARG B 1 20 ? -6.655  5.795   -10.184 1.00 0.41 ? 20 ARG B CA   1 
ATOM   1025 C  C    . ARG B 1 20 ? -6.140  5.800   -11.621 1.00 0.41 ? 20 ARG B C    1 
ATOM   1026 O  O    . ARG B 1 20 ? -6.199  4.804   -12.315 1.00 0.42 ? 20 ARG B O    1 
ATOM   1027 C  CB   . ARG B 1 20 ? -8.036  6.442   -10.148 1.00 0.49 ? 20 ARG B CB   1 
ATOM   1028 C  CG   . ARG B 1 20 ? -8.674  6.208   -8.779  1.00 0.55 ? 20 ARG B CG   1 
ATOM   1029 C  CD   . ARG B 1 20 ? -10.079 6.806   -8.766  1.00 0.79 ? 20 ARG B CD   1 
ATOM   1030 N  NE   . ARG B 1 20 ? -10.699 6.576   -7.433  1.00 0.93 ? 20 ARG B NE   1 
ATOM   1031 C  CZ   . ARG B 1 20 ? -11.786 7.213   -7.101  1.00 1.39 ? 20 ARG B CZ   1 
ATOM   1032 N  NH1  . ARG B 1 20 ? -12.327 8.057   -7.937  1.00 1.74 ? 20 ARG B NH1  1 
ATOM   1033 N  NH2  . ARG B 1 20 ? -12.334 7.005   -5.936  1.00 1.70 ? 20 ARG B NH2  1 
ATOM   1034 H  H    . ARG B 1 20 ? -6.051  7.336   -8.805  1.00 0.40 ? 20 ARG B H    1 
ATOM   1035 H  HA   . ARG B 1 20 ? -6.730  4.776   -9.834  1.00 0.40 ? 20 ARG B HA   1 
ATOM   1036 H  HB2  . ARG B 1 20 ? -7.938  7.505   -10.322 1.00 0.52 ? 20 ARG B HB2  1 
ATOM   1037 H  HB3  . ARG B 1 20 ? -8.659  6.008   -10.913 1.00 0.51 ? 20 ARG B HB3  1 
ATOM   1038 H  HG2  . ARG B 1 20 ? -8.729  5.146   -8.586  1.00 0.82 ? 20 ARG B HG2  1 
ATOM   1039 H  HG3  . ARG B 1 20 ? -8.075  6.683   -8.017  1.00 0.80 ? 20 ARG B HG3  1 
ATOM   1040 H  HD2  . ARG B 1 20 ? -10.024 7.865   -8.958  1.00 1.17 ? 20 ARG B HD2  1 
ATOM   1041 H  HD3  . ARG B 1 20 ? -10.677 6.333   -9.533  1.00 1.02 ? 20 ARG B HD3  1 
ATOM   1042 H  HE   . ARG B 1 20 ? -10.291 5.943   -6.805  1.00 0.95 ? 20 ARG B HE   1 
ATOM   1043 H  HH11 . ARG B 1 20 ? -11.906 8.214   -8.830  1.00 1.67 ? 20 ARG B HH11 1 
ATOM   1044 H  HH12 . ARG B 1 20 ? -13.162 8.545   -7.685  1.00 2.18 ? 20 ARG B HH12 1 
ATOM   1045 H  HH21 . ARG B 1 20 ? -11.919 6.357   -5.297  1.00 1.64 ? 20 ARG B HH21 1 
ATOM   1046 H  HH22 . ARG B 1 20 ? -13.170 7.491   -5.682  1.00 2.09 ? 20 ARG B HH22 1 
ATOM   1047 N  N    . ALA B 1 21 ? -5.638  6.910   -12.081 1.00 0.42 ? 21 ALA B N    1 
ATOM   1048 C  CA   . ALA B 1 21 ? -5.128  6.965   -13.477 1.00 0.45 ? 21 ALA B CA   1 
ATOM   1049 C  C    . ALA B 1 21 ? -3.907  6.052   -13.595 1.00 0.41 ? 21 ALA B C    1 
ATOM   1050 O  O    . ALA B 1 21 ? -3.753  5.322   -14.554 1.00 0.43 ? 21 ALA B O    1 
ATOM   1051 C  CB   . ALA B 1 21 ? -4.735  8.403   -13.819 1.00 0.49 ? 21 ALA B CB   1 
ATOM   1052 H  H    . ALA B 1 21 ? -5.601  7.706   -11.510 1.00 0.42 ? 21 ALA B H    1 
ATOM   1053 H  HA   . ALA B 1 21 ? -5.897  6.629   -14.156 1.00 0.49 ? 21 ALA B HA   1 
ATOM   1054 H  HB1  . ALA B 1 21 ? -5.525  9.075   -13.513 1.00 1.24 ? 21 ALA B HB1  1 
ATOM   1055 H  HB2  . ALA B 1 21 ? -3.827  8.659   -13.299 1.00 1.03 ? 21 ALA B HB2  1 
ATOM   1056 H  HB3  . ALA B 1 21 ? -4.579  8.492   -14.883 1.00 1.12 ? 21 ALA B HB3  1 
ATOM   1057 N  N    . MET B 1 22 ? -3.042  6.077   -12.616 1.00 0.39 ? 22 MET B N    1 
ATOM   1058 C  CA   . MET B 1 22 ? -1.839  5.200   -12.659 1.00 0.38 ? 22 MET B CA   1 
ATOM   1059 C  C    . MET B 1 22 ? -2.284  3.735   -12.666 1.00 0.35 ? 22 MET B C    1 
ATOM   1060 O  O    . MET B 1 22 ? -1.792  2.930   -13.429 1.00 0.34 ? 22 MET B O    1 
ATOM   1061 C  CB   . MET B 1 22 ? -0.970  5.481   -11.431 1.00 0.42 ? 22 MET B CB   1 
ATOM   1062 C  CG   . MET B 1 22 ? 0.270   4.586   -11.460 1.00 0.39 ? 22 MET B CG   1 
ATOM   1063 S  SD   . MET B 1 22 ? 1.479   5.189   -10.253 1.00 0.85 ? 22 MET B SD   1 
ATOM   1064 C  CE   . MET B 1 22 ? 0.433   5.059   -8.781  1.00 0.61 ? 22 MET B CE   1 
ATOM   1065 H  H    . MET B 1 22 ? -3.192  6.665   -11.848 1.00 0.39 ? 22 MET B H    1 
ATOM   1066 H  HA   . MET B 1 22 ? -1.274  5.406   -13.555 1.00 0.42 ? 22 MET B HA   1 
ATOM   1067 H  HB2  . MET B 1 22 ? -0.667  6.517   -11.436 1.00 0.48 ? 22 MET B HB2  1 
ATOM   1068 H  HB3  . MET B 1 22 ? -1.538  5.277   -10.536 1.00 0.45 ? 22 MET B HB3  1 
ATOM   1069 H  HG2  . MET B 1 22 ? -0.011  3.573   -11.213 1.00 0.45 ? 22 MET B HG2  1 
ATOM   1070 H  HG3  . MET B 1 22 ? 0.706   4.608   -12.447 1.00 0.51 ? 22 MET B HG3  1 
ATOM   1071 H  HE1  . MET B 1 22 ? -0.247  4.227   -8.895  1.00 1.37 ? 22 MET B HE1  1 
ATOM   1072 H  HE2  . MET B 1 22 ? 1.051   4.898   -7.913  1.00 1.18 ? 22 MET B HE2  1 
ATOM   1073 H  HE3  . MET B 1 22 ? -0.127  5.975   -8.657  1.00 1.22 ? 22 MET B HE3  1 
ATOM   1074 N  N    . ALA B 1 23 ? -3.227  3.387   -11.835 1.00 0.35 ? 23 ALA B N    1 
ATOM   1075 C  CA   . ALA B 1 23 ? -3.713  1.979   -11.805 1.00 0.34 ? 23 ALA B CA   1 
ATOM   1076 C  C    . ALA B 1 23 ? -4.218  1.601   -13.200 1.00 0.34 ? 23 ALA B C    1 
ATOM   1077 O  O    . ALA B 1 23 ? -4.011  0.500   -13.673 1.00 0.35 ? 23 ALA B O    1 
ATOM   1078 C  CB   . ALA B 1 23 ? -4.864  1.863   -10.803 1.00 0.37 ? 23 ALA B CB   1 
ATOM   1079 H  H    . ALA B 1 23 ? -3.621  4.055   -11.235 1.00 0.37 ? 23 ALA B H    1 
ATOM   1080 H  HA   . ALA B 1 23 ? -2.906  1.315   -11.513 1.00 0.34 ? 23 ALA B HA   1 
ATOM   1081 H  HB1  . ALA B 1 23 ? -5.662  2.531   -11.093 1.00 1.08 ? 23 ALA B HB1  1 
ATOM   1082 H  HB2  . ALA B 1 23 ? -5.231  0.848   -10.790 1.00 1.12 ? 23 ALA B HB2  1 
ATOM   1083 H  HB3  . ALA B 1 23 ? -4.513  2.132   -9.818  1.00 1.03 ? 23 ALA B HB3  1 
ATOM   1084 N  N    . SER B 1 24 ? -4.886  2.511   -13.856 1.00 0.36 ? 24 SER B N    1 
ATOM   1085 C  CA   . SER B 1 24 ? -5.419  2.224   -15.218 1.00 0.39 ? 24 SER B CA   1 
ATOM   1086 C  C    . SER B 1 24 ? -4.259  2.026   -16.208 1.00 0.39 ? 24 SER B C    1 
ATOM   1087 O  O    . SER B 1 24 ? -4.326  1.195   -17.091 1.00 0.42 ? 24 SER B O    1 
ATOM   1088 C  CB   . SER B 1 24 ? -6.317  3.396   -15.659 1.00 0.43 ? 24 SER B CB   1 
ATOM   1089 O  OG   . SER B 1 24 ? -7.668  2.955   -15.698 1.00 1.20 ? 24 SER B OG   1 
ATOM   1090 H  H    . SER B 1 24 ? -5.042  3.388   -13.447 1.00 0.36 ? 24 SER B H    1 
ATOM   1091 H  HA   . SER B 1 24 ? -6.009  1.322   -15.182 1.00 0.41 ? 24 SER B HA   1 
ATOM   1092 H  HB2  . SER B 1 24 ? -6.232  4.200   -14.948 1.00 0.94 ? 24 SER B HB2  1 
ATOM   1093 H  HB3  . SER B 1 24 ? -6.019  3.756   -16.639 1.00 0.98 ? 24 SER B HB3  1 
ATOM   1094 H  HG   . SER B 1 24 ? -7.825  2.555   -16.557 1.00 1.59 ? 24 SER B HG   1 
ATOM   1095 N  N    . ASP B 1 25 ? -3.205  2.786   -16.077 1.00 0.38 ? 25 ASP B N    1 
ATOM   1096 C  CA   . ASP B 1 25 ? -2.062  2.633   -17.028 1.00 0.40 ? 25 ASP B CA   1 
ATOM   1097 C  C    . ASP B 1 25 ? -1.342  1.307   -16.779 1.00 0.38 ? 25 ASP B C    1 
ATOM   1098 O  O    . ASP B 1 25 ? -0.968  0.617   -17.707 1.00 0.41 ? 25 ASP B O    1 
ATOM   1099 C  CB   . ASP B 1 25 ? -1.068  3.796   -16.838 1.00 0.42 ? 25 ASP B CB   1 
ATOM   1100 C  CG   . ASP B 1 25 ? -1.519  5.032   -17.627 1.00 1.10 ? 25 ASP B CG   1 
ATOM   1101 O  OD1  . ASP B 1 25 ? -2.443  4.913   -18.414 1.00 1.76 ? 25 ASP B OD1  1 
ATOM   1102 O  OD2  . ASP B 1 25 ? -0.925  6.079   -17.429 1.00 1.82 ? 25 ASP B OD2  1 
ATOM   1103 H  H    . ASP B 1 25 ? -3.170  3.457   -15.365 1.00 0.37 ? 25 ASP B H    1 
ATOM   1104 H  HA   . ASP B 1 25 ? -2.437  2.639   -18.037 1.00 0.44 ? 25 ASP B HA   1 
ATOM   1105 H  HB2  . ASP B 1 25 ? -1.017  4.048   -15.788 1.00 0.72 ? 25 ASP B HB2  1 
ATOM   1106 H  HB3  . ASP B 1 25 ? -0.085  3.497   -17.178 1.00 0.89 ? 25 ASP B HB3  1 
ATOM   1107 N  N    . PHE B 1 26 ? -1.138  0.940   -15.543 1.00 0.35 ? 26 PHE B N    1 
ATOM   1108 C  CA   . PHE B 1 26 ? -0.430  -0.345  -15.256 1.00 0.35 ? 26 PHE B CA   1 
ATOM   1109 C  C    . PHE B 1 26 ? -1.458  -1.457  -15.019 1.00 0.35 ? 26 PHE B C    1 
ATOM   1110 O  O    . PHE B 1 26 ? -1.109  -2.596  -14.784 1.00 0.37 ? 26 PHE B O    1 
ATOM   1111 C  CB   . PHE B 1 26 ? 0.440   -0.183  -14.014 1.00 0.33 ? 26 PHE B CB   1 
ATOM   1112 C  CG   . PHE B 1 26 ? 1.586   0.765   -14.297 1.00 0.34 ? 26 PHE B CG   1 
ATOM   1113 C  CD1  . PHE B 1 26 ? 1.422   2.153   -14.115 1.00 0.37 ? 26 PHE B CD1  1 
ATOM   1114 C  CD2  . PHE B 1 26 ? 2.828   0.256   -14.731 1.00 0.37 ? 26 PHE B CD2  1 
ATOM   1115 C  CE1  . PHE B 1 26 ? 2.496   3.029   -14.368 1.00 0.40 ? 26 PHE B CE1  1 
ATOM   1116 C  CE2  . PHE B 1 26 ? 3.898   1.132   -14.985 1.00 0.40 ? 26 PHE B CE2  1 
ATOM   1117 C  CZ   . PHE B 1 26 ? 3.733   2.519   -14.804 1.00 0.41 ? 26 PHE B CZ   1 
ATOM   1118 H  H    . PHE B 1 26 ? -1.443  1.510   -14.807 1.00 0.34 ? 26 PHE B H    1 
ATOM   1119 H  HA   . PHE B 1 26 ? 0.198   -0.616  -16.094 1.00 0.37 ? 26 PHE B HA   1 
ATOM   1120 H  HB2  . PHE B 1 26 ? -0.156  0.200   -13.198 1.00 0.32 ? 26 PHE B HB2  1 
ATOM   1121 H  HB3  . PHE B 1 26 ? 0.838   -1.146  -13.749 1.00 0.34 ? 26 PHE B HB3  1 
ATOM   1122 H  HD1  . PHE B 1 26 ? 0.475   2.546   -13.784 1.00 0.39 ? 26 PHE B HD1  1 
ATOM   1123 H  HD2  . PHE B 1 26 ? 2.958   -0.806  -14.870 1.00 0.39 ? 26 PHE B HD2  1 
ATOM   1124 H  HE1  . PHE B 1 26 ? 2.369   4.092   -14.229 1.00 0.44 ? 26 PHE B HE1  1 
ATOM   1125 H  HE2  . PHE B 1 26 ? 4.848   0.742   -15.318 1.00 0.44 ? 26 PHE B HE2  1 
ATOM   1126 H  HZ   . PHE B 1 26 ? 4.556   3.190   -14.998 1.00 0.45 ? 26 PHE B HZ   1 
ATOM   1127 N  N    . ASN B 1 27 ? -2.721  -1.136  -15.094 1.00 0.36 ? 27 ASN B N    1 
ATOM   1128 C  CA   . ASN B 1 27 ? -3.777  -2.172  -14.894 1.00 0.38 ? 27 ASN B CA   1 
ATOM   1129 C  C    . ASN B 1 27 ? -3.569  -2.918  -13.572 1.00 0.36 ? 27 ASN B C    1 
ATOM   1130 O  O    . ASN B 1 27 ? -3.641  -4.130  -13.527 1.00 0.40 ? 27 ASN B O    1 
ATOM   1131 C  CB   . ASN B 1 27 ? -3.733  -3.173  -16.051 1.00 0.44 ? 27 ASN B CB   1 
ATOM   1132 C  CG   . ASN B 1 27 ? -3.988  -2.443  -17.371 1.00 0.49 ? 27 ASN B CG   1 
ATOM   1133 O  OD1  . ASN B 1 27 ? -3.353  -2.725  -18.367 1.00 0.74 ? 27 ASN B OD1  1 
ATOM   1134 N  ND2  . ASN B 1 27 ? -4.898  -1.509  -17.419 1.00 0.62 ? 27 ASN B ND2  1 
ATOM   1135 H  H    . ASN B 1 27 ? -2.977  -0.211  -15.295 1.00 0.36 ? 27 ASN B H    1 
ATOM   1136 H  HA   . ASN B 1 27 ? -4.745  -1.692  -14.881 1.00 0.40 ? 27 ASN B HA   1 
ATOM   1137 H  HB2  . ASN B 1 27 ? -2.762  -3.644  -16.082 1.00 0.45 ? 27 ASN B HB2  1 
ATOM   1138 H  HB3  . ASN B 1 27 ? -4.493  -3.925  -15.905 1.00 0.46 ? 27 ASN B HB3  1 
ATOM   1139 H  HD21 . ASN B 1 27 ? -5.410  -1.281  -16.615 1.00 0.85 ? 27 ASN B HD21 1 
ATOM   1140 H  HD22 . ASN B 1 27 ? -5.069  -1.035  -18.260 1.00 0.64 ? 27 ASN B HD22 1 
ATOM   1141 N  N    . LEU B 1 28 ? -3.332  -2.209  -12.492 1.00 0.31 ? 28 LEU B N    1 
ATOM   1142 C  CA   . LEU B 1 28 ? -3.140  -2.883  -11.160 1.00 0.30 ? 28 LEU B CA   1 
ATOM   1143 C  C    . LEU B 1 28 ? -4.310  -2.506  -10.239 1.00 0.30 ? 28 LEU B C    1 
ATOM   1144 O  O    . LEU B 1 28 ? -4.862  -1.430  -10.354 1.00 0.43 ? 28 LEU B O    1 
ATOM   1145 C  CB   . LEU B 1 28 ? -1.845  -2.388  -10.499 1.00 0.30 ? 28 LEU B CB   1 
ATOM   1146 C  CG   . LEU B 1 28 ? -0.590  -2.980  -11.175 1.00 0.32 ? 28 LEU B CG   1 
ATOM   1147 C  CD1  . LEU B 1 28 ? 0.673   -2.161  -10.752 1.00 0.33 ? 28 LEU B CD1  1 
ATOM   1148 C  CD2  . LEU B 1 28 ? -0.413  -4.457  -10.755 1.00 0.39 ? 28 LEU B CD2  1 
ATOM   1149 H  H    . LEU B 1 28 ? -3.293  -1.232  -12.553 1.00 0.30 ? 28 LEU B H    1 
ATOM   1150 H  HA   . LEU B 1 28 ? -3.106  -3.949  -11.287 1.00 0.33 ? 28 LEU B HA   1 
ATOM   1151 H  HB2  . LEU B 1 28 ? -1.815  -1.312  -10.574 1.00 0.30 ? 28 LEU B HB2  1 
ATOM   1152 H  HB3  . LEU B 1 28 ? -1.851  -2.668  -9.458  1.00 0.34 ? 28 LEU B HB3  1 
ATOM   1153 H  HG   . LEU B 1 28 ? -0.713  -2.926  -12.250 1.00 0.33 ? 28 LEU B HG   1 
ATOM   1154 H  HD11 . LEU B 1 28 ? 0.401   -1.368  -10.069 1.00 1.08 ? 28 LEU B HD11 1 
ATOM   1155 H  HD12 . LEU B 1 28 ? 1.394   -2.804  -10.265 1.00 1.01 ? 28 LEU B HD12 1 
ATOM   1156 H  HD13 . LEU B 1 28 ? 1.130   -1.724  -11.620 1.00 1.12 ? 28 LEU B HD13 1 
ATOM   1157 H  HD21 . LEU B 1 28 ? -0.487  -4.540  -9.681  1.00 1.05 ? 28 LEU B HD21 1 
ATOM   1158 H  HD22 . LEU B 1 28 ? -1.174  -5.066  -11.214 1.00 1.07 ? 28 LEU B HD22 1 
ATOM   1159 H  HD23 . LEU B 1 28 ? 0.558   -4.806  -11.074 1.00 1.13 ? 28 LEU B HD23 1 
ATOM   1160 N  N    . PRO B 1 29 ? -4.676  -3.365  -9.313  1.00 0.28 ? 29 PRO B N    1 
ATOM   1161 C  CA   . PRO B 1 29 ? -5.781  -3.066  -8.361  1.00 0.29 ? 29 PRO B CA   1 
ATOM   1162 C  C    . PRO B 1 29 ? -5.370  -1.973  -7.351  1.00 0.26 ? 29 PRO B C    1 
ATOM   1163 O  O    . PRO B 1 29 ? -4.200  -1.799  -7.074  1.00 0.29 ? 29 PRO B O    1 
ATOM   1164 C  CB   . PRO B 1 29 ? -6.042  -4.408  -7.658  1.00 0.33 ? 29 PRO B CB   1 
ATOM   1165 C  CG   . PRO B 1 29 ? -4.760  -5.173  -7.780  1.00 0.64 ? 29 PRO B CG   1 
ATOM   1166 C  CD   . PRO B 1 29 ? -4.091  -4.697  -9.075  1.00 0.43 ? 29 PRO B CD   1 
ATOM   1167 H  HA   . PRO B 1 29 ? -6.655  -2.768  -8.912  1.00 0.33 ? 29 PRO B HA   1 
ATOM   1168 H  HB2  . PRO B 1 29 ? -6.294  -4.249  -6.614  1.00 0.49 ? 29 PRO B HB2  1 
ATOM   1169 H  HB3  . PRO B 1 29 ? -6.841  -4.943  -8.154  1.00 0.58 ? 29 PRO B HB3  1 
ATOM   1170 H  HG2  . PRO B 1 29 ? -4.120  -4.965  -6.930  1.00 0.99 ? 29 PRO B HG2  1 
ATOM   1171 H  HG3  . PRO B 1 29 ? -4.959  -6.234  -7.841  1.00 1.00 ? 29 PRO B HG3  1 
ATOM   1172 H  HD2  . PRO B 1 29 ? -3.019  -4.628  -8.947  1.00 0.49 ? 29 PRO B HD2  1 
ATOM   1173 H  HD3  . PRO B 1 29 ? -4.334  -5.359  -9.894  1.00 0.49 ? 29 PRO B HD3  1 
ATOM   1174 N  N    . PRO B 1 30 ? -6.315  -1.241  -6.811  1.00 0.27 ? 30 PRO B N    1 
ATOM   1175 C  CA   . PRO B 1 30 ? -6.023  -0.155  -5.831  1.00 0.26 ? 30 PRO B CA   1 
ATOM   1176 C  C    . PRO B 1 30 ? -4.977  -0.549  -4.771  1.00 0.24 ? 30 PRO B C    1 
ATOM   1177 O  O    . PRO B 1 30 ? -4.352  0.299   -4.168  1.00 0.24 ? 30 PRO B O    1 
ATOM   1178 C  CB   . PRO B 1 30 ? -7.380  0.114   -5.159  1.00 0.32 ? 30 PRO B CB   1 
ATOM   1179 C  CG   . PRO B 1 30 ? -8.428  -0.350  -6.131  1.00 0.53 ? 30 PRO B CG   1 
ATOM   1180 C  CD   . PRO B 1 30 ? -7.761  -1.363  -7.078  1.00 0.37 ? 30 PRO B CD   1 
ATOM   1181 H  HA   . PRO B 1 30 ? -5.700  0.732   -6.351  1.00 0.27 ? 30 PRO B HA   1 
ATOM   1182 H  HB2  . PRO B 1 30 ? -7.458  -0.439  -4.229  1.00 0.45 ? 30 PRO B HB2  1 
ATOM   1183 H  HB3  . PRO B 1 30 ? -7.497  1.171   -4.968  1.00 0.49 ? 30 PRO B HB3  1 
ATOM   1184 H  HG2  . PRO B 1 30 ? -9.247  -0.820  -5.597  1.00 0.80 ? 30 PRO B HG2  1 
ATOM   1185 H  HG3  . PRO B 1 30 ? -8.803  0.490   -6.703  1.00 0.79 ? 30 PRO B HG3  1 
ATOM   1186 H  HD2  . PRO B 1 30 ? -8.102  -2.368  -6.862  1.00 0.43 ? 30 PRO B HD2  1 
ATOM   1187 H  HD3  . PRO B 1 30 ? -7.972  -1.107  -8.107  1.00 0.41 ? 30 PRO B HD3  1 
ATOM   1188 N  N    . VAL B 1 31 ? -4.803  -1.818  -4.514  1.00 0.24 ? 31 VAL B N    1 
ATOM   1189 C  CA   . VAL B 1 31 ? -3.821  -2.225  -3.462  1.00 0.24 ? 31 VAL B CA   1 
ATOM   1190 C  C    . VAL B 1 31 ? -2.420  -1.728  -3.831  1.00 0.22 ? 31 VAL B C    1 
ATOM   1191 O  O    . VAL B 1 31 ? -1.737  -1.130  -3.024  1.00 0.24 ? 31 VAL B O    1 
ATOM   1192 C  CB   . VAL B 1 31 ? -3.810  -3.771  -3.340  1.00 0.26 ? 31 VAL B CB   1 
ATOM   1193 C  CG1  . VAL B 1 31 ? -2.647  -4.263  -2.401  1.00 0.29 ? 31 VAL B CG1  1 
ATOM   1194 C  CG2  . VAL B 1 31 ? -5.207  -4.262  -2.830  1.00 0.30 ? 31 VAL B CG2  1 
ATOM   1195 H  H    . VAL B 1 31 ? -5.330  -2.494  -4.988  1.00 0.25 ? 31 VAL B H    1 
ATOM   1196 H  HA   . VAL B 1 31 ? -4.117  -1.794  -2.520  1.00 0.26 ? 31 VAL B HA   1 
ATOM   1197 H  HB   . VAL B 1 31 ? -3.641  -4.179  -4.332  1.00 0.25 ? 31 VAL B HB   1 
ATOM   1198 H  HG11 . VAL B 1 31 ? -1.983  -3.451  -2.149  1.00 1.06 ? 31 VAL B HG11 1 
ATOM   1199 H  HG12 . VAL B 1 31 ? -3.042  -4.671  -1.486  1.00 1.03 ? 31 VAL B HG12 1 
ATOM   1200 H  HG13 . VAL B 1 31 ? -2.073  -5.030  -2.908  1.00 1.06 ? 31 VAL B HG13 1 
ATOM   1201 H  HG21 . VAL B 1 31 ? -5.761  -3.439  -2.404  1.00 1.01 ? 31 VAL B HG21 1 
ATOM   1202 H  HG22 . VAL B 1 31 ? -5.770  -4.668  -3.661  1.00 1.13 ? 31 VAL B HG22 1 
ATOM   1203 H  HG23 . VAL B 1 31 ? -5.091  -5.031  -2.081  1.00 1.04 ? 31 VAL B HG23 1 
ATOM   1204 N  N    . VAL B 1 32 ? -1.969  -1.988  -5.023  1.00 0.20 ? 32 VAL B N    1 
ATOM   1205 C  CA   . VAL B 1 32 ? -0.598  -1.546  -5.398  1.00 0.20 ? 32 VAL B CA   1 
ATOM   1206 C  C    . VAL B 1 32 ? -0.567  -0.045  -5.665  1.00 0.18 ? 32 VAL B C    1 
ATOM   1207 O  O    . VAL B 1 32 ? 0.364   0.636   -5.295  1.00 0.18 ? 32 VAL B O    1 
ATOM   1208 C  CB   . VAL B 1 32 ? -0.142  -2.299  -6.653  1.00 0.21 ? 32 VAL B CB   1 
ATOM   1209 C  CG1  . VAL B 1 32 ? 1.227   -1.739  -7.121  1.00 0.26 ? 32 VAL B CG1  1 
ATOM   1210 C  CG2  . VAL B 1 32 ? -0.064  -3.827  -6.343  1.00 0.24 ? 32 VAL B CG2  1 
ATOM   1211 H  H    . VAL B 1 32 ? -2.519  -2.489  -5.660  1.00 0.21 ? 32 VAL B H    1 
ATOM   1212 H  HA   . VAL B 1 32 ? 0.079   -1.773  -4.589  1.00 0.22 ? 32 VAL B HA   1 
ATOM   1213 H  HB   . VAL B 1 32 ? -0.871  -2.129  -7.433  1.00 0.23 ? 32 VAL B HB   1 
ATOM   1214 H  HG11 . VAL B 1 32 ? 1.773   -1.339  -6.277  1.00 1.07 ? 32 VAL B HG11 1 
ATOM   1215 H  HG12 . VAL B 1 32 ? 1.810   -2.519  -7.578  1.00 1.02 ? 32 VAL B HG12 1 
ATOM   1216 H  HG13 . VAL B 1 32 ? 1.064   -0.953  -7.843  1.00 1.05 ? 32 VAL B HG13 1 
ATOM   1217 H  HG21 . VAL B 1 32 ? -0.477  -4.027  -5.366  1.00 1.02 ? 32 VAL B HG21 1 
ATOM   1218 H  HG22 . VAL B 1 32 ? -0.634  -4.375  -7.083  1.00 1.04 ? 32 VAL B HG22 1 
ATOM   1219 H  HG23 . VAL B 1 32 ? 0.960   -4.169  -6.361  1.00 1.06 ? 32 VAL B HG23 1 
ATOM   1220 N  N    . ALA B 1 33 ? -1.565  0.482   -6.310  1.00 0.18 ? 33 ALA B N    1 
ATOM   1221 C  CA   . ALA B 1 33 ? -1.552  1.939   -6.600  1.00 0.18 ? 33 ALA B CA   1 
ATOM   1222 C  C    . ALA B 1 33 ? -1.493  2.709   -5.285  1.00 0.19 ? 33 ALA B C    1 
ATOM   1223 O  O    . ALA B 1 33 ? -0.662  3.574   -5.095  1.00 0.18 ? 33 ALA B O    1 
ATOM   1224 C  CB   . ALA B 1 33 ? -2.823  2.308   -7.364  1.00 0.23 ? 33 ALA B CB   1 
ATOM   1225 H  H    . ALA B 1 33 ? -2.310  -0.078  -6.613  1.00 0.19 ? 33 ALA B H    1 
ATOM   1226 H  HA   . ALA B 1 33 ? -0.688  2.180   -7.197  1.00 0.19 ? 33 ALA B HA   1 
ATOM   1227 H  HB1  . ALA B 1 33 ? -3.016  1.562   -8.119  1.00 1.00 ? 33 ALA B HB1  1 
ATOM   1228 H  HB2  . ALA B 1 33 ? -3.657  2.347   -6.677  1.00 0.95 ? 33 ALA B HB2  1 
ATOM   1229 H  HB3  . ALA B 1 33 ? -2.695  3.271   -7.833  1.00 0.99 ? 33 ALA B HB3  1 
ATOM   1230 N  N    . LYS B 1 34 ? -2.354  2.386   -4.369  1.00 0.21 ? 34 LYS B N    1 
ATOM   1231 C  CA   . LYS B 1 34 ? -2.334  3.084   -3.057  1.00 0.24 ? 34 LYS B CA   1 
ATOM   1232 C  C    . LYS B 1 34 ? -0.995  2.830   -2.367  1.00 0.23 ? 34 LYS B C    1 
ATOM   1233 O  O    . LYS B 1 34 ? -0.431  3.705   -1.743  1.00 0.24 ? 34 LYS B O    1 
ATOM   1234 C  CB   . LYS B 1 34 ? -3.483  2.582   -2.182  1.00 0.29 ? 34 LYS B CB   1 
ATOM   1235 C  CG   . LYS B 1 34 ? -4.808  3.085   -2.765  1.00 0.32 ? 34 LYS B CG   1 
ATOM   1236 C  CD   . LYS B 1 34 ? -5.952  2.808   -1.790  1.00 0.91 ? 34 LYS B CD   1 
ATOM   1237 C  CE   . LYS B 1 34 ? -7.263  3.308   -2.402  1.00 0.81 ? 34 LYS B CE   1 
ATOM   1238 N  NZ   . LYS B 1 34 ? -8.315  3.383   -1.351  1.00 1.44 ? 34 LYS B NZ   1 
ATOM   1239 H  H    . LYS B 1 34 ? -3.006  1.675   -4.538  1.00 0.23 ? 34 LYS B H    1 
ATOM   1240 H  HA   . LYS B 1 34 ? -2.447  4.145   -3.220  1.00 0.24 ? 34 LYS B HA   1 
ATOM   1241 H  HB2  . LYS B 1 34 ? -3.481  1.499   -2.169  1.00 0.29 ? 34 LYS B HB2  1 
ATOM   1242 H  HB3  . LYS B 1 34 ? -3.363  2.955   -1.179  1.00 0.31 ? 34 LYS B HB3  1 
ATOM   1243 H  HG2  . LYS B 1 34 ? -4.743  4.147   -2.947  1.00 0.80 ? 34 LYS B HG2  1 
ATOM   1244 H  HG3  . LYS B 1 34 ? -5.004  2.574   -3.696  1.00 0.78 ? 34 LYS B HG3  1 
ATOM   1245 H  HD2  . LYS B 1 34 ? -6.019  1.747   -1.599  1.00 1.40 ? 34 LYS B HD2  1 
ATOM   1246 H  HD3  . LYS B 1 34 ? -5.768  3.331   -0.862  1.00 1.41 ? 34 LYS B HD3  1 
ATOM   1247 H  HE2  . LYS B 1 34 ? -7.113  4.289   -2.829  1.00 1.12 ? 34 LYS B HE2  1 
ATOM   1248 H  HE3  . LYS B 1 34 ? -7.579  2.627   -3.176  1.00 1.10 ? 34 LYS B HE3  1 
ATOM   1249 H  HZ1  . LYS B 1 34 ? -7.999  2.867   -0.506  1.00 1.88 ? 34 LYS B HZ1  1 
ATOM   1250 H  HZ2  . LYS B 1 34 ? -8.486  4.378   -1.102  1.00 1.95 ? 34 LYS B HZ2  1 
ATOM   1251 H  HZ3  . LYS B 1 34 ? -9.194  2.958   -1.711  1.00 1.93 ? 34 LYS B HZ3  1 
ATOM   1252 N  N    . GLU B 1 35 ? -0.485  1.634   -2.465  1.00 0.23 ? 35 GLU B N    1 
ATOM   1253 C  CA   . GLU B 1 35 ? 0.813   1.326   -1.803  1.00 0.25 ? 35 GLU B CA   1 
ATOM   1254 C  C    . GLU B 1 35 ? 1.904   2.241   -2.364  1.00 0.23 ? 35 GLU B C    1 
ATOM   1255 O  O    . GLU B 1 35 ? 2.750   2.725   -1.639  1.00 0.26 ? 35 GLU B O    1 
ATOM   1256 C  CB   . GLU B 1 35 ? 1.195   -0.133  -2.068  1.00 0.26 ? 35 GLU B CB   1 
ATOM   1257 C  CG   . GLU B 1 35 ? 2.424   -0.507  -1.229  1.00 0.30 ? 35 GLU B CG   1 
ATOM   1258 C  CD   . GLU B 1 35 ? 3.696   0.062   -1.868  1.00 0.32 ? 35 GLU B CD   1 
ATOM   1259 O  OE1  . GLU B 1 35 ? 3.687   0.293   -3.066  1.00 1.02 ? 35 GLU B OE1  1 
ATOM   1260 O  OE2  . GLU B 1 35 ? 4.660   0.260   -1.146  1.00 1.11 ? 35 GLU B OE2  1 
ATOM   1261 H  H    . GLU B 1 35 ? -0.961  0.939   -2.965  1.00 0.23 ? 35 GLU B H    1 
ATOM   1262 H  HA   . GLU B 1 35 ? 0.713   1.484   -0.742  1.00 0.27 ? 35 GLU B HA   1 
ATOM   1263 H  HB2  . GLU B 1 35 ? 0.369   -0.775  -1.799  1.00 0.27 ? 35 GLU B HB2  1 
ATOM   1264 H  HB3  . GLU B 1 35 ? 1.422   -0.261  -3.115  1.00 0.25 ? 35 GLU B HB3  1 
ATOM   1265 H  HG2  . GLU B 1 35 ? 2.317   -0.109  -0.230  1.00 0.33 ? 35 GLU B HG2  1 
ATOM   1266 H  HG3  . GLU B 1 35 ? 2.503   -1.579  -1.177  1.00 0.32 ? 35 GLU B HG3  1 
ATOM   1267 N  N    . ILE B 1 36 ? 1.893   2.486   -3.646  1.00 0.20 ? 36 ILE B N    1 
ATOM   1268 C  CA   . ILE B 1 36 ? 2.934   3.374   -4.241  1.00 0.20 ? 36 ILE B CA   1 
ATOM   1269 C  C    . ILE B 1 36 ? 2.803   4.770   -3.629  1.00 0.20 ? 36 ILE B C    1 
ATOM   1270 O  O    . ILE B 1 36 ? 3.781   5.400   -3.277  1.00 0.24 ? 36 ILE B O    1 
ATOM   1271 C  CB   . ILE B 1 36 ? 2.731   3.436   -5.756  1.00 0.18 ? 36 ILE B CB   1 
ATOM   1272 C  CG1  . ILE B 1 36 ? 3.042   2.057   -6.354  1.00 0.19 ? 36 ILE B CG1  1 
ATOM   1273 C  CG2  . ILE B 1 36 ? 3.680   4.475   -6.356  1.00 0.22 ? 36 ILE B CG2  1 
ATOM   1274 C  CD1  . ILE B 1 36 ? 2.586   1.983   -7.822  1.00 0.20 ? 36 ILE B CD1  1 
ATOM   1275 H  H    . ILE B 1 36 ? 1.202   2.089   -4.217  1.00 0.18 ? 36 ILE B H    1 
ATOM   1276 H  HA   . ILE B 1 36 ? 3.914   2.976   -4.023  1.00 0.23 ? 36 ILE B HA   1 
ATOM   1277 H  HB   . ILE B 1 36 ? 1.709   3.710   -5.969  1.00 0.17 ? 36 ILE B HB   1 
ATOM   1278 H  HG12 . ILE B 1 36 ? 4.106   1.880   -6.301  1.00 0.23 ? 36 ILE B HG12 1 
ATOM   1279 H  HG13 . ILE B 1 36 ? 2.531   1.299   -5.782  1.00 0.19 ? 36 ILE B HG13 1 
ATOM   1280 H  HG21 . ILE B 1 36 ? 4.676   4.308   -5.978  1.00 1.04 ? 36 ILE B HG21 1 
ATOM   1281 H  HG22 . ILE B 1 36 ? 3.683   4.381   -7.432  1.00 1.02 ? 36 ILE B HG22 1 
ATOM   1282 H  HG23 . ILE B 1 36 ? 3.351   5.465   -6.082  1.00 1.06 ? 36 ILE B HG23 1 
ATOM   1283 H  HD11 . ILE B 1 36 ? 1.703   2.588   -7.970  1.00 1.05 ? 36 ILE B HD11 1 
ATOM   1284 H  HD12 . ILE B 1 36 ? 3.375   2.339   -8.463  1.00 1.05 ? 36 ILE B HD12 1 
ATOM   1285 H  HD13 . ILE B 1 36 ? 2.359   0.959   -8.077  1.00 1.00 ? 36 ILE B HD13 1 
ATOM   1286 N  N    . VAL B 1 37 ? 1.598   5.245   -3.472  1.00 0.20 ? 37 VAL B N    1 
ATOM   1287 C  CA   . VAL B 1 37 ? 1.394   6.584   -2.852  1.00 0.23 ? 37 VAL B CA   1 
ATOM   1288 C  C    . VAL B 1 37 ? 1.864   6.517   -1.401  1.00 0.29 ? 37 VAL B C    1 
ATOM   1289 O  O    . VAL B 1 37 ? 2.474   7.430   -0.880  1.00 0.31 ? 37 VAL B O    1 
ATOM   1290 C  CB   . VAL B 1 37 ? -0.102  6.930   -2.893  1.00 0.27 ? 37 VAL B CB   1 
ATOM   1291 C  CG1  . VAL B 1 37 ? -0.393  8.162   -2.011  1.00 0.37 ? 37 VAL B CG1  1 
ATOM   1292 C  CG2  . VAL B 1 37 ? -0.506  7.218   -4.343  1.00 0.31 ? 37 VAL B CG2  1 
ATOM   1293 H  H    . VAL B 1 37 ? 0.824   4.709   -3.743  1.00 0.20 ? 37 VAL B H    1 
ATOM   1294 H  HA   . VAL B 1 37 ? 1.959   7.333   -3.388  1.00 0.22 ? 37 VAL B HA   1 
ATOM   1295 H  HB   . VAL B 1 37 ? -0.670  6.085   -2.527  1.00 0.30 ? 37 VAL B HB   1 
ATOM   1296 H  HG11 . VAL B 1 37 ? 0.472   8.803   -1.983  1.00 1.06 ? 37 VAL B HG11 1 
ATOM   1297 H  HG12 . VAL B 1 37 ? -1.234  8.713   -2.410  1.00 1.03 ? 37 VAL B HG12 1 
ATOM   1298 H  HG13 . VAL B 1 37 ? -0.627  7.837   -1.007  1.00 1.14 ? 37 VAL B HG13 1 
ATOM   1299 H  HG21 . VAL B 1 37 ? -0.298  6.352   -4.954  1.00 1.04 ? 37 VAL B HG21 1 
ATOM   1300 H  HG22 . VAL B 1 37 ? -1.561  7.442   -4.383  1.00 1.10 ? 37 VAL B HG22 1 
ATOM   1301 H  HG23 . VAL B 1 37 ? 0.056   8.064   -4.712  1.00 0.97 ? 37 VAL B HG23 1 
ATOM   1302 N  N    . ALA B 1 38 ? 1.570   5.429   -0.753  1.00 0.35 ? 38 ALA B N    1 
ATOM   1303 C  CA   . ALA B 1 38 ? 1.971   5.249   0.666   1.00 0.44 ? 38 ALA B CA   1 
ATOM   1304 C  C    . ALA B 1 38 ? 3.491   5.270   0.810   1.00 0.45 ? 38 ALA B C    1 
ATOM   1305 O  O    . ALA B 1 38 ? 4.012   5.434   1.893   1.00 0.51 ? 38 ALA B O    1 
ATOM   1306 C  CB   . ALA B 1 38 ? 1.454   3.912   1.148   1.00 0.52 ? 38 ALA B CB   1 
ATOM   1307 H  H    . ALA B 1 38 ? 1.075   4.717   -1.209  1.00 0.34 ? 38 ALA B H    1 
ATOM   1308 H  HA   . ALA B 1 38 ? 1.536   6.032   1.269   1.00 0.45 ? 38 ALA B HA   1 
ATOM   1309 H  HB1  . ALA B 1 38 ? 1.747   3.145   0.454   1.00 1.21 ? 38 ALA B HB1  1 
ATOM   1310 H  HB2  . ALA B 1 38 ? 1.868   3.699   2.122   1.00 1.13 ? 38 ALA B HB2  1 
ATOM   1311 H  HB3  . ALA B 1 38 ? 0.382   3.954   1.204   1.00 1.09 ? 38 ALA B HB3  1 
ATOM   1312 N  N    . SER B 1 39 ? 4.215   5.091   -0.263  1.00 0.43 ? 39 SER B N    1 
ATOM   1313 C  CA   . SER B 1 39 ? 5.706   5.097   -0.160  1.00 0.50 ? 39 SER B CA   1 
ATOM   1314 C  C    . SER B 1 39 ? 6.206   6.499   -0.491  1.00 0.47 ? 39 SER B C    1 
ATOM   1315 O  O    . SER B 1 39 ? 7.124   7.003   0.124   1.00 0.55 ? 39 SER B O    1 
ATOM   1316 C  CB   . SER B 1 39 ? 6.290   4.087   -1.147  1.00 0.57 ? 39 SER B CB   1 
ATOM   1317 O  OG   . SER B 1 39 ? 5.937   2.774   -0.730  1.00 0.65 ? 39 SER B OG   1 
ATOM   1318 H  H    . SER B 1 39 ? 3.783   4.950   -1.131  1.00 0.40 ? 39 SER B H    1 
ATOM   1319 H  HA   . SER B 1 39 ? 6.011   4.836   0.844   1.00 0.55 ? 39 SER B HA   1 
ATOM   1320 H  HB2  . SER B 1 39 ? 5.890   4.267   -2.131  1.00 0.53 ? 39 SER B HB2  1 
ATOM   1321 H  HB3  . SER B 1 39 ? 7.367   4.191   -1.171  1.00 0.66 ? 39 SER B HB3  1 
ATOM   1322 H  HG   . SER B 1 39 ? 6.002   2.192   -1.490  1.00 1.14 ? 39 SER B HG   1 
ATOM   1323 N  N    . CYS B 1 40 ? 5.583   7.148   -1.433  1.00 0.40 ? 40 CYS B N    1 
ATOM   1324 C  CA   . CYS B 1 40 ? 5.998   8.535   -1.768  1.00 0.41 ? 40 CYS B CA   1 
ATOM   1325 C  C    . CYS B 1 40 ? 5.828   9.387   -0.511  1.00 0.46 ? 40 CYS B C    1 
ATOM   1326 O  O    . CYS B 1 40 ? 4.809   9.333   0.143   1.00 0.49 ? 40 CYS B O    1 
ATOM   1327 C  CB   . CYS B 1 40 ? 5.111   9.076   -2.888  1.00 0.36 ? 40 CYS B CB   1 
ATOM   1328 S  SG   . CYS B 1 40 ? 5.820   10.609  -3.538  1.00 0.47 ? 40 CYS B SG   1 
ATOM   1329 H  H    . CYS B 1 40 ? 4.826   6.735   -1.897  1.00 0.38 ? 40 CYS B H    1 
ATOM   1330 H  HA   . CYS B 1 40 ? 7.032   8.544   -2.080  1.00 0.50 ? 40 CYS B HA   1 
ATOM   1331 H  HB2  . CYS B 1 40 ? 5.046   8.345   -3.680  1.00 0.37 ? 40 CYS B HB2  1 
ATOM   1332 H  HB3  . CYS B 1 40 ? 4.126   9.271   -2.498  1.00 0.38 ? 40 CYS B HB3  1 
ATOM   1333 N  N    . ASP B 1 41 ? 6.815   10.152  -0.146  1.00 0.56 ? 41 ASP B N    1 
ATOM   1334 C  CA   . ASP B 1 41 ? 6.691   10.972  1.094   1.00 0.66 ? 41 ASP B CA   1 
ATOM   1335 C  C    . ASP B 1 41 ? 5.824   12.210  0.848   1.00 0.61 ? 41 ASP B C    1 
ATOM   1336 O  O    . ASP B 1 41 ? 5.195   12.721  1.753   1.00 0.66 ? 41 ASP B O    1 
ATOM   1337 C  CB   . ASP B 1 41 ? 8.083   11.416  1.545   1.00 0.82 ? 41 ASP B CB   1 
ATOM   1338 C  CG   . ASP B 1 41 ? 8.863   10.206  2.064   1.00 0.92 ? 41 ASP B CG   1 
ATOM   1339 O  OD1  . ASP B 1 41 ? 8.233   9.206   2.367   1.00 1.54 ? 41 ASP B OD1  1 
ATOM   1340 O  OD2  . ASP B 1 41 ? 10.076  10.303  2.155   1.00 1.33 ? 41 ASP B OD2  1 
ATOM   1341 H  H    . ASP B 1 41 ? 7.641   10.174  -0.671  1.00 0.61 ? 41 ASP B H    1 
ATOM   1342 H  HA   . ASP B 1 41 ? 6.243   10.373  1.872   1.00 0.71 ? 41 ASP B HA   1 
ATOM   1343 H  HB2  . ASP B 1 41 ? 8.610   11.852  0.708   1.00 0.83 ? 41 ASP B HB2  1 
ATOM   1344 H  HB3  . ASP B 1 41 ? 7.990   12.147  2.333   1.00 0.90 ? 41 ASP B HB3  1 
ATOM   1345 N  N    . LYS B 1 42 ? 5.803   12.718  -0.352  1.00 0.56 ? 42 LYS B N    1 
ATOM   1346 C  CA   . LYS B 1 42 ? 4.995   13.943  -0.617  1.00 0.56 ? 42 LYS B CA   1 
ATOM   1347 C  C    . LYS B 1 42 ? 3.503   13.608  -0.708  1.00 0.53 ? 42 LYS B C    1 
ATOM   1348 O  O    . LYS B 1 42 ? 2.669   14.324  -0.192  1.00 0.59 ? 42 LYS B O    1 
ATOM   1349 C  CB   . LYS B 1 42 ? 5.459   14.580  -1.924  1.00 0.57 ? 42 LYS B CB   1 
ATOM   1350 C  CG   . LYS B 1 42 ? 6.937   14.947  -1.789  1.00 0.67 ? 42 LYS B CG   1 
ATOM   1351 C  CD   . LYS B 1 42 ? 7.438   15.593  -3.086  1.00 1.15 ? 42 LYS B CD   1 
ATOM   1352 C  CE   . LYS B 1 42 ? 8.952   15.883  -2.989  1.00 1.39 ? 42 LYS B CE   1 
ATOM   1353 N  NZ   . LYS B 1 42 ? 9.218   17.277  -3.440  1.00 2.09 ? 42 LYS B NZ   1 
ATOM   1354 H  H    . LYS B 1 42 ? 6.331   12.310  -1.069  1.00 0.57 ? 42 LYS B H    1 
ATOM   1355 H  HA   . LYS B 1 42 ? 5.147   14.646  0.189   1.00 0.64 ? 42 LYS B HA   1 
ATOM   1356 H  HB2  . LYS B 1 42 ? 5.331   13.876  -2.735  1.00 0.55 ? 42 LYS B HB2  1 
ATOM   1357 H  HB3  . LYS B 1 42 ? 4.883   15.470  -2.121  1.00 0.59 ? 42 LYS B HB3  1 
ATOM   1358 H  HG2  . LYS B 1 42 ? 7.060   15.639  -0.970  1.00 1.00 ? 42 LYS B HG2  1 
ATOM   1359 H  HG3  . LYS B 1 42 ? 7.510   14.053  -1.594  1.00 1.02 ? 42 LYS B HG3  1 
ATOM   1360 H  HD2  . LYS B 1 42 ? 7.242   14.929  -3.916  1.00 1.68 ? 42 LYS B HD2  1 
ATOM   1361 H  HD3  . LYS B 1 42 ? 6.909   16.523  -3.243  1.00 1.68 ? 42 LYS B HD3  1 
ATOM   1362 H  HE2  . LYS B 1 42 ? 9.293   15.772  -1.967  1.00 1.88 ? 42 LYS B HE2  1 
ATOM   1363 H  HE3  . LYS B 1 42 ? 9.497   15.195  -3.622  1.00 1.76 ? 42 LYS B HE3  1 
ATOM   1364 H  HZ1  . LYS B 1 42 ? 8.324   17.805  -3.482  1.00 2.59 ? 42 LYS B HZ1  1 
ATOM   1365 H  HZ2  . LYS B 1 42 ? 9.861   17.741  -2.767  1.00 2.49 ? 42 LYS B HZ2  1 
ATOM   1366 H  HZ3  . LYS B 1 42 ? 9.657   17.258  -4.383  1.00 2.53 ? 42 LYS B HZ3  1 
ATOM   1367 N  N    . CYS B 1 43 ? 3.152   12.534  -1.361  1.00 0.48 ? 43 CYS B N    1 
ATOM   1368 C  CA   . CYS B 1 43 ? 1.707   12.182  -1.477  1.00 0.53 ? 43 CYS B CA   1 
ATOM   1369 C  C    . CYS B 1 43 ? 1.236   11.505  -0.184  1.00 0.62 ? 43 CYS B C    1 
ATOM   1370 O  O    . CYS B 1 43 ? 0.056   11.303  0.025   1.00 0.72 ? 43 CYS B O    1 
ATOM   1371 C  CB   . CYS B 1 43 ? 1.494   11.252  -2.672  1.00 0.50 ? 43 CYS B CB   1 
ATOM   1372 S  SG   . CYS B 1 43 ? 1.967   12.113  -4.194  1.00 0.51 ? 43 CYS B SG   1 
ATOM   1373 H  H    . CYS B 1 43 ? 3.832   11.965  -1.778  1.00 0.46 ? 43 CYS B H    1 
ATOM   1374 H  HA   . CYS B 1 43 ? 1.133   13.085  -1.628  1.00 0.58 ? 43 CYS B HA   1 
ATOM   1375 H  HB2  . CYS B 1 43 ? 2.094   10.367  -2.556  1.00 0.47 ? 43 CYS B HB2  1 
ATOM   1376 H  HB3  . CYS B 1 43 ? 0.450   10.979  -2.729  1.00 0.55 ? 43 CYS B HB3  1 
ATOM   1377 N  N    . GLN B 1 44 ? 2.147   11.162  0.691   1.00 0.70 ? 44 GLN B N    1 
ATOM   1378 C  CA   . GLN B 1 44 ? 1.740   10.511  1.972   1.00 0.83 ? 44 GLN B CA   1 
ATOM   1379 C  C    . GLN B 1 44 ? 1.106   11.564  2.877   1.00 0.70 ? 44 GLN B C    1 
ATOM   1380 O  O    . GLN B 1 44 ? -0.071  11.519  3.176   1.00 0.74 ? 44 GLN B O    1 
ATOM   1381 C  CB   . GLN B 1 44 ? 2.985   9.938   2.672   1.00 1.02 ? 44 GLN B CB   1 
ATOM   1382 C  CG   . GLN B 1 44 ? 2.616   9.281   4.037   1.00 1.17 ? 44 GLN B CG   1 
ATOM   1383 C  CD   . GLN B 1 44 ? 2.680   7.754   3.929   1.00 0.49 ? 44 GLN B CD   1 
ATOM   1384 O  OE1  . GLN B 1 44 ? 3.591   7.216   3.337   1.00 0.75 ? 44 GLN B OE1  1 
ATOM   1385 N  NE2  . GLN B 1 44 ? 1.746   7.032   4.485   1.00 0.71 ? 44 GLN B NE2  1 
ATOM   1386 H  H    . GLN B 1 44 ? 3.093   11.340  0.510   1.00 0.73 ? 44 GLN B H    1 
ATOM   1387 H  HA   . GLN B 1 44 ? 1.034   9.721   1.777   1.00 0.95 ? 44 GLN B HA   1 
ATOM   1388 H  HB2  . GLN B 1 44 ? 3.445   9.206   2.024   1.00 1.15 ? 44 GLN B HB2  1 
ATOM   1389 H  HB3  . GLN B 1 44 ? 3.687   10.743  2.842   1.00 0.99 ? 44 GLN B HB3  1 
ATOM   1390 H  HG2  . GLN B 1 44 ? 3.315   9.606   4.794   1.00 1.62 ? 44 GLN B HG2  1 
ATOM   1391 H  HG3  . GLN B 1 44 ? 1.618   9.565   4.337   1.00 1.72 ? 44 GLN B HG3  1 
ATOM   1392 H  HE21 . GLN B 1 44 ? 1.012   7.467   4.966   1.00 1.07 ? 44 GLN B HE21 1 
ATOM   1393 H  HE22 . GLN B 1 44 ? 1.778   6.054   4.420   1.00 0.98 ? 44 GLN B HE22 1 
ATOM   1394 N  N    . LEU B 1 45 ? 1.882   12.513  3.315   1.00 0.66 ? 45 LEU B N    1 
ATOM   1395 C  CA   . LEU B 1 45 ? 1.335   13.574  4.201   1.00 0.64 ? 45 LEU B CA   1 
ATOM   1396 C  C    . LEU B 1 45 ? 0.664   14.639  3.338   1.00 0.69 ? 45 LEU B C    1 
ATOM   1397 O  O    . LEU B 1 45 ? 1.098   14.925  2.239   1.00 0.76 ? 45 LEU B O    1 
ATOM   1398 C  CB   . LEU B 1 45 ? 2.475   14.219  4.997   1.00 0.77 ? 45 LEU B CB   1 
ATOM   1399 C  CG   . LEU B 1 45 ? 3.230   13.157  5.818   1.00 0.85 ? 45 LEU B CG   1 
ATOM   1400 C  CD1  . LEU B 1 45 ? 4.388   13.823  6.611   1.00 1.07 ? 45 LEU B CD1  1 
ATOM   1401 C  CD2  . LEU B 1 45 ? 2.252   12.457  6.787   1.00 0.79 ? 45 LEU B CD2  1 
ATOM   1402 H  H    . LEU B 1 45 ? 2.828   12.526  3.060   1.00 0.72 ? 45 LEU B H    1 
ATOM   1403 H  HA   . LEU B 1 45 ? 0.610   13.149  4.880   1.00 0.64 ? 45 LEU B HA   1 
ATOM   1404 H  HB2  . LEU B 1 45 ? 3.162   14.693  4.312   1.00 0.85 ? 45 LEU B HB2  1 
ATOM   1405 H  HB3  . LEU B 1 45 ? 2.068   14.962  5.666   1.00 0.82 ? 45 LEU B HB3  1 
ATOM   1406 H  HG   . LEU B 1 45 ? 3.641   12.421  5.138   1.00 0.89 ? 45 LEU B HG   1 
ATOM   1407 H  HD11 . LEU B 1 45 ? 4.621   14.791  6.186   1.00 1.52 ? 45 LEU B HD11 1 
ATOM   1408 H  HD12 . LEU B 1 45 ? 4.107   13.951  7.648   1.00 1.46 ? 45 LEU B HD12 1 
ATOM   1409 H  HD13 . LEU B 1 45 ? 5.269   13.198  6.559   1.00 1.55 ? 45 LEU B HD13 1 
ATOM   1410 H  HD21 . LEU B 1 45 ? 1.538   13.174  7.167   1.00 1.31 ? 45 LEU B HD21 1 
ATOM   1411 H  HD22 . LEU B 1 45 ? 1.728   11.670  6.265   1.00 1.35 ? 45 LEU B HD22 1 
ATOM   1412 H  HD23 . LEU B 1 45 ? 2.803   12.029  7.613   1.00 1.14 ? 45 LEU B HD23 1 
ATOM   1413 N  N    . LYS B 1 46 ? -0.386  15.237  3.825   1.00 0.80 ? 46 LYS B N    1 
ATOM   1414 C  CA   . LYS B 1 46 ? -1.074  16.292  3.032   1.00 0.97 ? 46 LYS B CA   1 
ATOM   1415 C  C    . LYS B 1 46 ? -0.244  17.578  3.086   1.00 1.10 ? 46 LYS B C    1 
ATOM   1416 O  O    . LYS B 1 46 ? -0.471  18.440  3.911   1.00 1.60 ? 46 LYS B O    1 
ATOM   1417 C  CB   . LYS B 1 46 ? -2.470  16.547  3.626   1.00 1.19 ? 46 LYS B CB   1 
ATOM   1418 C  CG   . LYS B 1 46 ? -3.479  15.539  3.066   1.00 1.72 ? 46 LYS B CG   1 
ATOM   1419 C  CD   . LYS B 1 46 ? -4.855  15.803  3.685   1.00 2.16 ? 46 LYS B CD   1 
ATOM   1420 C  CE   . LYS B 1 46 ? -5.935  15.086  2.870   1.00 2.88 ? 46 LYS B CE   1 
ATOM   1421 N  NZ   . LYS B 1 46 ? -5.411  13.779  2.386   1.00 3.58 ? 46 LYS B NZ   1 
ATOM   1422 H  H    . LYS B 1 46 ? -0.717  14.996  4.716   1.00 0.86 ? 46 LYS B H    1 
ATOM   1423 H  HA   . LYS B 1 46 ? -1.168  15.968  2.006   1.00 0.99 ? 46 LYS B HA   1 
ATOM   1424 H  HB2  . LYS B 1 46 ? -2.423  16.442  4.701   1.00 1.59 ? 46 LYS B HB2  1 
ATOM   1425 H  HB3  . LYS B 1 46 ? -2.795  17.548  3.380   1.00 1.41 ? 46 LYS B HB3  1 
ATOM   1426 H  HG2  . LYS B 1 46 ? -3.540  15.649  1.992   1.00 2.14 ? 46 LYS B HG2  1 
ATOM   1427 H  HG3  . LYS B 1 46 ? -3.163  14.535  3.308   1.00 2.22 ? 46 LYS B HG3  1 
ATOM   1428 H  HD2  . LYS B 1 46 ? -4.866  15.434  4.701   1.00 2.49 ? 46 LYS B HD2  1 
ATOM   1429 H  HD3  . LYS B 1 46 ? -5.052  16.865  3.686   1.00 2.43 ? 46 LYS B HD3  1 
ATOM   1430 H  HE2  . LYS B 1 46 ? -6.803  14.917  3.491   1.00 3.17 ? 46 LYS B HE2  1 
ATOM   1431 H  HE3  . LYS B 1 46 ? -6.213  15.698  2.024   1.00 3.27 ? 46 LYS B HE3  1 
ATOM   1432 H  HZ1  . LYS B 1 46 ? -4.689  13.428  3.046   1.00 3.97 ? 46 LYS B HZ1  1 
ATOM   1433 H  HZ2  . LYS B 1 46 ? -6.189  13.092  2.329   1.00 4.02 ? 46 LYS B HZ2  1 
ATOM   1434 H  HZ3  . LYS B 1 46 ? -4.988  13.903  1.443   1.00 3.78 ? 46 LYS B HZ3  1 
HETATM 1435 CD CD   . CD  C 2 .  ? -3.465  0.113   12.582  1.00 0.41 ? 56 CD  A CD   1 
HETATM 1436 CD CD   . CD  D 2 .  ? 4.095   11.172  -5.378  1.00 0.39 ? 56 CD  B CD   1 
# 
